data_5IIW
# 
_entry.id   5IIW 
# 
_audit_conform.dict_name       mmcif_pdbx.dic 
_audit_conform.dict_version    5.387 
_audit_conform.dict_location   http://mmcif.pdb.org/dictionaries/ascii/mmcif_pdbx.dic 
# 
loop_
_database_2.database_id 
_database_2.database_code 
_database_2.pdbx_database_accession 
_database_2.pdbx_DOI 
PDB   5IIW         pdb_00005iiw 10.2210/pdb5iiw/pdb 
WWPDB D_1000218903 ?            ?                   
# 
loop_
_pdbx_audit_revision_history.ordinal 
_pdbx_audit_revision_history.data_content_type 
_pdbx_audit_revision_history.major_revision 
_pdbx_audit_revision_history.minor_revision 
_pdbx_audit_revision_history.revision_date 
1 'Structure model' 1 0 2017-06-28 
2 'Structure model' 1 1 2017-09-20 
3 'Structure model' 1 2 2017-11-01 
4 'Structure model' 1 3 2019-01-09 
5 'Structure model' 1 4 2019-12-04 
6 'Structure model' 1 5 2024-03-06 
# 
_pdbx_audit_revision_details.ordinal             1 
_pdbx_audit_revision_details.revision_ordinal    1 
_pdbx_audit_revision_details.data_content_type   'Structure model' 
_pdbx_audit_revision_details.provider            repository 
_pdbx_audit_revision_details.type                'Initial release' 
_pdbx_audit_revision_details.description         ? 
_pdbx_audit_revision_details.details             ? 
# 
loop_
_pdbx_audit_revision_group.ordinal 
_pdbx_audit_revision_group.revision_ordinal 
_pdbx_audit_revision_group.data_content_type 
_pdbx_audit_revision_group.group 
1 2 'Structure model' 'Author supporting evidence' 
2 3 'Structure model' 'Author supporting evidence' 
3 4 'Structure model' 'Data collection'            
4 4 'Structure model' 'Database references'        
5 5 'Structure model' 'Author supporting evidence' 
6 6 'Structure model' 'Data collection'            
7 6 'Structure model' 'Database references'        
# 
loop_
_pdbx_audit_revision_category.ordinal 
_pdbx_audit_revision_category.revision_ordinal 
_pdbx_audit_revision_category.data_content_type 
_pdbx_audit_revision_category.category 
1 2 'Structure model' pdbx_audit_support                 
2 3 'Structure model' pdbx_struct_assembly_auth_evidence 
3 4 'Structure model' citation                           
4 4 'Structure model' citation_author                    
5 5 'Structure model' pdbx_audit_support                 
6 6 'Structure model' chem_comp_atom                     
7 6 'Structure model' chem_comp_bond                     
8 6 'Structure model' database_2                         
# 
loop_
_pdbx_audit_revision_item.ordinal 
_pdbx_audit_revision_item.revision_ordinal 
_pdbx_audit_revision_item.data_content_type 
_pdbx_audit_revision_item.item 
1  2 'Structure model' '_pdbx_audit_support.funding_organization' 
2  4 'Structure model' '_citation.country'                        
3  4 'Structure model' '_citation.journal_abbrev'                 
4  4 'Structure model' '_citation.journal_id_ASTM'                
5  4 'Structure model' '_citation.journal_id_CSD'                 
6  4 'Structure model' '_citation.journal_id_ISSN'                
7  4 'Structure model' '_citation.journal_volume'                 
8  4 'Structure model' '_citation.page_first'                     
9  4 'Structure model' '_citation.page_last'                      
10 4 'Structure model' '_citation.pdbx_database_id_DOI'           
11 4 'Structure model' '_citation.pdbx_database_id_PubMed'        
12 4 'Structure model' '_citation.title'                          
13 4 'Structure model' '_citation.year'                           
14 5 'Structure model' '_pdbx_audit_support.funding_organization' 
15 6 'Structure model' '_database_2.pdbx_DOI'                     
16 6 'Structure model' '_database_2.pdbx_database_accession'      
# 
_pdbx_database_status.status_code                     REL 
_pdbx_database_status.status_code_sf                  REL 
_pdbx_database_status.status_code_mr                  ? 
_pdbx_database_status.entry_id                        5IIW 
_pdbx_database_status.recvd_initial_deposition_date   2016-03-01 
_pdbx_database_status.SG_entry                        N 
_pdbx_database_status.deposit_site                    RCSB 
_pdbx_database_status.process_site                    RCSB 
_pdbx_database_status.status_code_cs                  ? 
_pdbx_database_status.methods_development_category    ? 
_pdbx_database_status.pdb_format_compatible           Y 
_pdbx_database_status.status_code_nmr_data            ? 
# 
_pdbx_database_related.db_name        PDB 
_pdbx_database_related.details        '5DLI contains the same peptide with potassium iodide soaked in for SIRAS phasing.' 
_pdbx_database_related.db_id          5DLI 
_pdbx_database_related.content_type   unspecified 
# 
loop_
_audit_author.name 
_audit_author.pdbx_ordinal 
'Sangwan, S.'   1 
'Zhao, A.'      2 
'Sawaya, M.R.'  3 
'Eisenberg, D.' 4 
# 
_citation.abstract                  ? 
_citation.abstract_id_CAS           ? 
_citation.book_id_ISBN              ? 
_citation.book_publisher            ? 
_citation.book_publisher_city       ? 
_citation.book_title                ? 
_citation.coordinate_linkage        ? 
_citation.country                   US 
_citation.database_id_Medline       ? 
_citation.details                   ? 
_citation.id                        primary 
_citation.journal_abbrev            'Proc. Natl. Acad. Sci. U.S.A.' 
_citation.journal_id_ASTM           PNASA6 
_citation.journal_id_CSD            0040 
_citation.journal_id_ISSN           1091-6490 
_citation.journal_full              ? 
_citation.journal_issue             ? 
_citation.journal_volume            114 
_citation.language                  ? 
_citation.page_first                8770 
_citation.page_last                 8775 
_citation.title                     
'Atomic structure of a toxic, oligomeric segment of SOD1 linked to amyotrophic lateral sclerosis (ALS).' 
_citation.year                      2017 
_citation.database_id_CSD           ? 
_citation.pdbx_database_id_DOI      10.1073/pnas.1705091114 
_citation.pdbx_database_id_PubMed   28760994 
_citation.unpublished_flag          ? 
# 
loop_
_citation_author.citation_id 
_citation_author.name 
_citation_author.ordinal 
_citation_author.identifier_ORCID 
primary 'Sangwan, S.'     1  ? 
primary 'Zhao, A.'        2  ? 
primary 'Adams, K.L.'     3  ? 
primary 'Jayson, C.K.'    4  ? 
primary 'Sawaya, M.R.'    5  ? 
primary 'Guenther, E.L.'  6  ? 
primary 'Pan, A.C.'       7  ? 
primary 'Ngo, J.'         8  ? 
primary 'Moore, D.M.'     9  ? 
primary 'Soriaga, A.B.'   10 ? 
primary 'Do, T.D.'        11 ? 
primary 'Goldschmidt, L.' 12 ? 
primary 'Nelson, R.'      13 ? 
primary 'Bowers, M.T.'    14 ? 
primary 'Koehler, C.M.'   15 ? 
primary 'Shaw, D.E.'      16 ? 
primary 'Novitch, B.G.'   17 ? 
primary 'Eisenberg, D.S.' 18 ? 
# 
loop_
_entity.id 
_entity.type 
_entity.src_method 
_entity.pdbx_description 
_entity.formula_weight 
_entity.pdbx_number_of_molecules 
_entity.pdbx_ec 
_entity.pdbx_mutation 
_entity.pdbx_fragment 
_entity.details 
1 polymer syn 'Superoxide dismutase [Cu-Zn]' 1217.523 8  1.15.1.1 P29K 'UNP Residues 29-39' ? 
2 water   nat water                          18.015   34 ?        ?    ?                    ? 
# 
_entity_name_com.entity_id   1 
_entity_name_com.name        'Superoxide dismutase 1,hSod1' 
# 
_entity_poly.entity_id                      1 
_entity_poly.type                           'polypeptide(L)' 
_entity_poly.nstd_linkage                   no 
_entity_poly.nstd_monomer                   no 
_entity_poly.pdbx_seq_one_letter_code       KVKVWGSIKGL 
_entity_poly.pdbx_seq_one_letter_code_can   KVKVWGSIKGL 
_entity_poly.pdbx_strand_id                 A,B,C,D,E,F,G,H 
_entity_poly.pdbx_target_identifier         ? 
# 
_pdbx_entity_nonpoly.entity_id   2 
_pdbx_entity_nonpoly.name        water 
_pdbx_entity_nonpoly.comp_id     HOH 
# 
loop_
_entity_poly_seq.entity_id 
_entity_poly_seq.num 
_entity_poly_seq.mon_id 
_entity_poly_seq.hetero 
1 1  LYS n 
1 2  VAL n 
1 3  LYS n 
1 4  VAL n 
1 5  TRP n 
1 6  GLY n 
1 7  SER n 
1 8  ILE n 
1 9  LYS n 
1 10 GLY n 
1 11 LEU n 
# 
_pdbx_entity_src_syn.entity_id              1 
_pdbx_entity_src_syn.pdbx_src_id            1 
_pdbx_entity_src_syn.pdbx_alt_source_flag   sample 
_pdbx_entity_src_syn.pdbx_beg_seq_num       1 
_pdbx_entity_src_syn.pdbx_end_seq_num       11 
_pdbx_entity_src_syn.organism_scientific    'Homo sapiens' 
_pdbx_entity_src_syn.organism_common_name   Human 
_pdbx_entity_src_syn.ncbi_taxonomy_id       9606 
_pdbx_entity_src_syn.details                synthesized 
# 
loop_
_chem_comp.id 
_chem_comp.type 
_chem_comp.mon_nstd_flag 
_chem_comp.name 
_chem_comp.pdbx_synonyms 
_chem_comp.formula 
_chem_comp.formula_weight 
GLY 'peptide linking'   y GLYCINE    ? 'C2 H5 N O2'     75.067  
HOH non-polymer         . WATER      ? 'H2 O'           18.015  
ILE 'L-peptide linking' y ISOLEUCINE ? 'C6 H13 N O2'    131.173 
LEU 'L-peptide linking' y LEUCINE    ? 'C6 H13 N O2'    131.173 
LYS 'L-peptide linking' y LYSINE     ? 'C6 H15 N2 O2 1' 147.195 
PRO 'L-peptide linking' y PROLINE    ? 'C5 H9 N O2'     115.130 
SER 'L-peptide linking' y SERINE     ? 'C3 H7 N O3'     105.093 
TRP 'L-peptide linking' y TRYPTOPHAN ? 'C11 H12 N2 O2'  204.225 
VAL 'L-peptide linking' y VALINE     ? 'C5 H11 N O2'    117.146 
# 
loop_
_pdbx_poly_seq_scheme.asym_id 
_pdbx_poly_seq_scheme.entity_id 
_pdbx_poly_seq_scheme.seq_id 
_pdbx_poly_seq_scheme.mon_id 
_pdbx_poly_seq_scheme.ndb_seq_num 
_pdbx_poly_seq_scheme.pdb_seq_num 
_pdbx_poly_seq_scheme.auth_seq_num 
_pdbx_poly_seq_scheme.pdb_mon_id 
_pdbx_poly_seq_scheme.auth_mon_id 
_pdbx_poly_seq_scheme.pdb_strand_id 
_pdbx_poly_seq_scheme.pdb_ins_code 
_pdbx_poly_seq_scheme.hetero 
A 1 1  LYS 1  28 28 LYS LYS A . n 
A 1 2  VAL 2  29 29 VAL VAL A . n 
A 1 3  LYS 3  30 30 LYS LYS A . n 
A 1 4  VAL 4  31 31 VAL VAL A . n 
A 1 5  TRP 5  32 32 TRP TRP A . n 
A 1 6  GLY 6  33 33 GLY GLY A . n 
A 1 7  SER 7  34 34 SER SER A . n 
A 1 8  ILE 8  35 35 ILE ILE A . n 
A 1 9  LYS 9  36 36 LYS LYS A . n 
A 1 10 GLY 10 37 37 GLY GLY A . n 
A 1 11 LEU 11 38 38 LEU LEU A . n 
B 1 1  LYS 1  28 28 LYS LYS B . n 
B 1 2  VAL 2  29 29 VAL VAL B . n 
B 1 3  LYS 3  30 30 LYS LYS B . n 
B 1 4  VAL 4  31 31 VAL VAL B . n 
B 1 5  TRP 5  32 32 TRP TRP B . n 
B 1 6  GLY 6  33 33 GLY GLY B . n 
B 1 7  SER 7  34 34 SER SER B . n 
B 1 8  ILE 8  35 35 ILE ILE B . n 
B 1 9  LYS 9  36 36 LYS LYS B . n 
B 1 10 GLY 10 37 37 GLY GLY B . n 
B 1 11 LEU 11 38 38 LEU LEU B . n 
C 1 1  LYS 1  28 28 LYS LYS C . n 
C 1 2  VAL 2  29 29 VAL VAL C . n 
C 1 3  LYS 3  30 30 LYS LYS C . n 
C 1 4  VAL 4  31 31 VAL VAL C . n 
C 1 5  TRP 5  32 32 TRP TRP C . n 
C 1 6  GLY 6  33 33 GLY GLY C . n 
C 1 7  SER 7  34 34 SER SER C . n 
C 1 8  ILE 8  35 35 ILE ILE C . n 
C 1 9  LYS 9  36 36 LYS LYS C . n 
C 1 10 GLY 10 37 37 GLY GLY C . n 
C 1 11 LEU 11 38 38 LEU LEU C . n 
D 1 1  LYS 1  28 28 LYS LYS D . n 
D 1 2  VAL 2  29 29 VAL VAL D . n 
D 1 3  LYS 3  30 30 LYS LYS D . n 
D 1 4  VAL 4  31 31 VAL VAL D . n 
D 1 5  TRP 5  32 32 TRP TRP D . n 
D 1 6  GLY 6  33 33 GLY GLY D . n 
D 1 7  SER 7  34 34 SER SER D . n 
D 1 8  ILE 8  35 35 ILE ILE D . n 
D 1 9  LYS 9  36 36 LYS LYS D . n 
D 1 10 GLY 10 37 37 GLY GLY D . n 
D 1 11 LEU 11 38 38 LEU LEU D . n 
E 1 1  LYS 1  28 28 LYS LYS E . n 
E 1 2  VAL 2  29 29 VAL VAL E . n 
E 1 3  LYS 3  30 30 LYS LYS E . n 
E 1 4  VAL 4  31 31 VAL VAL E . n 
E 1 5  TRP 5  32 32 TRP TRP E . n 
E 1 6  GLY 6  33 33 GLY GLY E . n 
E 1 7  SER 7  34 34 SER SER E . n 
E 1 8  ILE 8  35 35 ILE ILE E . n 
E 1 9  LYS 9  36 36 LYS LYS E . n 
E 1 10 GLY 10 37 37 GLY GLY E . n 
E 1 11 LEU 11 38 38 LEU LEU E . n 
F 1 1  LYS 1  28 28 LYS LYS F . n 
F 1 2  VAL 2  29 29 VAL VAL F . n 
F 1 3  LYS 3  30 30 LYS LYS F . n 
F 1 4  VAL 4  31 31 VAL VAL F . n 
F 1 5  TRP 5  32 32 TRP TRP F . n 
F 1 6  GLY 6  33 33 GLY GLY F . n 
F 1 7  SER 7  34 34 SER SER F . n 
F 1 8  ILE 8  35 35 ILE ILE F . n 
F 1 9  LYS 9  36 36 LYS LYS F . n 
F 1 10 GLY 10 37 37 GLY GLY F . n 
F 1 11 LEU 11 38 38 LEU LEU F . n 
G 1 1  LYS 1  28 28 LYS LYS G . n 
G 1 2  VAL 2  29 29 VAL VAL G . n 
G 1 3  LYS 3  30 30 LYS LYS G . n 
G 1 4  VAL 4  31 31 VAL VAL G . n 
G 1 5  TRP 5  32 32 TRP TRP G . n 
G 1 6  GLY 6  33 33 GLY GLY G . n 
G 1 7  SER 7  34 34 SER SER G . n 
G 1 8  ILE 8  35 35 ILE ILE G . n 
G 1 9  LYS 9  36 36 LYS LYS G . n 
G 1 10 GLY 10 37 37 GLY GLY G . n 
G 1 11 LEU 11 38 38 LEU LEU G . n 
H 1 1  LYS 1  28 28 LYS LYS H . n 
H 1 2  VAL 2  29 29 VAL VAL H . n 
H 1 3  LYS 3  30 30 LYS LYS H . n 
H 1 4  VAL 4  31 31 VAL VAL H . n 
H 1 5  TRP 5  32 32 TRP TRP H . n 
H 1 6  GLY 6  33 33 GLY GLY H . n 
H 1 7  SER 7  34 34 SER SER H . n 
H 1 8  ILE 8  35 35 ILE ILE H . n 
H 1 9  LYS 9  36 36 LYS LYS H . n 
H 1 10 GLY 10 37 37 GLY GLY H . n 
H 1 11 LEU 11 38 38 LEU LEU H . n 
# 
loop_
_pdbx_nonpoly_scheme.asym_id 
_pdbx_nonpoly_scheme.entity_id 
_pdbx_nonpoly_scheme.mon_id 
_pdbx_nonpoly_scheme.ndb_seq_num 
_pdbx_nonpoly_scheme.pdb_seq_num 
_pdbx_nonpoly_scheme.auth_seq_num 
_pdbx_nonpoly_scheme.pdb_mon_id 
_pdbx_nonpoly_scheme.auth_mon_id 
_pdbx_nonpoly_scheme.pdb_strand_id 
_pdbx_nonpoly_scheme.pdb_ins_code 
I 2 HOH 1 101 5  HOH HOH A . 
I 2 HOH 2 102 23 HOH HOH A . 
I 2 HOH 3 103 24 HOH HOH A . 
I 2 HOH 4 104 15 HOH HOH A . 
J 2 HOH 1 101 4  HOH HOH B . 
J 2 HOH 2 102 27 HOH HOH B . 
K 2 HOH 1 101 6  HOH HOH C . 
K 2 HOH 2 102 33 HOH HOH C . 
K 2 HOH 3 103 16 HOH HOH C . 
K 2 HOH 4 104 11 HOH HOH C . 
K 2 HOH 5 105 31 HOH HOH C . 
K 2 HOH 6 106 22 HOH HOH C . 
K 2 HOH 7 107 26 HOH HOH C . 
L 2 HOH 1 101 13 HOH HOH D . 
L 2 HOH 2 102 32 HOH HOH D . 
L 2 HOH 3 103 1  HOH HOH D . 
L 2 HOH 4 104 10 HOH HOH D . 
M 2 HOH 1 101 8  HOH HOH E . 
M 2 HOH 2 102 28 HOH HOH E . 
M 2 HOH 3 103 19 HOH HOH E . 
M 2 HOH 4 104 29 HOH HOH E . 
N 2 HOH 1 101 12 HOH HOH F . 
N 2 HOH 2 102 25 HOH HOH F . 
N 2 HOH 3 103 35 HOH HOH F . 
N 2 HOH 4 104 3  HOH HOH F . 
O 2 HOH 1 101 2  HOH HOH G . 
O 2 HOH 2 102 30 HOH HOH G . 
O 2 HOH 3 103 17 HOH HOH G . 
O 2 HOH 4 104 34 HOH HOH G . 
P 2 HOH 1 101 7  HOH HOH H . 
P 2 HOH 2 102 14 HOH HOH H . 
P 2 HOH 3 103 9  HOH HOH H . 
P 2 HOH 4 104 21 HOH HOH H . 
P 2 HOH 5 105 18 HOH HOH H . 
# 
loop_
_software.citation_id 
_software.classification 
_software.compiler_name 
_software.compiler_version 
_software.contact_author 
_software.contact_author_email 
_software.date 
_software.description 
_software.dependencies 
_software.hardware 
_software.language 
_software.location 
_software.mods 
_software.name 
_software.os 
_software.os_version 
_software.type 
_software.version 
_software.pdbx_ordinal 
? 'data scaling'    ? ? ? ? ? ? ? ? ? ? ? XSCALE      ? ? ? .    1 
? phasing           ? ? ? ? ? ? ? ? ? ? ? SHELX       ? ? ? .    2 
? refinement        ? ? ? ? ? ? ? ? ? ? ? BUSTER-TNT  ? ? ? .    3 
? 'data extraction' ? ? ? ? ? ? ? ? ? ? ? PDB_EXTRACT ? ? ? 3.20 4 
? 'data reduction'  ? ? ? ? ? ? ? ? ? ? ? XDS         ? ? ? .    5 
# 
_cell.angle_alpha                  90.000 
_cell.angle_alpha_esd              ? 
_cell.angle_beta                   90.000 
_cell.angle_beta_esd               ? 
_cell.angle_gamma                  90.000 
_cell.angle_gamma_esd              ? 
_cell.entry_id                     5IIW 
_cell.details                      ? 
_cell.formula_units_Z              ? 
_cell.length_a                     30.890 
_cell.length_a_esd                 ? 
_cell.length_b                     43.230 
_cell.length_b_esd                 ? 
_cell.length_c                     70.970 
_cell.length_c_esd                 ? 
_cell.volume                       ? 
_cell.volume_esd                   ? 
_cell.Z_PDB                        32 
_cell.reciprocal_angle_alpha       ? 
_cell.reciprocal_angle_beta        ? 
_cell.reciprocal_angle_gamma       ? 
_cell.reciprocal_angle_alpha_esd   ? 
_cell.reciprocal_angle_beta_esd    ? 
_cell.reciprocal_angle_gamma_esd   ? 
_cell.reciprocal_length_a          ? 
_cell.reciprocal_length_b          ? 
_cell.reciprocal_length_c          ? 
_cell.reciprocal_length_a_esd      ? 
_cell.reciprocal_length_b_esd      ? 
_cell.reciprocal_length_c_esd      ? 
_cell.pdbx_unique_axis             ? 
# 
_symmetry.entry_id                         5IIW 
_symmetry.cell_setting                     ? 
_symmetry.Int_Tables_number                19 
_symmetry.space_group_name_Hall            ? 
_symmetry.space_group_name_H-M             'P 21 21 21' 
_symmetry.pdbx_full_space_group_name_H-M   ? 
# 
_exptl.absorpt_coefficient_mu     ? 
_exptl.absorpt_correction_T_max   ? 
_exptl.absorpt_correction_T_min   ? 
_exptl.absorpt_correction_type    ? 
_exptl.absorpt_process_details    ? 
_exptl.entry_id                   5IIW 
_exptl.crystals_number            1 
_exptl.details                    ? 
_exptl.method                     'X-RAY DIFFRACTION' 
_exptl.method_details             ? 
# 
_exptl_crystal.colour                      ? 
_exptl_crystal.density_diffrn              ? 
_exptl_crystal.density_Matthews            2.43 
_exptl_crystal.density_method              ? 
_exptl_crystal.density_percent_sol         49.43 
_exptl_crystal.description                 ? 
_exptl_crystal.F_000                       ? 
_exptl_crystal.id                          1 
_exptl_crystal.preparation                 ? 
_exptl_crystal.size_max                    ? 
_exptl_crystal.size_mid                    ? 
_exptl_crystal.size_min                    ? 
_exptl_crystal.size_rad                    ? 
_exptl_crystal.colour_lustre               ? 
_exptl_crystal.colour_modifier             ? 
_exptl_crystal.colour_primary              ? 
_exptl_crystal.density_meas                ? 
_exptl_crystal.density_meas_esd            ? 
_exptl_crystal.density_meas_gt             ? 
_exptl_crystal.density_meas_lt             ? 
_exptl_crystal.density_meas_temp           ? 
_exptl_crystal.density_meas_temp_esd       ? 
_exptl_crystal.density_meas_temp_gt        ? 
_exptl_crystal.density_meas_temp_lt        ? 
_exptl_crystal.pdbx_crystal_image_url      ? 
_exptl_crystal.pdbx_crystal_image_format   ? 
_exptl_crystal.pdbx_mosaicity              ? 
_exptl_crystal.pdbx_mosaicity_esd          ? 
# 
_exptl_crystal_grow.apparatus       ? 
_exptl_crystal_grow.atmosphere      ? 
_exptl_crystal_grow.crystal_id      1 
_exptl_crystal_grow.details         ? 
_exptl_crystal_grow.method          'VAPOR DIFFUSION, HANGING DROP' 
_exptl_crystal_grow.method_ref      ? 
_exptl_crystal_grow.pH              5 
_exptl_crystal_grow.pressure        ? 
_exptl_crystal_grow.pressure_esd    ? 
_exptl_crystal_grow.seeding         ? 
_exptl_crystal_grow.seeding_ref     ? 
_exptl_crystal_grow.temp            298 
_exptl_crystal_grow.temp_details    ? 
_exptl_crystal_grow.temp_esd        ? 
_exptl_crystal_grow.time            ? 
_exptl_crystal_grow.pdbx_details    'reservoir contained 13% PEG 6000, 0.2M Sodium Citrate' 
_exptl_crystal_grow.pdbx_pH_range   ? 
# 
_diffrn.ambient_environment    ? 
_diffrn.ambient_temp           100 
_diffrn.ambient_temp_details   ? 
_diffrn.ambient_temp_esd       ? 
_diffrn.crystal_id             1 
_diffrn.crystal_support        ? 
_diffrn.crystal_treatment      ? 
_diffrn.details                ? 
_diffrn.id                     1 
_diffrn.ambient_pressure       ? 
_diffrn.ambient_pressure_esd   ? 
_diffrn.ambient_pressure_gt    ? 
_diffrn.ambient_pressure_lt    ? 
_diffrn.ambient_temp_gt        ? 
_diffrn.ambient_temp_lt        ? 
# 
_diffrn_detector.details                      ? 
_diffrn_detector.detector                     CCD 
_diffrn_detector.diffrn_id                    1 
_diffrn_detector.type                         'ADSC QUANTUM 315' 
_diffrn_detector.area_resol_mean              ? 
_diffrn_detector.dtime                        ? 
_diffrn_detector.pdbx_frames_total            ? 
_diffrn_detector.pdbx_collection_time_total   ? 
_diffrn_detector.pdbx_collection_date         2012-12-09 
# 
_diffrn_radiation.collimation                      ? 
_diffrn_radiation.diffrn_id                        1 
_diffrn_radiation.filter_edge                      ? 
_diffrn_radiation.inhomogeneity                    ? 
_diffrn_radiation.monochromator                    ? 
_diffrn_radiation.polarisn_norm                    ? 
_diffrn_radiation.polarisn_ratio                   ? 
_diffrn_radiation.probe                            ? 
_diffrn_radiation.type                             ? 
_diffrn_radiation.xray_symbol                      ? 
_diffrn_radiation.wavelength_id                    1 
_diffrn_radiation.pdbx_monochromatic_or_laue_m_l   ? 
_diffrn_radiation.pdbx_wavelength_list             ? 
_diffrn_radiation.pdbx_wavelength                  ? 
_diffrn_radiation.pdbx_diffrn_protocol             'SINGLE WAVELENGTH' 
_diffrn_radiation.pdbx_analyzer                    ? 
_diffrn_radiation.pdbx_scattering_type             x-ray 
# 
_diffrn_radiation_wavelength.id           1 
_diffrn_radiation_wavelength.wavelength   0.9791 
_diffrn_radiation_wavelength.wt           1.0 
# 
_diffrn_source.current                     ? 
_diffrn_source.details                     ? 
_diffrn_source.diffrn_id                   1 
_diffrn_source.power                       ? 
_diffrn_source.size                        ? 
_diffrn_source.source                      SYNCHROTRON 
_diffrn_source.target                      ? 
_diffrn_source.type                        'APS BEAMLINE 24-ID-E' 
_diffrn_source.voltage                     ? 
_diffrn_source.take-off_angle              ? 
_diffrn_source.pdbx_wavelength_list        0.9791 
_diffrn_source.pdbx_wavelength             ? 
_diffrn_source.pdbx_synchrotron_beamline   24-ID-E 
_diffrn_source.pdbx_synchrotron_site       APS 
# 
_reflns.B_iso_Wilson_estimate            30.330 
_reflns.entry_id                         5IIW 
_reflns.data_reduction_details           ? 
_reflns.data_reduction_method            ? 
_reflns.d_resolution_high                2.000 
_reflns.d_resolution_low                 35.49 
_reflns.details                          ? 
_reflns.limit_h_max                      ? 
_reflns.limit_h_min                      ? 
_reflns.limit_k_max                      ? 
_reflns.limit_k_min                      ? 
_reflns.limit_l_max                      ? 
_reflns.limit_l_min                      ? 
_reflns.number_all                       ? 
_reflns.number_obs                       6691 
_reflns.observed_criterion               ? 
_reflns.observed_criterion_F_max         ? 
_reflns.observed_criterion_F_min         ? 
_reflns.observed_criterion_I_max         ? 
_reflns.observed_criterion_I_min         ? 
_reflns.observed_criterion_sigma_F       ? 
_reflns.observed_criterion_sigma_I       -3.000 
_reflns.percent_possible_obs             97.800 
_reflns.R_free_details                   ? 
_reflns.Rmerge_F_all                     ? 
_reflns.Rmerge_F_obs                     ? 
_reflns.Friedel_coverage                 ? 
_reflns.number_gt                        ? 
_reflns.threshold_expression             ? 
_reflns.pdbx_redundancy                  5.1 
_reflns.pdbx_Rmerge_I_obs                0.122 
_reflns.pdbx_Rmerge_I_all                ? 
_reflns.pdbx_Rsym_value                  ? 
_reflns.pdbx_netI_over_av_sigmaI         ? 
_reflns.pdbx_netI_over_sigmaI            9.340 
_reflns.pdbx_res_netI_over_av_sigmaI_2   ? 
_reflns.pdbx_res_netI_over_sigmaI_2      ? 
_reflns.pdbx_chi_squared                 ? 
_reflns.pdbx_scaling_rejects             ? 
_reflns.pdbx_d_res_high_opt              ? 
_reflns.pdbx_d_res_low_opt               ? 
_reflns.pdbx_d_res_opt_method            ? 
_reflns.phase_calculation_details        ? 
_reflns.pdbx_Rrim_I_all                  ? 
_reflns.pdbx_Rpim_I_all                  ? 
_reflns.pdbx_d_opt                       ? 
_reflns.pdbx_number_measured_all         ? 
_reflns.pdbx_diffrn_id                   1 
_reflns.pdbx_ordinal                     1 
_reflns.pdbx_CC_half                     0.992 
_reflns.pdbx_R_split                     ? 
# 
loop_
_reflns_shell.d_res_high 
_reflns_shell.d_res_low 
_reflns_shell.meanI_over_sigI_all 
_reflns_shell.meanI_over_sigI_obs 
_reflns_shell.number_measured_all 
_reflns_shell.number_measured_obs 
_reflns_shell.number_possible 
_reflns_shell.number_unique_all 
_reflns_shell.number_unique_obs 
_reflns_shell.percent_possible_all 
_reflns_shell.percent_possible_obs 
_reflns_shell.Rmerge_F_all 
_reflns_shell.Rmerge_F_obs 
_reflns_shell.Rmerge_I_all 
_reflns_shell.Rmerge_I_obs 
_reflns_shell.meanI_over_sigI_gt 
_reflns_shell.meanI_over_uI_all 
_reflns_shell.meanI_over_uI_gt 
_reflns_shell.number_measured_gt 
_reflns_shell.number_unique_gt 
_reflns_shell.percent_possible_gt 
_reflns_shell.Rmerge_F_gt 
_reflns_shell.Rmerge_I_gt 
_reflns_shell.pdbx_redundancy 
_reflns_shell.pdbx_Rsym_value 
_reflns_shell.pdbx_chi_squared 
_reflns_shell.pdbx_netI_over_sigmaI_all 
_reflns_shell.pdbx_netI_over_sigmaI_obs 
_reflns_shell.pdbx_Rrim_I_all 
_reflns_shell.pdbx_Rpim_I_all 
_reflns_shell.pdbx_rejects 
_reflns_shell.pdbx_ordinal 
_reflns_shell.pdbx_diffrn_id 
_reflns_shell.pdbx_CC_half 
_reflns_shell.pdbx_R_split 
2.000 2.150 ? 3.130  ? ? ? ? ? 97.700 ? ? ? ? 0.593 ? ? ? ? ? ? ? ? 5.23 ? ? ? ? ? ? ? 1 1 ? ? 
2.150 2.320 ? 4.480  ? ? ? ? ? 98.400 ? ? ? ? 0.398 ? ? ? ? ? ? ? ? ?    ? ? ? ? ? ? ? 2 1 ? ? 
2.320 2.540 ? 5.500  ? ? ? ? ? 97.100 ? ? ? ? 0.317 ? ? ? ? ? ? ? ? ?    ? ? ? ? ? ? ? 3 1 ? ? 
2.540 2.830 ? 8.800  ? ? ? ? ? 97.300 ? ? ? ? 0.204 ? ? ? ? ? ? ? ? ?    ? ? ? ? ? ? ? 4 1 ? ? 
2.830 3.260 ? 12.520 ? ? ? ? ? 96.600 ? ? ? ? 0.135 ? ? ? ? ? ? ? ? ?    ? ? ? ? ? ? ? 5 1 ? ? 
3.260 3.960 ? 17.690 ? ? ? ? ? 99.300 ? ? ? ? 0.088 ? ? ? ? ? ? ? ? ?    ? ? ? ? ? ? ? 6 1 ? ? 
3.960 5.470 ? 20.440 ? ? ? ? ? 99.300 ? ? ? ? 0.066 ? ? ? ? ? ? ? ? ?    ? ? ? ? ? ? ? 7 1 ? ? 
5.470 35.49 ? 16.660 ? ? ? ? ? 96.300 ? ? ? ? 0.050 ? ? ? ? ? ? ? ? ?    ? ? ? ? ? ? ? 8 1 ? ? 
# 
_refine.aniso_B[1][1]                            -1.7249 
_refine.aniso_B[1][2]                            0.0000 
_refine.aniso_B[1][3]                            0.0000 
_refine.aniso_B[2][2]                            5.8236 
_refine.aniso_B[2][3]                            0.0000 
_refine.aniso_B[3][3]                            -4.0986 
_refine.B_iso_max                                96.390 
_refine.B_iso_mean                               34.9000 
_refine.B_iso_min                                18.960 
_refine.correlation_coeff_Fo_to_Fc               0.9272 
_refine.correlation_coeff_Fo_to_Fc_free          0.9543 
_refine.details                                  ? 
_refine.diff_density_max                         ? 
_refine.diff_density_max_esd                     ? 
_refine.diff_density_min                         ? 
_refine.diff_density_min_esd                     ? 
_refine.diff_density_rms                         ? 
_refine.diff_density_rms_esd                     ? 
_refine.entry_id                                 5IIW 
_refine.pdbx_refine_id                           'X-RAY DIFFRACTION' 
_refine.ls_abs_structure_details                 ? 
_refine.ls_abs_structure_Flack                   ? 
_refine.ls_abs_structure_Flack_esd               ? 
_refine.ls_abs_structure_Rogers                  ? 
_refine.ls_abs_structure_Rogers_esd              ? 
_refine.ls_d_res_high                            2.0000 
_refine.ls_d_res_low                             35.4900 
_refine.ls_extinction_coef                       ? 
_refine.ls_extinction_coef_esd                   ? 
_refine.ls_extinction_expression                 ? 
_refine.ls_extinction_method                     ? 
_refine.ls_goodness_of_fit_all                   ? 
_refine.ls_goodness_of_fit_all_esd               ? 
_refine.ls_goodness_of_fit_obs                   ? 
_refine.ls_goodness_of_fit_obs_esd               ? 
_refine.ls_hydrogen_treatment                    ? 
_refine.ls_matrix_type                           ? 
_refine.ls_number_constraints                    ? 
_refine.ls_number_parameters                     ? 
_refine.ls_number_reflns_all                     ? 
_refine.ls_number_reflns_obs                     6690 
_refine.ls_number_reflns_R_free                  336 
_refine.ls_number_reflns_R_work                  ? 
_refine.ls_number_restraints                     ? 
_refine.ls_percent_reflns_obs                    97.7900 
_refine.ls_percent_reflns_R_free                 5.0200 
_refine.ls_R_factor_all                          ? 
_refine.ls_R_factor_obs                          0.2401 
_refine.ls_R_factor_R_free                       0.2524 
_refine.ls_R_factor_R_free_error                 ? 
_refine.ls_R_factor_R_free_error_details         ? 
_refine.ls_R_factor_R_work                       0.2394 
_refine.ls_R_Fsqd_factor_obs                     ? 
_refine.ls_R_I_factor_obs                        ? 
_refine.ls_redundancy_reflns_all                 ? 
_refine.ls_redundancy_reflns_obs                 ? 
_refine.ls_restrained_S_all                      ? 
_refine.ls_restrained_S_obs                      ? 
_refine.ls_shift_over_esd_max                    ? 
_refine.ls_shift_over_esd_mean                   ? 
_refine.ls_structure_factor_coef                 ? 
_refine.ls_weighting_details                     ? 
_refine.ls_weighting_scheme                      ? 
_refine.ls_wR_factor_all                         ? 
_refine.ls_wR_factor_obs                         ? 
_refine.ls_wR_factor_R_free                      ? 
_refine.ls_wR_factor_R_work                      ? 
_refine.occupancy_max                            ? 
_refine.occupancy_min                            ? 
_refine.solvent_model_details                    ? 
_refine.solvent_model_param_bsol                 ? 
_refine.solvent_model_param_ksol                 ? 
_refine.ls_R_factor_gt                           ? 
_refine.ls_goodness_of_fit_gt                    ? 
_refine.ls_goodness_of_fit_ref                   ? 
_refine.ls_shift_over_su_max                     ? 
_refine.ls_shift_over_su_max_lt                  ? 
_refine.ls_shift_over_su_mean                    ? 
_refine.ls_shift_over_su_mean_lt                 ? 
_refine.pdbx_ls_sigma_I                          ? 
_refine.pdbx_ls_sigma_F                          0.000 
_refine.pdbx_ls_sigma_Fsqd                       ? 
_refine.pdbx_data_cutoff_high_absF               ? 
_refine.pdbx_data_cutoff_high_rms_absF           ? 
_refine.pdbx_data_cutoff_low_absF                ? 
_refine.pdbx_isotropic_thermal_model             ? 
_refine.pdbx_ls_cross_valid_method               THROUGHOUT 
_refine.pdbx_method_to_determine_struct          SIRAS 
_refine.pdbx_starting_model                      ? 
_refine.pdbx_stereochemistry_target_values       ? 
_refine.pdbx_R_Free_selection_details            RANDOM 
_refine.pdbx_stereochem_target_val_spec_case     ? 
_refine.pdbx_overall_ESU_R                       ? 
_refine.pdbx_overall_ESU_R_Free                  ? 
_refine.pdbx_solvent_vdw_probe_radii             ? 
_refine.pdbx_solvent_ion_probe_radii             ? 
_refine.pdbx_solvent_shrinkage_radii             ? 
_refine.pdbx_real_space_R                        ? 
_refine.pdbx_density_correlation                 ? 
_refine.pdbx_pd_number_of_powder_patterns        ? 
_refine.pdbx_pd_number_of_points                 ? 
_refine.pdbx_pd_meas_number_of_points            ? 
_refine.pdbx_pd_proc_ls_prof_R_factor            ? 
_refine.pdbx_pd_proc_ls_prof_wR_factor           ? 
_refine.pdbx_pd_Marquardt_correlation_coeff      ? 
_refine.pdbx_pd_Fsqrd_R_factor                   ? 
_refine.pdbx_pd_ls_matrix_band_width             ? 
_refine.pdbx_overall_phase_error                 ? 
_refine.pdbx_overall_SU_R_free_Cruickshank_DPI   0.1670 
_refine.pdbx_overall_SU_R_free_Blow_DPI          0.1690 
_refine.pdbx_overall_SU_R_Blow_DPI               0.2190 
_refine.pdbx_TLS_residual_ADP_flag               ? 
_refine.pdbx_diffrn_id                           1 
_refine.overall_SU_B                             ? 
_refine.overall_SU_ML                            ? 
_refine.overall_SU_R_Cruickshank_DPI             0.2100 
_refine.overall_SU_R_free                        ? 
_refine.overall_FOM_free_R_set                   ? 
_refine.overall_FOM_work_R_set                   ? 
_refine.pdbx_average_fsc_overall                 ? 
_refine.pdbx_average_fsc_work                    ? 
_refine.pdbx_average_fsc_free                    ? 
# 
_refine_analyze.entry_id                        5IIW 
_refine_analyze.pdbx_refine_id                  'X-RAY DIFFRACTION' 
_refine_analyze.Luzzati_coordinate_error_free   ? 
_refine_analyze.Luzzati_coordinate_error_obs    0.256 
_refine_analyze.Luzzati_d_res_low_free          ? 
_refine_analyze.Luzzati_d_res_low_obs           ? 
_refine_analyze.Luzzati_sigma_a_free            ? 
_refine_analyze.Luzzati_sigma_a_free_details    ? 
_refine_analyze.Luzzati_sigma_a_obs             ? 
_refine_analyze.Luzzati_sigma_a_obs_details     ? 
_refine_analyze.number_disordered_residues      ? 
_refine_analyze.occupancy_sum_hydrogen          ? 
_refine_analyze.occupancy_sum_non_hydrogen      ? 
_refine_analyze.RG_d_res_high                   ? 
_refine_analyze.RG_d_res_low                    ? 
_refine_analyze.RG_free                         ? 
_refine_analyze.RG_work                         ? 
_refine_analyze.RG_free_work_ratio              ? 
_refine_analyze.pdbx_Luzzati_d_res_high_obs     ? 
# 
_refine_hist.cycle_id                         final 
_refine_hist.pdbx_refine_id                   'X-RAY DIFFRACTION' 
_refine_hist.d_res_high                       2.0000 
_refine_hist.d_res_low                        35.4900 
_refine_hist.pdbx_number_atoms_ligand         0 
_refine_hist.number_atoms_solvent             34 
_refine_hist.number_atoms_total               722 
_refine_hist.pdbx_number_residues_total       88 
_refine_hist.pdbx_B_iso_mean_solvent          46.35 
_refine_hist.pdbx_number_atoms_protein        688 
_refine_hist.pdbx_number_atoms_nucleic_acid   0 
# 
loop_
_refine_ls_restr.pdbx_refine_id 
_refine_ls_restr.criterion 
_refine_ls_restr.dev_ideal 
_refine_ls_restr.dev_ideal_target 
_refine_ls_restr.number 
_refine_ls_restr.rejects 
_refine_ls_restr.type 
_refine_ls_restr.weight 
_refine_ls_restr.pdbx_restraint_function 
'X-RAY DIFFRACTION' ? ?      ? 248 ? t_dihedral_angle_d        2.000  SINUSOIDAL   
'X-RAY DIFFRACTION' ? ?      ? 8   ? t_trig_c_planes           2.000  HARMONIC     
'X-RAY DIFFRACTION' ? ?      ? 88  ? t_gen_planes              5.000  HARMONIC     
'X-RAY DIFFRACTION' ? ?      ? 696 ? t_it                      20.000 HARMONIC     
'X-RAY DIFFRACTION' ? ?      ? ?   ? t_nbd                     ?      ?            
'X-RAY DIFFRACTION' ? ?      ? ?   ? t_improper_torsion        ?      ?            
'X-RAY DIFFRACTION' ? ?      ? ?   ? t_pseud_angle             ?      ?            
'X-RAY DIFFRACTION' ? ?      ? 80  ? t_chiral_improper_torsion 5.000  SEMIHARMONIC 
'X-RAY DIFFRACTION' ? ?      ? ?   ? t_sum_occupancies         ?      ?            
'X-RAY DIFFRACTION' ? ?      ? ?   ? t_utility_distance        ?      ?            
'X-RAY DIFFRACTION' ? ?      ? ?   ? t_utility_angle           ?      ?            
'X-RAY DIFFRACTION' ? ?      ? ?   ? t_utility_torsion         ?      ?            
'X-RAY DIFFRACTION' ? ?      ? 923 ? t_ideal_dist_contact      4.000  SEMIHARMONIC 
'X-RAY DIFFRACTION' ? 0.010  ? 696 ? t_bond_d                  2.000  HARMONIC     
'X-RAY DIFFRACTION' ? 0.910  ? 920 ? t_angle_deg               2.000  HARMONIC     
'X-RAY DIFFRACTION' ? 2.610  ? ?   ? t_omega_torsion           ?      ?            
'X-RAY DIFFRACTION' ? 15.230 ? ?   ? t_other_torsion           ?      ?            
# 
_refine_ls_shell.pdbx_refine_id                   'X-RAY DIFFRACTION' 
_refine_ls_shell.d_res_high                       2.0000 
_refine_ls_shell.d_res_low                        2.2400 
_refine_ls_shell.number_reflns_all                1862 
_refine_ls_shell.number_reflns_obs                ? 
_refine_ls_shell.number_reflns_R_free             93 
_refine_ls_shell.number_reflns_R_work             1769 
_refine_ls_shell.percent_reflns_obs               97.7900 
_refine_ls_shell.percent_reflns_R_free            4.9900 
_refine_ls_shell.R_factor_all                     0.2051 
_refine_ls_shell.R_factor_obs                     ? 
_refine_ls_shell.R_factor_R_free                  0.2214 
_refine_ls_shell.R_factor_R_free_error            ? 
_refine_ls_shell.R_factor_R_work                  0.2043 
_refine_ls_shell.redundancy_reflns_all            ? 
_refine_ls_shell.redundancy_reflns_obs            ? 
_refine_ls_shell.wR_factor_all                    ? 
_refine_ls_shell.wR_factor_obs                    ? 
_refine_ls_shell.wR_factor_R_free                 ? 
_refine_ls_shell.wR_factor_R_work                 ? 
_refine_ls_shell.pdbx_total_number_of_bins_used   5 
_refine_ls_shell.pdbx_phase_error                 ? 
_refine_ls_shell.pdbx_fsc_work                    ? 
_refine_ls_shell.pdbx_fsc_free                    ? 
# 
_struct.entry_id                     5IIW 
_struct.title                        'Corkscrew assembly of SOD1 residues 28-38 without potassium iodide' 
_struct.pdbx_model_details           'amyloid-related oligomer' 
_struct.pdbx_formula_weight          ? 
_struct.pdbx_formula_weight_method   ? 
_struct.pdbx_model_type_details      ? 
_struct.pdbx_CASP_flag               ? 
# 
_struct_keywords.entry_id        5IIW 
_struct_keywords.text            'amyloid-related oligomer, UNKNOWN FUNCTION' 
_struct_keywords.pdbx_keywords   'UNKNOWN FUNCTION' 
# 
loop_
_struct_asym.id 
_struct_asym.pdbx_blank_PDB_chainid_flag 
_struct_asym.pdbx_modified 
_struct_asym.entity_id 
_struct_asym.details 
A N N 1 ? 
B N N 1 ? 
C N N 1 ? 
D N N 1 ? 
E N N 1 ? 
F N N 1 ? 
G N N 1 ? 
H N N 1 ? 
I N N 2 ? 
J N N 2 ? 
K N N 2 ? 
L N N 2 ? 
M N N 2 ? 
N N N 2 ? 
O N N 2 ? 
P N N 2 ? 
# 
_struct_ref.id                         1 
_struct_ref.db_name                    UNP 
_struct_ref.db_code                    SODC_HUMAN 
_struct_ref.pdbx_db_accession          P00441 
_struct_ref.pdbx_db_isoform            ? 
_struct_ref.entity_id                  1 
_struct_ref.pdbx_seq_one_letter_code   PVKVWGSIKGL 
_struct_ref.pdbx_align_begin           29 
# 
loop_
_struct_ref_seq.align_id 
_struct_ref_seq.ref_id 
_struct_ref_seq.pdbx_PDB_id_code 
_struct_ref_seq.pdbx_strand_id 
_struct_ref_seq.seq_align_beg 
_struct_ref_seq.pdbx_seq_align_beg_ins_code 
_struct_ref_seq.seq_align_end 
_struct_ref_seq.pdbx_seq_align_end_ins_code 
_struct_ref_seq.pdbx_db_accession 
_struct_ref_seq.db_align_beg 
_struct_ref_seq.pdbx_db_align_beg_ins_code 
_struct_ref_seq.db_align_end 
_struct_ref_seq.pdbx_db_align_end_ins_code 
_struct_ref_seq.pdbx_auth_seq_align_beg 
_struct_ref_seq.pdbx_auth_seq_align_end 
1 1 5IIW A 1 ? 11 ? P00441 29 ? 39 ? 28 38 
2 1 5IIW B 1 ? 11 ? P00441 29 ? 39 ? 28 38 
3 1 5IIW C 1 ? 11 ? P00441 29 ? 39 ? 28 38 
4 1 5IIW D 1 ? 11 ? P00441 29 ? 39 ? 28 38 
5 1 5IIW E 1 ? 11 ? P00441 29 ? 39 ? 28 38 
6 1 5IIW F 1 ? 11 ? P00441 29 ? 39 ? 28 38 
7 1 5IIW G 1 ? 11 ? P00441 29 ? 39 ? 28 38 
8 1 5IIW H 1 ? 11 ? P00441 29 ? 39 ? 28 38 
# 
loop_
_struct_ref_seq_dif.align_id 
_struct_ref_seq_dif.pdbx_pdb_id_code 
_struct_ref_seq_dif.mon_id 
_struct_ref_seq_dif.pdbx_pdb_strand_id 
_struct_ref_seq_dif.seq_num 
_struct_ref_seq_dif.pdbx_pdb_ins_code 
_struct_ref_seq_dif.pdbx_seq_db_name 
_struct_ref_seq_dif.pdbx_seq_db_accession_code 
_struct_ref_seq_dif.db_mon_id 
_struct_ref_seq_dif.pdbx_seq_db_seq_num 
_struct_ref_seq_dif.details 
_struct_ref_seq_dif.pdbx_auth_seq_num 
_struct_ref_seq_dif.pdbx_ordinal 
1 5IIW LYS A 1 ? UNP P00441 PRO 29 'engineered mutation' 28 1 
2 5IIW LYS B 1 ? UNP P00441 PRO 29 'engineered mutation' 28 2 
3 5IIW LYS C 1 ? UNP P00441 PRO 29 'engineered mutation' 28 3 
4 5IIW LYS D 1 ? UNP P00441 PRO 29 'engineered mutation' 28 4 
5 5IIW LYS E 1 ? UNP P00441 PRO 29 'engineered mutation' 28 5 
6 5IIW LYS F 1 ? UNP P00441 PRO 29 'engineered mutation' 28 6 
7 5IIW LYS G 1 ? UNP P00441 PRO 29 'engineered mutation' 28 7 
8 5IIW LYS H 1 ? UNP P00441 PRO 29 'engineered mutation' 28 8 
# 
_pdbx_struct_assembly.id                   1 
_pdbx_struct_assembly.details              author_defined_assembly 
_pdbx_struct_assembly.method_details       ? 
_pdbx_struct_assembly.oligomeric_details   octameric 
_pdbx_struct_assembly.oligomeric_count     8 
# 
_pdbx_struct_assembly_gen.assembly_id       1 
_pdbx_struct_assembly_gen.oper_expression   1 
_pdbx_struct_assembly_gen.asym_id_list      A,B,C,D,E,F,G,H,I,J,K,L,M,N,O,P 
# 
_pdbx_struct_assembly_auth_evidence.id                     1 
_pdbx_struct_assembly_auth_evidence.assembly_id            1 
_pdbx_struct_assembly_auth_evidence.experimental_support   'gel filtration' 
_pdbx_struct_assembly_auth_evidence.details                ? 
# 
_pdbx_struct_oper_list.id                   1 
_pdbx_struct_oper_list.type                 'identity operation' 
_pdbx_struct_oper_list.name                 1_555 
_pdbx_struct_oper_list.symmetry_operation   x,y,z 
_pdbx_struct_oper_list.matrix[1][1]         1.0000000000 
_pdbx_struct_oper_list.matrix[1][2]         0.0000000000 
_pdbx_struct_oper_list.matrix[1][3]         0.0000000000 
_pdbx_struct_oper_list.vector[1]            0.0000000000 
_pdbx_struct_oper_list.matrix[2][1]         0.0000000000 
_pdbx_struct_oper_list.matrix[2][2]         1.0000000000 
_pdbx_struct_oper_list.matrix[2][3]         0.0000000000 
_pdbx_struct_oper_list.vector[2]            0.0000000000 
_pdbx_struct_oper_list.matrix[3][1]         0.0000000000 
_pdbx_struct_oper_list.matrix[3][2]         0.0000000000 
_pdbx_struct_oper_list.matrix[3][3]         1.0000000000 
_pdbx_struct_oper_list.vector[3]            0.0000000000 
# 
_struct_biol.id        1 
_struct_biol.details   
;Author states that the biological assembly is variable beta-sheet according to gel filtration. Asymmetric unit is one way of representing the variable biological assembly.
;
# 
_struct_sheet.id               AA1 
_struct_sheet.type             ? 
_struct_sheet.number_strands   8 
_struct_sheet.details          ? 
# 
loop_
_struct_sheet_order.sheet_id 
_struct_sheet_order.range_id_1 
_struct_sheet_order.range_id_2 
_struct_sheet_order.offset 
_struct_sheet_order.sense 
AA1 1 2 ? anti-parallel 
AA1 2 3 ? anti-parallel 
AA1 3 4 ? anti-parallel 
AA1 4 5 ? anti-parallel 
AA1 5 6 ? anti-parallel 
AA1 6 7 ? anti-parallel 
AA1 7 8 ? anti-parallel 
# 
loop_
_struct_sheet_range.sheet_id 
_struct_sheet_range.id 
_struct_sheet_range.beg_label_comp_id 
_struct_sheet_range.beg_label_asym_id 
_struct_sheet_range.beg_label_seq_id 
_struct_sheet_range.pdbx_beg_PDB_ins_code 
_struct_sheet_range.end_label_comp_id 
_struct_sheet_range.end_label_asym_id 
_struct_sheet_range.end_label_seq_id 
_struct_sheet_range.pdbx_end_PDB_ins_code 
_struct_sheet_range.beg_auth_comp_id 
_struct_sheet_range.beg_auth_asym_id 
_struct_sheet_range.beg_auth_seq_id 
_struct_sheet_range.end_auth_comp_id 
_struct_sheet_range.end_auth_asym_id 
_struct_sheet_range.end_auth_seq_id 
AA1 1 VAL A 2 ? GLY A 6 ? VAL A 29 GLY A 33 
AA1 2 VAL B 2 ? SER B 7 ? VAL B 29 SER B 34 
AA1 3 VAL C 2 ? ILE C 8 ? VAL C 29 ILE C 35 
AA1 4 VAL D 2 ? SER D 7 ? VAL D 29 SER D 34 
AA1 5 VAL E 2 ? ILE E 8 ? VAL E 29 ILE E 35 
AA1 6 VAL F 2 ? SER F 7 ? VAL F 29 SER F 34 
AA1 7 VAL G 2 ? SER G 7 ? VAL G 29 SER G 34 
AA1 8 VAL H 2 ? GLY H 6 ? VAL H 29 GLY H 33 
# 
loop_
_pdbx_struct_sheet_hbond.sheet_id 
_pdbx_struct_sheet_hbond.range_id_1 
_pdbx_struct_sheet_hbond.range_id_2 
_pdbx_struct_sheet_hbond.range_1_label_atom_id 
_pdbx_struct_sheet_hbond.range_1_label_comp_id 
_pdbx_struct_sheet_hbond.range_1_label_asym_id 
_pdbx_struct_sheet_hbond.range_1_label_seq_id 
_pdbx_struct_sheet_hbond.range_1_PDB_ins_code 
_pdbx_struct_sheet_hbond.range_1_auth_atom_id 
_pdbx_struct_sheet_hbond.range_1_auth_comp_id 
_pdbx_struct_sheet_hbond.range_1_auth_asym_id 
_pdbx_struct_sheet_hbond.range_1_auth_seq_id 
_pdbx_struct_sheet_hbond.range_2_label_atom_id 
_pdbx_struct_sheet_hbond.range_2_label_comp_id 
_pdbx_struct_sheet_hbond.range_2_label_asym_id 
_pdbx_struct_sheet_hbond.range_2_label_seq_id 
_pdbx_struct_sheet_hbond.range_2_PDB_ins_code 
_pdbx_struct_sheet_hbond.range_2_auth_atom_id 
_pdbx_struct_sheet_hbond.range_2_auth_comp_id 
_pdbx_struct_sheet_hbond.range_2_auth_asym_id 
_pdbx_struct_sheet_hbond.range_2_auth_seq_id 
AA1 1 2 N LYS A 3 ? N LYS A 30 O TRP B 5 ? O TRP B 32 
AA1 2 3 N VAL B 2 ? N VAL B 29 O ILE C 8 ? O ILE C 35 
AA1 3 4 N TRP C 5 ? N TRP C 32 O LYS D 3 ? O LYS D 30 
AA1 4 5 N GLY D 6 ? N GLY D 33 O VAL E 4 ? O VAL E 31 
AA1 5 6 N TRP E 5 ? N TRP E 32 O LYS F 3 ? O LYS F 30 
AA1 6 7 N VAL F 4 ? N VAL F 31 O GLY G 6 ? O GLY G 33 
AA1 7 8 N LYS G 3 ? N LYS G 30 O TRP H 5 ? O TRP H 32 
# 
_pdbx_refine_tls.pdbx_refine_id   'X-RAY DIFFRACTION' 
_pdbx_refine_tls.id               1 
_pdbx_refine_tls.details          ? 
_pdbx_refine_tls.method           refined 
_pdbx_refine_tls.origin_x         -0.1975 
_pdbx_refine_tls.origin_y         0.2199 
_pdbx_refine_tls.origin_z         0.3071 
_pdbx_refine_tls.T[1][1]          -0.0805 
_pdbx_refine_tls.T[2][2]          -0.0221 
_pdbx_refine_tls.T[3][3]          -0.0012 
_pdbx_refine_tls.T[1][2]          0.0805 
_pdbx_refine_tls.T[1][3]          -0.0736 
_pdbx_refine_tls.T[2][3]          0.0630 
_pdbx_refine_tls.L[1][1]          5.8479 
_pdbx_refine_tls.L[2][2]          0.7846 
_pdbx_refine_tls.L[3][3]          0.4830 
_pdbx_refine_tls.L[1][2]          -1.6365 
_pdbx_refine_tls.L[1][3]          1.4648 
_pdbx_refine_tls.L[2][3]          -0.1238 
_pdbx_refine_tls.S[1][1]          -0.0426 
_pdbx_refine_tls.S[2][2]          0.0381 
_pdbx_refine_tls.S[3][3]          0.0044 
_pdbx_refine_tls.S[1][2]          0.0414 
_pdbx_refine_tls.S[1][3]          0.0298 
_pdbx_refine_tls.S[2][3]          -0.0041 
_pdbx_refine_tls.S[2][1]          0.0092 
_pdbx_refine_tls.S[3][1]          -0.0186 
_pdbx_refine_tls.S[3][2]          -0.0516 
# 
loop_
_pdbx_refine_tls_group.pdbx_refine_id 
_pdbx_refine_tls_group.id 
_pdbx_refine_tls_group.refine_tls_id 
_pdbx_refine_tls_group.beg_auth_asym_id 
_pdbx_refine_tls_group.beg_auth_seq_id 
_pdbx_refine_tls_group.end_auth_asym_id 
_pdbx_refine_tls_group.end_auth_seq_id 
_pdbx_refine_tls_group.selection_details 
_pdbx_refine_tls_group.beg_label_asym_id 
_pdbx_refine_tls_group.beg_label_seq_id 
_pdbx_refine_tls_group.end_label_asym_id 
_pdbx_refine_tls_group.end_label_seq_id 
_pdbx_refine_tls_group.selection 
'X-RAY DIFFRACTION' 1 1 A 28 A 38 '{ *|* }' ? ? ? ? ? 
'X-RAY DIFFRACTION' 2 1 B 28 B 38 '{ *|* }' ? ? ? ? ? 
'X-RAY DIFFRACTION' 3 1 C 28 C 38 '{ *|* }' ? ? ? ? ? 
'X-RAY DIFFRACTION' 4 1 D 28 D 38 '{ *|* }' ? ? ? ? ? 
'X-RAY DIFFRACTION' 5 1 E 28 E 38 '{ *|* }' ? ? ? ? ? 
'X-RAY DIFFRACTION' 6 1 F 28 F 38 '{ *|* }' ? ? ? ? ? 
'X-RAY DIFFRACTION' 7 1 G 28 G 38 '{ *|* }' ? ? ? ? ? 
'X-RAY DIFFRACTION' 8 1 H 28 H 38 '{ *|* }' ? ? ? ? ? 
'X-RAY DIFFRACTION' 9 1 I 1  I 35 '{ *|* }' ? ? ? ? ? 
# 
_phasing.method   SIRAS 
# 
loop_
_pdbx_distant_solvent_atoms.id 
_pdbx_distant_solvent_atoms.PDB_model_num 
_pdbx_distant_solvent_atoms.auth_atom_id 
_pdbx_distant_solvent_atoms.label_alt_id 
_pdbx_distant_solvent_atoms.auth_asym_id 
_pdbx_distant_solvent_atoms.auth_comp_id 
_pdbx_distant_solvent_atoms.auth_seq_id 
_pdbx_distant_solvent_atoms.PDB_ins_code 
_pdbx_distant_solvent_atoms.neighbor_macromolecule_distance 
_pdbx_distant_solvent_atoms.neighbor_ligand_distance 
1 1 O ? A HOH 103 ? 13.47 . 
2 1 O ? A HOH 104 ? 14.05 . 
# 
loop_
_chem_comp_atom.comp_id 
_chem_comp_atom.atom_id 
_chem_comp_atom.type_symbol 
_chem_comp_atom.pdbx_aromatic_flag 
_chem_comp_atom.pdbx_stereo_config 
_chem_comp_atom.pdbx_ordinal 
GLY N    N N N 1   
GLY CA   C N N 2   
GLY C    C N N 3   
GLY O    O N N 4   
GLY OXT  O N N 5   
GLY H    H N N 6   
GLY H2   H N N 7   
GLY HA2  H N N 8   
GLY HA3  H N N 9   
GLY HXT  H N N 10  
HOH O    O N N 11  
HOH H1   H N N 12  
HOH H2   H N N 13  
ILE N    N N N 14  
ILE CA   C N S 15  
ILE C    C N N 16  
ILE O    O N N 17  
ILE CB   C N S 18  
ILE CG1  C N N 19  
ILE CG2  C N N 20  
ILE CD1  C N N 21  
ILE OXT  O N N 22  
ILE H    H N N 23  
ILE H2   H N N 24  
ILE HA   H N N 25  
ILE HB   H N N 26  
ILE HG12 H N N 27  
ILE HG13 H N N 28  
ILE HG21 H N N 29  
ILE HG22 H N N 30  
ILE HG23 H N N 31  
ILE HD11 H N N 32  
ILE HD12 H N N 33  
ILE HD13 H N N 34  
ILE HXT  H N N 35  
LEU N    N N N 36  
LEU CA   C N S 37  
LEU C    C N N 38  
LEU O    O N N 39  
LEU CB   C N N 40  
LEU CG   C N N 41  
LEU CD1  C N N 42  
LEU CD2  C N N 43  
LEU OXT  O N N 44  
LEU H    H N N 45  
LEU H2   H N N 46  
LEU HA   H N N 47  
LEU HB2  H N N 48  
LEU HB3  H N N 49  
LEU HG   H N N 50  
LEU HD11 H N N 51  
LEU HD12 H N N 52  
LEU HD13 H N N 53  
LEU HD21 H N N 54  
LEU HD22 H N N 55  
LEU HD23 H N N 56  
LEU HXT  H N N 57  
LYS N    N N N 58  
LYS CA   C N S 59  
LYS C    C N N 60  
LYS O    O N N 61  
LYS CB   C N N 62  
LYS CG   C N N 63  
LYS CD   C N N 64  
LYS CE   C N N 65  
LYS NZ   N N N 66  
LYS OXT  O N N 67  
LYS H    H N N 68  
LYS H2   H N N 69  
LYS HA   H N N 70  
LYS HB2  H N N 71  
LYS HB3  H N N 72  
LYS HG2  H N N 73  
LYS HG3  H N N 74  
LYS HD2  H N N 75  
LYS HD3  H N N 76  
LYS HE2  H N N 77  
LYS HE3  H N N 78  
LYS HZ1  H N N 79  
LYS HZ2  H N N 80  
LYS HZ3  H N N 81  
LYS HXT  H N N 82  
PRO N    N N N 83  
PRO CA   C N S 84  
PRO C    C N N 85  
PRO O    O N N 86  
PRO CB   C N N 87  
PRO CG   C N N 88  
PRO CD   C N N 89  
PRO OXT  O N N 90  
PRO H    H N N 91  
PRO HA   H N N 92  
PRO HB2  H N N 93  
PRO HB3  H N N 94  
PRO HG2  H N N 95  
PRO HG3  H N N 96  
PRO HD2  H N N 97  
PRO HD3  H N N 98  
PRO HXT  H N N 99  
SER N    N N N 100 
SER CA   C N S 101 
SER C    C N N 102 
SER O    O N N 103 
SER CB   C N N 104 
SER OG   O N N 105 
SER OXT  O N N 106 
SER H    H N N 107 
SER H2   H N N 108 
SER HA   H N N 109 
SER HB2  H N N 110 
SER HB3  H N N 111 
SER HG   H N N 112 
SER HXT  H N N 113 
TRP N    N N N 114 
TRP CA   C N S 115 
TRP C    C N N 116 
TRP O    O N N 117 
TRP CB   C N N 118 
TRP CG   C Y N 119 
TRP CD1  C Y N 120 
TRP CD2  C Y N 121 
TRP NE1  N Y N 122 
TRP CE2  C Y N 123 
TRP CE3  C Y N 124 
TRP CZ2  C Y N 125 
TRP CZ3  C Y N 126 
TRP CH2  C Y N 127 
TRP OXT  O N N 128 
TRP H    H N N 129 
TRP H2   H N N 130 
TRP HA   H N N 131 
TRP HB2  H N N 132 
TRP HB3  H N N 133 
TRP HD1  H N N 134 
TRP HE1  H N N 135 
TRP HE3  H N N 136 
TRP HZ2  H N N 137 
TRP HZ3  H N N 138 
TRP HH2  H N N 139 
TRP HXT  H N N 140 
VAL N    N N N 141 
VAL CA   C N S 142 
VAL C    C N N 143 
VAL O    O N N 144 
VAL CB   C N N 145 
VAL CG1  C N N 146 
VAL CG2  C N N 147 
VAL OXT  O N N 148 
VAL H    H N N 149 
VAL H2   H N N 150 
VAL HA   H N N 151 
VAL HB   H N N 152 
VAL HG11 H N N 153 
VAL HG12 H N N 154 
VAL HG13 H N N 155 
VAL HG21 H N N 156 
VAL HG22 H N N 157 
VAL HG23 H N N 158 
VAL HXT  H N N 159 
# 
loop_
_chem_comp_bond.comp_id 
_chem_comp_bond.atom_id_1 
_chem_comp_bond.atom_id_2 
_chem_comp_bond.value_order 
_chem_comp_bond.pdbx_aromatic_flag 
_chem_comp_bond.pdbx_stereo_config 
_chem_comp_bond.pdbx_ordinal 
GLY N   CA   sing N N 1   
GLY N   H    sing N N 2   
GLY N   H2   sing N N 3   
GLY CA  C    sing N N 4   
GLY CA  HA2  sing N N 5   
GLY CA  HA3  sing N N 6   
GLY C   O    doub N N 7   
GLY C   OXT  sing N N 8   
GLY OXT HXT  sing N N 9   
HOH O   H1   sing N N 10  
HOH O   H2   sing N N 11  
ILE N   CA   sing N N 12  
ILE N   H    sing N N 13  
ILE N   H2   sing N N 14  
ILE CA  C    sing N N 15  
ILE CA  CB   sing N N 16  
ILE CA  HA   sing N N 17  
ILE C   O    doub N N 18  
ILE C   OXT  sing N N 19  
ILE CB  CG1  sing N N 20  
ILE CB  CG2  sing N N 21  
ILE CB  HB   sing N N 22  
ILE CG1 CD1  sing N N 23  
ILE CG1 HG12 sing N N 24  
ILE CG1 HG13 sing N N 25  
ILE CG2 HG21 sing N N 26  
ILE CG2 HG22 sing N N 27  
ILE CG2 HG23 sing N N 28  
ILE CD1 HD11 sing N N 29  
ILE CD1 HD12 sing N N 30  
ILE CD1 HD13 sing N N 31  
ILE OXT HXT  sing N N 32  
LEU N   CA   sing N N 33  
LEU N   H    sing N N 34  
LEU N   H2   sing N N 35  
LEU CA  C    sing N N 36  
LEU CA  CB   sing N N 37  
LEU CA  HA   sing N N 38  
LEU C   O    doub N N 39  
LEU C   OXT  sing N N 40  
LEU CB  CG   sing N N 41  
LEU CB  HB2  sing N N 42  
LEU CB  HB3  sing N N 43  
LEU CG  CD1  sing N N 44  
LEU CG  CD2  sing N N 45  
LEU CG  HG   sing N N 46  
LEU CD1 HD11 sing N N 47  
LEU CD1 HD12 sing N N 48  
LEU CD1 HD13 sing N N 49  
LEU CD2 HD21 sing N N 50  
LEU CD2 HD22 sing N N 51  
LEU CD2 HD23 sing N N 52  
LEU OXT HXT  sing N N 53  
LYS N   CA   sing N N 54  
LYS N   H    sing N N 55  
LYS N   H2   sing N N 56  
LYS CA  C    sing N N 57  
LYS CA  CB   sing N N 58  
LYS CA  HA   sing N N 59  
LYS C   O    doub N N 60  
LYS C   OXT  sing N N 61  
LYS CB  CG   sing N N 62  
LYS CB  HB2  sing N N 63  
LYS CB  HB3  sing N N 64  
LYS CG  CD   sing N N 65  
LYS CG  HG2  sing N N 66  
LYS CG  HG3  sing N N 67  
LYS CD  CE   sing N N 68  
LYS CD  HD2  sing N N 69  
LYS CD  HD3  sing N N 70  
LYS CE  NZ   sing N N 71  
LYS CE  HE2  sing N N 72  
LYS CE  HE3  sing N N 73  
LYS NZ  HZ1  sing N N 74  
LYS NZ  HZ2  sing N N 75  
LYS NZ  HZ3  sing N N 76  
LYS OXT HXT  sing N N 77  
PRO N   CA   sing N N 78  
PRO N   CD   sing N N 79  
PRO N   H    sing N N 80  
PRO CA  C    sing N N 81  
PRO CA  CB   sing N N 82  
PRO CA  HA   sing N N 83  
PRO C   O    doub N N 84  
PRO C   OXT  sing N N 85  
PRO CB  CG   sing N N 86  
PRO CB  HB2  sing N N 87  
PRO CB  HB3  sing N N 88  
PRO CG  CD   sing N N 89  
PRO CG  HG2  sing N N 90  
PRO CG  HG3  sing N N 91  
PRO CD  HD2  sing N N 92  
PRO CD  HD3  sing N N 93  
PRO OXT HXT  sing N N 94  
SER N   CA   sing N N 95  
SER N   H    sing N N 96  
SER N   H2   sing N N 97  
SER CA  C    sing N N 98  
SER CA  CB   sing N N 99  
SER CA  HA   sing N N 100 
SER C   O    doub N N 101 
SER C   OXT  sing N N 102 
SER CB  OG   sing N N 103 
SER CB  HB2  sing N N 104 
SER CB  HB3  sing N N 105 
SER OG  HG   sing N N 106 
SER OXT HXT  sing N N 107 
TRP N   CA   sing N N 108 
TRP N   H    sing N N 109 
TRP N   H2   sing N N 110 
TRP CA  C    sing N N 111 
TRP CA  CB   sing N N 112 
TRP CA  HA   sing N N 113 
TRP C   O    doub N N 114 
TRP C   OXT  sing N N 115 
TRP CB  CG   sing N N 116 
TRP CB  HB2  sing N N 117 
TRP CB  HB3  sing N N 118 
TRP CG  CD1  doub Y N 119 
TRP CG  CD2  sing Y N 120 
TRP CD1 NE1  sing Y N 121 
TRP CD1 HD1  sing N N 122 
TRP CD2 CE2  doub Y N 123 
TRP CD2 CE3  sing Y N 124 
TRP NE1 CE2  sing Y N 125 
TRP NE1 HE1  sing N N 126 
TRP CE2 CZ2  sing Y N 127 
TRP CE3 CZ3  doub Y N 128 
TRP CE3 HE3  sing N N 129 
TRP CZ2 CH2  doub Y N 130 
TRP CZ2 HZ2  sing N N 131 
TRP CZ3 CH2  sing Y N 132 
TRP CZ3 HZ3  sing N N 133 
TRP CH2 HH2  sing N N 134 
TRP OXT HXT  sing N N 135 
VAL N   CA   sing N N 136 
VAL N   H    sing N N 137 
VAL N   H2   sing N N 138 
VAL CA  C    sing N N 139 
VAL CA  CB   sing N N 140 
VAL CA  HA   sing N N 141 
VAL C   O    doub N N 142 
VAL C   OXT  sing N N 143 
VAL CB  CG1  sing N N 144 
VAL CB  CG2  sing N N 145 
VAL CB  HB   sing N N 146 
VAL CG1 HG11 sing N N 147 
VAL CG1 HG12 sing N N 148 
VAL CG1 HG13 sing N N 149 
VAL CG2 HG21 sing N N 150 
VAL CG2 HG22 sing N N 151 
VAL CG2 HG23 sing N N 152 
VAL OXT HXT  sing N N 153 
# 
loop_
_pdbx_audit_support.funding_organization 
_pdbx_audit_support.country 
_pdbx_audit_support.grant_number 
_pdbx_audit_support.ordinal 
'National Institutes of Health/National Institute on Aging (NIH/NIA)' 'United States' AG029430 1 
'Department of Energy (DOE, United States)'                           'United States' ?        2 
# 
_atom_sites.entry_id                    5IIW 
_atom_sites.fract_transf_matrix[1][1]   0.01960833 
_atom_sites.fract_transf_matrix[1][2]   0.02264601 
_atom_sites.fract_transf_matrix[1][3]   -0.01227530 
_atom_sites.fract_transf_matrix[2][1]   0.00257734 
_atom_sites.fract_transf_matrix[2][2]   -0.01263965 
_atom_sites.fract_transf_matrix[2][3]   -0.01920120 
_atom_sites.fract_transf_matrix[3][1]   -0.01110086 
_atom_sites.fract_transf_matrix[3][2]   0.00648881 
_atom_sites.fract_transf_matrix[3][3]   -0.00576146 
_atom_sites.fract_transf_vector[1]      0.304191 
_atom_sites.fract_transf_vector[2]      0.400262 
_atom_sites.fract_transf_vector[3]      0.443703 
# 
loop_
_atom_type.symbol 
C 
N 
O 
# 
loop_
_atom_site.group_PDB 
_atom_site.id 
_atom_site.type_symbol 
_atom_site.label_atom_id 
_atom_site.label_alt_id 
_atom_site.label_comp_id 
_atom_site.label_asym_id 
_atom_site.label_entity_id 
_atom_site.label_seq_id 
_atom_site.pdbx_PDB_ins_code 
_atom_site.Cartn_x 
_atom_site.Cartn_y 
_atom_site.Cartn_z 
_atom_site.occupancy 
_atom_site.B_iso_or_equiv 
_atom_site.pdbx_formal_charge 
_atom_site.auth_seq_id 
_atom_site.auth_comp_id 
_atom_site.auth_asym_id 
_atom_site.auth_atom_id 
_atom_site.pdbx_PDB_model_num 
ATOM   1   N N   . LYS A 1 1  ? 7.530   -2.425  -8.222  1.00 31.41 ? 28  LYS A N   1 
ATOM   2   C CA  . LYS A 1 1  ? 8.683   -3.227  -7.844  1.00 29.55 ? 28  LYS A CA  1 
ATOM   3   C C   . LYS A 1 1  ? 9.156   -2.823  -6.458  1.00 30.62 ? 28  LYS A C   1 
ATOM   4   O O   . LYS A 1 1  ? 9.373   -1.648  -6.202  1.00 30.84 ? 28  LYS A O   1 
ATOM   5   C CB  . LYS A 1 1  ? 9.819   -3.095  -8.874  1.00 32.56 ? 28  LYS A CB  1 
ATOM   6   C CG  . LYS A 1 1  ? 11.091  -3.860  -8.469  1.00 34.73 ? 28  LYS A CG  1 
ATOM   7   C CD  . LYS A 1 1  ? 11.822  -4.348  -9.684  1.00 49.49 ? 28  LYS A CD  1 
ATOM   8   C CE  . LYS A 1 1  ? 13.110  -5.036  -9.311  1.00 63.62 ? 28  LYS A CE  1 
ATOM   9   N NZ  . LYS A 1 1  ? 14.058  -5.094  -10.457 1.00 78.01 ? 28  LYS A NZ  1 
ATOM   10  N N   . VAL A 1 2  ? 9.308   -3.795  -5.563  1.00 24.01 ? 29  VAL A N   1 
ATOM   11  C CA  . VAL A 1 2  ? 9.788   -3.518  -4.211  1.00 21.76 ? 29  VAL A CA  1 
ATOM   12  C C   . VAL A 1 2  ? 11.089  -4.260  -4.017  1.00 27.63 ? 29  VAL A C   1 
ATOM   13  O O   . VAL A 1 2  ? 11.105  -5.479  -3.915  1.00 28.63 ? 29  VAL A O   1 
ATOM   14  C CB  . VAL A 1 2  ? 8.750   -3.824  -3.131  1.00 22.75 ? 29  VAL A CB  1 
ATOM   15  C CG1 . VAL A 1 2  ? 9.343   -3.555  -1.764  1.00 21.85 ? 29  VAL A CG1 1 
ATOM   16  C CG2 . VAL A 1 2  ? 7.474   -2.996  -3.347  1.00 22.01 ? 29  VAL A CG2 1 
ATOM   17  N N   . LYS A 1 3  ? 12.173  -3.527  -3.971  1.00 24.60 ? 30  LYS A N   1 
ATOM   18  C CA  . LYS A 1 3  ? 13.514  -4.090  -3.852  1.00 23.42 ? 30  LYS A CA  1 
ATOM   19  C C   . LYS A 1 3  ? 13.859  -4.441  -2.429  1.00 26.44 ? 30  LYS A C   1 
ATOM   20  O O   . LYS A 1 3  ? 13.339  -3.844  -1.492  1.00 25.19 ? 30  LYS A O   1 
ATOM   21  C CB  . LYS A 1 3  ? 14.544  -3.117  -4.414  1.00 25.28 ? 30  LYS A CB  1 
ATOM   22  C CG  . LYS A 1 3  ? 14.310  -2.802  -5.879  1.00 45.58 ? 30  LYS A CG  1 
ATOM   23  C CD  . LYS A 1 3  ? 15.227  -1.705  -6.351  1.00 58.52 ? 30  LYS A CD  1 
ATOM   24  C CE  . LYS A 1 3  ? 15.129  -1.470  -7.836  1.00 71.36 ? 30  LYS A CE  1 
ATOM   25  N NZ  . LYS A 1 3  ? 16.302  -0.710  -8.339  1.00 81.34 ? 30  LYS A NZ  1 
ATOM   26  N N   . VAL A 1 4  ? 14.718  -5.456  -2.275  1.00 22.60 ? 31  VAL A N   1 
ATOM   27  C CA  . VAL A 1 4  ? 15.176  -5.940  -0.980  1.00 20.69 ? 31  VAL A CA  1 
ATOM   28  C C   . VAL A 1 4  ? 16.645  -6.172  -1.124  1.00 25.72 ? 31  VAL A C   1 
ATOM   29  O O   . VAL A 1 4  ? 17.071  -6.765  -2.112  1.00 27.49 ? 31  VAL A O   1 
ATOM   30  C CB  . VAL A 1 4  ? 14.454  -7.246  -0.570  1.00 22.32 ? 31  VAL A CB  1 
ATOM   31  C CG1 . VAL A 1 4  ? 14.993  -7.769  0.754   1.00 20.50 ? 31  VAL A CG1 1 
ATOM   32  C CG2 . VAL A 1 4  ? 12.947  -7.037  -0.480  1.00 20.88 ? 31  VAL A CG2 1 
ATOM   33  N N   . TRP A 1 5  ? 17.429  -5.686  -0.175  1.00 24.02 ? 32  TRP A N   1 
ATOM   34  C CA  . TRP A 1 5  ? 18.864  -5.893  -0.236  1.00 26.27 ? 32  TRP A CA  1 
ATOM   35  C C   . TRP A 1 5  ? 19.505  -5.622  1.114   1.00 26.34 ? 32  TRP A C   1 
ATOM   36  O O   . TRP A 1 5  ? 19.027  -4.797  1.892   1.00 25.59 ? 32  TRP A O   1 
ATOM   37  C CB  . TRP A 1 5  ? 19.500  -5.004  -1.337  1.00 28.27 ? 32  TRP A CB  1 
ATOM   38  C CG  . TRP A 1 5  ? 19.669  -3.583  -0.919  1.00 31.09 ? 32  TRP A CG  1 
ATOM   39  C CD1 . TRP A 1 5  ? 20.795  -3.017  -0.397  1.00 34.51 ? 32  TRP A CD1 1 
ATOM   40  C CD2 . TRP A 1 5  ? 18.638  -2.583  -0.837  1.00 31.73 ? 32  TRP A CD2 1 
ATOM   41  N NE1 . TRP A 1 5  ? 20.540  -1.714  -0.031  1.00 35.01 ? 32  TRP A NE1 1 
ATOM   42  C CE2 . TRP A 1 5  ? 19.232  -1.414  -0.317  1.00 36.34 ? 32  TRP A CE2 1 
ATOM   43  C CE3 . TRP A 1 5  ? 17.278  -2.546  -1.209  1.00 33.55 ? 32  TRP A CE3 1 
ATOM   44  C CZ2 . TRP A 1 5  ? 18.512  -0.229  -0.130  1.00 36.46 ? 32  TRP A CZ2 1 
ATOM   45  C CZ3 . TRP A 1 5  ? 16.566  -1.371  -1.035  1.00 35.70 ? 32  TRP A CZ3 1 
ATOM   46  C CH2 . TRP A 1 5  ? 17.180  -0.228  -0.505  1.00 37.10 ? 32  TRP A CH2 1 
ATOM   47  N N   . GLY A 1 6  ? 20.633  -6.255  1.329   1.00 21.33 ? 33  GLY A N   1 
ATOM   48  C CA  . GLY A 1 6  ? 21.421  -6.035  2.520   1.00 20.16 ? 33  GLY A CA  1 
ATOM   49  C C   . GLY A 1 6  ? 22.193  -7.274  2.869   1.00 25.00 ? 33  GLY A C   1 
ATOM   50  O O   . GLY A 1 6  ? 22.582  -8.050  1.998   1.00 25.43 ? 33  GLY A O   1 
ATOM   51  N N   . SER A 1 7  ? 22.407  -7.448  4.144   1.00 21.75 ? 34  SER A N   1 
ATOM   52  C CA  . SER A 1 7  ? 23.127  -8.577  4.681   1.00 23.03 ? 34  SER A CA  1 
ATOM   53  C C   . SER A 1 7  ? 22.521  -8.944  6.009   1.00 27.52 ? 34  SER A C   1 
ATOM   54  O O   . SER A 1 7  ? 21.851  -8.128  6.645   1.00 28.02 ? 34  SER A O   1 
ATOM   55  C CB  . SER A 1 7  ? 24.623  -8.281  4.815   1.00 24.69 ? 34  SER A CB  1 
ATOM   56  O OG  . SER A 1 7  ? 24.818  -7.167  5.668   1.00 34.86 ? 34  SER A OG  1 
ATOM   57  N N   . ILE A 1 8  ? 22.656  -10.206 6.371   1.00 26.61 ? 35  ILE A N   1 
ATOM   58  C CA  . ILE A 1 8  ? 22.076  -10.700 7.599   1.00 27.30 ? 35  ILE A CA  1 
ATOM   59  C C   . ILE A 1 8  ? 23.001  -10.334 8.732   1.00 33.01 ? 35  ILE A C   1 
ATOM   60  O O   . ILE A 1 8  ? 24.159  -10.743 8.726   1.00 32.24 ? 35  ILE A O   1 
ATOM   61  C CB  . ILE A 1 8  ? 21.779  -12.209 7.515   1.00 30.60 ? 35  ILE A CB  1 
ATOM   62  C CG1 . ILE A 1 8  ? 20.760  -12.487 6.356   1.00 31.99 ? 35  ILE A CG1 1 
ATOM   63  C CG2 . ILE A 1 8  ? 21.271  -12.726 8.879   1.00 30.35 ? 35  ILE A CG2 1 
ATOM   64  C CD1 . ILE A 1 8  ? 20.503  -13.866 6.079   1.00 34.76 ? 35  ILE A CD1 1 
ATOM   65  N N   . LYS A 1 9  ? 22.488  -9.582  9.719   1.00 31.64 ? 36  LYS A N   1 
ATOM   66  C CA  . LYS A 1 9  ? 23.281  -9.220  10.905  1.00 32.37 ? 36  LYS A CA  1 
ATOM   67  C C   . LYS A 1 9  ? 23.823  -10.465 11.595  1.00 39.41 ? 36  LYS A C   1 
ATOM   68  O O   . LYS A 1 9  ? 23.146  -11.497 11.625  1.00 40.78 ? 36  LYS A O   1 
ATOM   69  C CB  . LYS A 1 9  ? 22.465  -8.372  11.900  1.00 34.60 ? 36  LYS A CB  1 
ATOM   70  C CG  . LYS A 1 9  ? 21.226  -9.049  12.482  1.00 50.28 ? 36  LYS A CG  1 
ATOM   71  C CD  . LYS A 1 9  ? 20.631  -8.252  13.637  1.00 57.62 ? 36  LYS A CD  1 
ATOM   72  C CE  . LYS A 1 9  ? 19.429  -8.942  14.237  1.00 64.68 ? 36  LYS A CE  1 
ATOM   73  N NZ  . LYS A 1 9  ? 18.782  -8.112  15.286  1.00 74.43 ? 36  LYS A NZ  1 
ATOM   74  N N   . GLY A 1 10 ? 25.049  -10.364 12.097  1.00 37.21 ? 37  GLY A N   1 
ATOM   75  C CA  . GLY A 1 10 ? 25.710  -11.434 12.827  1.00 37.76 ? 37  GLY A CA  1 
ATOM   76  C C   . GLY A 1 10 ? 26.393  -12.488 11.985  1.00 42.62 ? 37  GLY A C   1 
ATOM   77  O O   . GLY A 1 10 ? 27.103  -13.335 12.531  1.00 43.67 ? 37  GLY A O   1 
ATOM   78  N N   . LEU A 1 11 ? 26.182  -12.470 10.661  1.00 37.37 ? 38  LEU A N   1 
ATOM   79  C CA  . LEU A 1 11 ? 26.779  -13.488 9.797   1.00 33.42 ? 38  LEU A CA  1 
ATOM   80  C C   . LEU A 1 11 ? 27.883  -12.935 8.894   1.00 37.03 ? 38  LEU A C   1 
ATOM   81  O O   . LEU A 1 11 ? 27.965  -11.698 8.752   1.00 36.19 ? 38  LEU A O   1 
ATOM   82  C CB  . LEU A 1 11 ? 25.685  -14.186 8.964   1.00 32.40 ? 38  LEU A CB  1 
ATOM   83  C CG  . LEU A 1 11 ? 24.512  -14.772 9.726   1.00 36.42 ? 38  LEU A CG  1 
ATOM   84  C CD1 . LEU A 1 11 ? 23.586  -15.513 8.785   1.00 36.91 ? 38  LEU A CD1 1 
ATOM   85  C CD2 . LEU A 1 11 ? 24.972  -15.709 10.837  1.00 39.52 ? 38  LEU A CD2 1 
ATOM   86  O OXT . LEU A 1 11 ? 28.639  -13.742 8.311   1.00 43.41 ? 38  LEU A OXT 1 
ATOM   87  N N   . LYS B 1 1  ? 21.447  -6.077  8.397   1.00 27.84 ? 28  LYS B N   1 
ATOM   88  C CA  . LYS B 1 1  ? 20.312  -5.224  8.031   1.00 27.31 ? 28  LYS B CA  1 
ATOM   89  C C   . LYS B 1 1  ? 19.885  -5.480  6.600   1.00 29.84 ? 28  LYS B C   1 
ATOM   90  O O   . LYS B 1 1  ? 20.693  -5.382  5.692   1.00 31.39 ? 28  LYS B O   1 
ATOM   91  C CB  . LYS B 1 1  ? 20.647  -3.732  8.234   1.00 29.02 ? 28  LYS B CB  1 
ATOM   92  C CG  . LYS B 1 1  ? 19.506  -2.784  7.818   1.00 35.15 ? 28  LYS B CG  1 
ATOM   93  C CD  . LYS B 1 1  ? 19.234  -1.724  8.854   1.00 50.56 ? 28  LYS B CD  1 
ATOM   94  C CE  . LYS B 1 1  ? 18.104  -0.808  8.463   1.00 72.24 ? 28  LYS B CE  1 
ATOM   95  N NZ  . LYS B 1 1  ? 17.384  -0.272  9.653   1.00 83.69 ? 28  LYS B NZ  1 
ATOM   96  N N   . VAL B 1 2  ? 18.621  -5.807  6.401   1.00 25.24 ? 29  VAL B N   1 
ATOM   97  C CA  . VAL B 1 2  ? 18.088  -6.027  5.065   1.00 23.46 ? 29  VAL B CA  1 
ATOM   98  C C   . VAL B 1 2  ? 17.031  -4.966  4.761   1.00 25.70 ? 29  VAL B C   1 
ATOM   99  O O   . VAL B 1 2  ? 15.962  -4.978  5.327   1.00 25.97 ? 29  VAL B O   1 
ATOM   100 C CB  . VAL B 1 2  ? 17.598  -7.462  4.849   1.00 25.59 ? 29  VAL B CB  1 
ATOM   101 C CG1 . VAL B 1 2  ? 16.948  -7.602  3.483   1.00 24.31 ? 29  VAL B CG1 1 
ATOM   102 C CG2 . VAL B 1 2  ? 18.749  -8.452  5.004   1.00 25.42 ? 29  VAL B CG2 1 
ATOM   103 N N   . LYS B 1 3  ? 17.353  -4.066  3.881   1.00 23.43 ? 30  LYS B N   1 
ATOM   104 C CA  . LYS B 1 3  ? 16.506  -2.937  3.517   1.00 23.83 ? 30  LYS B CA  1 
ATOM   105 C C   . LYS B 1 3  ? 15.497  -3.311  2.462   1.00 26.72 ? 30  LYS B C   1 
ATOM   106 O O   . LYS B 1 3  ? 15.698  -4.258  1.702   1.00 24.66 ? 30  LYS B O   1 
ATOM   107 C CB  . LYS B 1 3  ? 17.383  -1.782  3.044   1.00 27.82 ? 30  LYS B CB  1 
ATOM   108 C CG  . LYS B 1 3  ? 18.221  -1.200  4.170   1.00 37.13 ? 30  LYS B CG  1 
ATOM   109 C CD  . LYS B 1 3  ? 19.113  -0.100  3.657   1.00 51.56 ? 30  LYS B CD  1 
ATOM   110 C CE  . LYS B 1 3  ? 19.943  0.517   4.754   1.00 62.20 ? 30  LYS B CE  1 
ATOM   111 N NZ  . LYS B 1 3  ? 20.959  1.451   4.214   1.00 69.09 ? 30  LYS B NZ  1 
ATOM   112 N N   . VAL B 1 4  ? 14.379  -2.586  2.456   1.00 23.05 ? 31  VAL B N   1 
ATOM   113 C CA  . VAL B 1 4  ? 13.283  -2.794  1.524   1.00 23.30 ? 31  VAL B CA  1 
ATOM   114 C C   . VAL B 1 4  ? 12.851  -1.441  1.035   1.00 27.62 ? 31  VAL B C   1 
ATOM   115 O O   . VAL B 1 4  ? 12.699  -0.524  1.838   1.00 27.80 ? 31  VAL B O   1 
ATOM   116 C CB  . VAL B 1 4  ? 12.113  -3.522  2.214   1.00 25.01 ? 31  VAL B CB  1 
ATOM   117 C CG1 . VAL B 1 4  ? 10.904  -3.622  1.283   1.00 23.12 ? 31  VAL B CG1 1 
ATOM   118 C CG2 . VAL B 1 4  ? 12.542  -4.892  2.707   1.00 23.83 ? 31  VAL B CG2 1 
ATOM   119 N N   . TRP B 1 5  ? 12.681  -1.309  -0.275  1.00 27.38 ? 32  TRP B N   1 
ATOM   120 C CA  . TRP B 1 5  ? 12.300  -0.052  -0.895  1.00 30.08 ? 32  TRP B CA  1 
ATOM   121 C C   . TRP B 1 5  ? 11.617  -0.296  -2.236  1.00 28.68 ? 32  TRP B C   1 
ATOM   122 O O   . TRP B 1 5  ? 12.095  -1.099  -3.039  1.00 26.82 ? 32  TRP B O   1 
ATOM   123 C CB  . TRP B 1 5  ? 13.560  0.818   -1.117  1.00 33.14 ? 32  TRP B CB  1 
ATOM   124 C CG  . TRP B 1 5  ? 13.303  2.020   -1.976  1.00 39.04 ? 32  TRP B CG  1 
ATOM   125 C CD1 . TRP B 1 5  ? 13.483  2.122   -3.326  1.00 43.52 ? 32  TRP B CD1 1 
ATOM   126 C CD2 . TRP B 1 5  ? 12.674  3.240   -1.559  1.00 41.18 ? 32  TRP B CD2 1 
ATOM   127 N NE1 . TRP B 1 5  ? 13.042  3.353   -3.770  1.00 45.57 ? 32  TRP B NE1 1 
ATOM   128 C CE2 . TRP B 1 5  ? 12.553  4.064   -2.702  1.00 47.26 ? 32  TRP B CE2 1 
ATOM   129 C CE3 . TRP B 1 5  ? 12.240  3.736   -0.317  1.00 43.79 ? 32  TRP B CE3 1 
ATOM   130 C CZ2 . TRP B 1 5  ? 12.007  5.354   -2.640  1.00 48.66 ? 32  TRP B CZ2 1 
ATOM   131 C CZ3 . TRP B 1 5  ? 11.687  5.009   -0.257  1.00 46.91 ? 32  TRP B CZ3 1 
ATOM   132 C CH2 . TRP B 1 5  ? 11.587  5.809   -1.406  1.00 49.04 ? 32  TRP B CH2 1 
ATOM   133 N N   . GLY B 1 6  ? 10.574  0.472   -2.513  1.00 22.46 ? 33  GLY B N   1 
ATOM   134 C CA  . GLY B 1 6  ? 9.972   0.436   -3.820  1.00 22.22 ? 33  GLY B CA  1 
ATOM   135 C C   . GLY B 1 6  ? 8.563   0.942   -3.830  1.00 26.36 ? 33  GLY B C   1 
ATOM   136 O O   . GLY B 1 6  ? 8.149   1.732   -2.977  1.00 26.51 ? 33  GLY B O   1 
ATOM   137 N N   . SER B 1 7  ? 7.848   0.513   -4.833  1.00 22.12 ? 34  SER B N   1 
ATOM   138 C CA  . SER B 1 7  ? 6.458   0.866   -4.984  1.00 23.52 ? 34  SER B CA  1 
ATOM   139 C C   . SER B 1 7  ? 5.723   -0.346  -5.502  1.00 28.73 ? 34  SER B C   1 
ATOM   140 O O   . SER B 1 7  ? 6.328   -1.231  -6.113  1.00 29.57 ? 34  SER B O   1 
ATOM   141 C CB  . SER B 1 7  ? 6.281   2.082   -5.889  1.00 26.20 ? 34  SER B CB  1 
ATOM   142 O OG  . SER B 1 7  ? 6.814   1.803   -7.165  1.00 39.07 ? 34  SER B OG  1 
ATOM   143 N N   . ILE B 1 8  ? 4.445   -0.433  -5.182  1.00 25.83 ? 35  ILE B N   1 
ATOM   144 C CA  . ILE B 1 8  ? 3.644   -1.568  -5.572  1.00 27.03 ? 35  ILE B CA  1 
ATOM   145 C C   . ILE B 1 8  ? 3.234   -1.378  -7.002  1.00 33.73 ? 35  ILE B C   1 
ATOM   146 O O   . ILE B 1 8  ? 2.579   -0.381  -7.318  1.00 33.98 ? 35  ILE B O   1 
ATOM   147 C CB  . ILE B 1 8  ? 2.435   -1.745  -4.628  1.00 28.92 ? 35  ILE B CB  1 
ATOM   148 C CG1 . ILE B 1 8  ? 2.924   -1.894  -3.158  1.00 27.54 ? 35  ILE B CG1 1 
ATOM   149 C CG2 . ILE B 1 8  ? 1.579   -2.937  -5.094  1.00 29.79 ? 35  ILE B CG2 1 
ATOM   150 C CD1 . ILE B 1 8  ? 1.831   -1.958  -2.134  1.00 34.69 ? 35  ILE B CD1 1 
ATOM   151 N N   . LYS B 1 9  ? 3.589   -2.341  -7.870  1.00 32.45 ? 36  LYS B N   1 
ATOM   152 C CA  . LYS B 1 9  ? 3.191   -2.293  -9.287  1.00 34.87 ? 36  LYS B CA  1 
ATOM   153 C C   . LYS B 1 9  ? 1.686   -2.166  -9.422  1.00 38.93 ? 36  LYS B C   1 
ATOM   154 O O   . LYS B 1 9  ? 0.956   -2.753  -8.627  1.00 38.08 ? 36  LYS B O   1 
ATOM   155 C CB  . LYS B 1 9  ? 3.686   -3.526  -10.072 1.00 39.21 ? 36  LYS B CB  1 
ATOM   156 C CG  . LYS B 1 9  ? 3.143   -4.875  -9.608  1.00 56.60 ? 36  LYS B CG  1 
ATOM   157 C CD  . LYS B 1 9  ? 3.449   -5.974  -10.629 1.00 68.92 ? 36  LYS B CD  1 
ATOM   158 C CE  . LYS B 1 9  ? 2.906   -7.315  -10.197 1.00 75.12 ? 36  LYS B CE  1 
ATOM   159 N NZ  . LYS B 1 9  ? 3.414   -8.418  -11.051 1.00 80.58 ? 36  LYS B NZ  1 
ATOM   160 N N   . GLY B 1 10 ? 1.246   -1.399  -10.413 1.00 38.86 ? 37  GLY B N   1 
ATOM   161 C CA  . GLY B 1 10 ? -0.162  -1.189  -10.736 1.00 39.07 ? 37  GLY B CA  1 
ATOM   162 C C   . GLY B 1 10 ? -0.911  -0.204  -9.869  1.00 43.26 ? 37  GLY B C   1 
ATOM   163 O O   . GLY B 1 10 ? -2.071  0.089   -10.150 1.00 43.40 ? 37  GLY B O   1 
ATOM   164 N N   . LEU B 1 11 ? -0.285  0.308   -8.800  1.00 38.69 ? 38  LEU B N   1 
ATOM   165 C CA  . LEU B 1 11 ? -0.978  1.251   -7.919  1.00 37.37 ? 38  LEU B CA  1 
ATOM   166 C C   . LEU B 1 11 ? -0.414  2.661   -7.985  1.00 38.11 ? 38  LEU B C   1 
ATOM   167 O O   . LEU B 1 11 ? 0.702   2.818   -8.505  1.00 41.68 ? 38  LEU B O   1 
ATOM   168 C CB  . LEU B 1 11 ? -0.973  0.735   -6.480  1.00 35.60 ? 38  LEU B CB  1 
ATOM   169 C CG  . LEU B 1 11 ? -1.461  -0.686  -6.240  1.00 38.69 ? 38  LEU B CG  1 
ATOM   170 C CD1 . LEU B 1 11 ? -1.461  -0.984  -4.768  1.00 37.87 ? 38  LEU B CD1 1 
ATOM   171 C CD2 . LEU B 1 11 ? -2.864  -0.889  -6.786  1.00 40.28 ? 38  LEU B CD2 1 
ATOM   172 O OXT . LEU B 1 11 ? -1.075  3.600   -7.488  1.00 39.66 ? 38  LEU B OXT 1 
ATOM   173 N N   . LYS C 1 1  ? 0.351   6.126   -6.646  1.00 30.85 ? 28  LYS C N   1 
ATOM   174 C CA  . LYS C 1 1  ? 1.635   5.516   -6.320  1.00 29.49 ? 28  LYS C CA  1 
ATOM   175 C C   . LYS C 1 1  ? 1.627   5.074   -4.866  1.00 29.76 ? 28  LYS C C   1 
ATOM   176 O O   . LYS C 1 1  ? 1.259   5.850   -3.989  1.00 25.97 ? 28  LYS C O   1 
ATOM   177 C CB  . LYS C 1 1  ? 2.801   6.489   -6.579  1.00 34.03 ? 28  LYS C CB  1 
ATOM   178 C CG  . LYS C 1 1  ? 4.173   5.942   -6.138  1.00 42.83 ? 28  LYS C CG  1 
ATOM   179 C CD  . LYS C 1 1  ? 5.267   6.423   -7.048  1.00 57.23 ? 28  LYS C CD  1 
ATOM   180 C CE  . LYS C 1 1  ? 6.621   5.968   -6.572  1.00 76.20 ? 28  LYS C CE  1 
ATOM   181 N NZ  . LYS C 1 1  ? 7.721   6.828   -7.096  1.00 90.23 ? 28  LYS C NZ  1 
ATOM   182 N N   . VAL C 1 2  ? 2.058   3.833   -4.615  1.00 24.82 ? 29  VAL C N   1 
ATOM   183 C CA  . VAL C 1 2  ? 2.096   3.284   -3.290  1.00 23.28 ? 29  VAL C CA  1 
ATOM   184 C C   . VAL C 1 2  ? 3.522   2.901   -2.957  1.00 27.77 ? 29  VAL C C   1 
ATOM   185 O O   . VAL C 1 2  ? 4.053   1.920   -3.483  1.00 26.68 ? 29  VAL C O   1 
ATOM   186 C CB  . VAL C 1 2  ? 1.118   2.108   -3.122  1.00 25.36 ? 29  VAL C CB  1 
ATOM   187 C CG1 . VAL C 1 2  ? 1.234   1.544   -1.719  1.00 24.25 ? 29  VAL C CG1 1 
ATOM   188 C CG2 . VAL C 1 2  ? -0.310  2.541   -3.418  1.00 24.66 ? 29  VAL C CG2 1 
ATOM   189 N N   . LYS C 1 3  ? 4.129   3.674   -2.075  1.00 23.15 ? 30  LYS C N   1 
ATOM   190 C CA  . LYS C 1 3  ? 5.527   3.493   -1.656  1.00 22.81 ? 30  LYS C CA  1 
ATOM   191 C C   . LYS C 1 3  ? 5.668   2.459   -0.590  1.00 25.14 ? 30  LYS C C   1 
ATOM   192 O O   . LYS C 1 3  ? 4.759   2.255   0.192   1.00 24.16 ? 30  LYS C O   1 
ATOM   193 C CB  . LYS C 1 3  ? 6.134   4.813   -1.199  1.00 26.39 ? 30  LYS C CB  1 
ATOM   194 C CG  . LYS C 1 3  ? 6.164   5.837   -2.329  1.00 35.15 ? 30  LYS C CG  1 
ATOM   195 C CD  . LYS C 1 3  ? 6.270   7.250   -1.792  1.00 50.97 ? 30  LYS C CD  1 
ATOM   196 C CE  . LYS C 1 3  ? 6.593   8.239   -2.883  1.00 59.65 ? 30  LYS C CE  1 
ATOM   197 N NZ  . LYS C 1 3  ? 6.302   9.626   -2.468  1.00 74.43 ? 30  LYS C NZ  1 
ATOM   198 N N   . VAL C 1 4  ? 6.806   1.777   -0.582  1.00 21.90 ? 31  VAL C N   1 
ATOM   199 C CA  . VAL C 1 4  ? 7.097   0.690   0.323   1.00 20.75 ? 31  VAL C CA  1 
ATOM   200 C C   . VAL C 1 4  ? 8.509   0.877   0.821   1.00 25.56 ? 31  VAL C C   1 
ATOM   201 O O   . VAL C 1 4  ? 9.400   1.099   0.007   1.00 26.56 ? 31  VAL C O   1 
ATOM   202 C CB  . VAL C 1 4  ? 6.938   -0.675  -0.377  1.00 22.68 ? 31  VAL C CB  1 
ATOM   203 C CG1 . VAL C 1 4  ? 7.313   -1.798  0.562   1.00 21.97 ? 31  VAL C CG1 1 
ATOM   204 C CG2 . VAL C 1 4  ? 5.522   -0.880  -0.913  1.00 20.84 ? 31  VAL C CG2 1 
ATOM   205 N N   . TRP C 1 5  ? 8.727   0.800   2.141   1.00 23.01 ? 32  TRP C N   1 
ATOM   206 C CA  . TRP C 1 5  ? 10.085  0.971   2.664   1.00 23.41 ? 32  TRP C CA  1 
ATOM   207 C C   . TRP C 1 5  ? 10.247  0.424   4.053   1.00 24.49 ? 32  TRP C C   1 
ATOM   208 O O   . TRP C 1 5  ? 9.298   0.341   4.806   1.00 24.63 ? 32  TRP C O   1 
ATOM   209 C CB  . TRP C 1 5  ? 10.469  2.469   2.663   1.00 23.26 ? 32  TRP C CB  1 
ATOM   210 C CG  . TRP C 1 5  ? 9.861   3.235   3.800   1.00 24.29 ? 32  TRP C CG  1 
ATOM   211 C CD1 . TRP C 1 5  ? 10.450  3.518   5.005   1.00 27.25 ? 32  TRP C CD1 1 
ATOM   212 C CD2 . TRP C 1 5  ? 8.509   3.688   3.896   1.00 24.03 ? 32  TRP C CD2 1 
ATOM   213 N NE1 . TRP C 1 5  ? 9.562   4.172   5.819   1.00 26.69 ? 32  TRP C NE1 1 
ATOM   214 C CE2 . TRP C 1 5  ? 8.371   4.321   5.152   1.00 27.80 ? 32  TRP C CE2 1 
ATOM   215 C CE3 . TRP C 1 5  ? 7.410   3.693   3.004   1.00 25.16 ? 32  TRP C CE3 1 
ATOM   216 C CZ2 . TRP C 1 5  ? 7.192   4.965   5.537   1.00 27.29 ? 32  TRP C CZ2 1 
ATOM   217 C CZ3 . TRP C 1 5  ? 6.239   4.319   3.390   1.00 26.05 ? 32  TRP C CZ3 1 
ATOM   218 C CH2 . TRP C 1 5  ? 6.136   4.950   4.638   1.00 27.47 ? 32  TRP C CH2 1 
ATOM   219 N N   . GLY C 1 6  ? 11.481  0.158   4.415   1.00 20.45 ? 33  GLY C N   1 
ATOM   220 C CA  . GLY C 1 6  ? 11.828  -0.267  5.756   1.00 19.70 ? 33  GLY C CA  1 
ATOM   221 C C   . GLY C 1 6  ? 12.924  -1.284  5.701   1.00 23.91 ? 33  GLY C C   1 
ATOM   222 O O   . GLY C 1 6  ? 13.791  -1.238  4.833   1.00 23.54 ? 33  GLY C O   1 
ATOM   223 N N   . SER C 1 7  ? 12.898  -2.188  6.640   1.00 22.45 ? 34  SER C N   1 
ATOM   224 C CA  . SER C 1 7  ? 13.915  -3.222  6.696   1.00 22.58 ? 34  SER C CA  1 
ATOM   225 C C   . SER C 1 7  ? 13.269  -4.487  7.168   1.00 27.78 ? 34  SER C C   1 
ATOM   226 O O   . SER C 1 7  ? 12.213  -4.429  7.799   1.00 27.58 ? 34  SER C O   1 
ATOM   227 C CB  . SER C 1 7  ? 15.070  -2.791  7.589   1.00 23.04 ? 34  SER C CB  1 
ATOM   228 O OG  . SER C 1 7  ? 14.616  -2.524  8.899   1.00 34.66 ? 34  SER C OG  1 
ATOM   229 N N   . ILE C 1 8  ? 13.855  -5.638  6.815   1.00 24.53 ? 35  ILE C N   1 
ATOM   230 C CA  . ILE C 1 8  ? 13.280  -6.903  7.216   1.00 24.83 ? 35  ILE C CA  1 
ATOM   231 C C   . ILE C 1 8  ? 13.676  -7.164  8.640   1.00 30.32 ? 35  ILE C C   1 
ATOM   232 O O   . ILE C 1 8  ? 14.876  -7.231  8.942   1.00 29.09 ? 35  ILE C O   1 
ATOM   233 C CB  . ILE C 1 8  ? 13.695  -8.040  6.246   1.00 27.74 ? 35  ILE C CB  1 
ATOM   234 C CG1 . ILE C 1 8  ? 13.122  -7.714  4.819   1.00 28.22 ? 35  ILE C CG1 1 
ATOM   235 C CG2 . ILE C 1 8  ? 13.191  -9.391  6.761   1.00 26.69 ? 35  ILE C CG2 1 
ATOM   236 C CD1 . ILE C 1 8  ? 13.405  -8.719  3.815   1.00 39.26 ? 35  ILE C CD1 1 
ATOM   237 N N   . LYS C 1 9  ? 12.670  -7.335  9.517   1.00 29.64 ? 36  LYS C N   1 
ATOM   238 C CA  . LYS C 1 9  ? 12.925  -7.647  10.931  1.00 32.10 ? 36  LYS C CA  1 
ATOM   239 C C   . LYS C 1 9  ? 13.800  -8.885  11.053  1.00 37.55 ? 36  LYS C C   1 
ATOM   240 O O   . LYS C 1 9  ? 13.664  -9.812  10.245  1.00 36.32 ? 36  LYS C O   1 
ATOM   241 C CB  . LYS C 1 9  ? 11.618  -7.850  11.722  1.00 36.59 ? 36  LYS C CB  1 
ATOM   242 C CG  . LYS C 1 9  ? 10.718  -8.990  11.241  1.00 52.49 ? 36  LYS C CG  1 
ATOM   243 C CD  . LYS C 1 9  ? 9.588   -9.271  12.228  1.00 55.60 ? 36  LYS C CD  1 
ATOM   244 C CE  . LYS C 1 9  ? 8.744   -10.439 11.781  1.00 65.98 ? 36  LYS C CE  1 
ATOM   245 N NZ  . LYS C 1 9  ? 7.502   -10.564 12.581  1.00 77.81 ? 36  LYS C NZ  1 
ATOM   246 N N   . GLY C 1 10 ? 14.699  -8.870  12.038  1.00 35.91 ? 37  GLY C N   1 
ATOM   247 C CA  . GLY C 1 10 ? 15.569  -9.991  12.362  1.00 36.12 ? 37  GLY C CA  1 
ATOM   248 C C   . GLY C 1 10 ? 16.797  -10.157 11.501  1.00 40.24 ? 37  GLY C C   1 
ATOM   249 O O   . GLY C 1 10 ? 17.647  -10.993 11.809  1.00 40.23 ? 37  GLY C O   1 
ATOM   250 N N   . LEU C 1 11 ? 16.924  -9.364  10.432  1.00 36.53 ? 38  LEU C N   1 
ATOM   251 C CA  . LEU C 1 11 ? 18.091  -9.502  9.558   1.00 35.78 ? 38  LEU C CA  1 
ATOM   252 C C   . LEU C 1 11 ? 19.054  -8.320  9.675   1.00 30.57 ? 38  LEU C C   1 
ATOM   253 O O   . LEU C 1 11 ? 18.660  -7.290  10.247  1.00 34.78 ? 38  LEU C O   1 
ATOM   254 C CB  . LEU C 1 11 ? 17.638  -9.719  8.113   1.00 34.73 ? 38  LEU C CB  1 
ATOM   255 C CG  . LEU C 1 11 ? 16.656  -10.861 7.860   1.00 38.91 ? 38  LEU C CG  1 
ATOM   256 C CD1 . LEU C 1 11 ? 16.374  -11.013 6.389   1.00 38.30 ? 38  LEU C CD1 1 
ATOM   257 C CD2 . LEU C 1 11 ? 17.185  -12.185 8.420   1.00 40.30 ? 38  LEU C CD2 1 
ATOM   258 O OXT . LEU C 1 11 ? 20.202  -8.433  9.214   1.00 41.78 ? 38  LEU C OXT 1 
ATOM   259 N N   . LYS D 1 1  ? 10.562  -4.060  9.882   1.00 26.63 ? 28  LYS D N   1 
ATOM   260 C CA  . LYS D 1 1  ? 9.295   -3.377  9.579   1.00 26.36 ? 28  LYS D CA  1 
ATOM   261 C C   . LYS D 1 1  ? 9.334   -2.715  8.225   1.00 27.97 ? 28  LYS D C   1 
ATOM   262 O O   . LYS D 1 1  ? 10.195  -1.901  7.973   1.00 29.57 ? 28  LYS D O   1 
ATOM   263 C CB  . LYS D 1 1  ? 8.906   -2.356  10.673  1.00 29.34 ? 28  LYS D CB  1 
ATOM   264 C CG  . LYS D 1 1  ? 7.572   -1.629  10.400  1.00 38.12 ? 28  LYS D CG  1 
ATOM   265 C CD  . LYS D 1 1  ? 6.519   -1.919  11.485  1.00 54.94 ? 28  LYS D CD  1 
ATOM   266 C CE  . LYS D 1 1  ? 5.250   -1.145  11.249  1.00 75.69 ? 28  LYS D CE  1 
ATOM   267 N NZ  . LYS D 1 1  ? 4.158   -1.607  12.137  1.00 90.99 ? 28  LYS D NZ  1 
ATOM   268 N N   . VAL D 1 2  ? 8.404   -3.061  7.364   1.00 22.73 ? 29  VAL D N   1 
ATOM   269 C CA  . VAL D 1 2  ? 8.326   -2.485  6.038   1.00 21.25 ? 29  VAL D CA  1 
ATOM   270 C C   . VAL D 1 2  ? 7.023   -1.698  5.909   1.00 24.76 ? 29  VAL D C   1 
ATOM   271 O O   . VAL D 1 2  ? 5.949   -2.276  5.870   1.00 24.46 ? 29  VAL D O   1 
ATOM   272 C CB  . VAL D 1 2  ? 8.502   -3.551  4.945   1.00 23.96 ? 29  VAL D CB  1 
ATOM   273 C CG1 . VAL D 1 2  ? 8.286   -2.948  3.569   1.00 23.33 ? 29  VAL D CG1 1 
ATOM   274 C CG2 . VAL D 1 2  ? 9.890   -4.178  5.044   1.00 23.31 ? 29  VAL D CG2 1 
ATOM   275 N N   . LYS D 1 3  ? 7.135   -0.389  5.872   1.00 21.81 ? 30  LYS D N   1 
ATOM   276 C CA  . LYS D 1 3  ? 5.971   0.480   5.773   1.00 21.97 ? 30  LYS D CA  1 
ATOM   277 C C   . LYS D 1 3  ? 5.504   0.675   4.334   1.00 24.51 ? 30  LYS D C   1 
ATOM   278 O O   . LYS D 1 3  ? 6.253   0.469   3.385   1.00 22.44 ? 30  LYS D O   1 
ATOM   279 C CB  . LYS D 1 3  ? 6.224   1.786   6.519   1.00 24.69 ? 30  LYS D CB  1 
ATOM   280 C CG  . LYS D 1 3  ? 6.404   1.593   8.030   1.00 30.98 ? 30  LYS D CG  1 
ATOM   281 C CD  . LYS D 1 3  ? 5.456   2.481   8.802   1.00 43.30 ? 30  LYS D CD  1 
ATOM   282 C CE  . LYS D 1 3  ? 5.755   2.477   10.280  1.00 63.18 ? 30  LYS D CE  1 
ATOM   283 N NZ  . LYS D 1 3  ? 4.702   3.197   11.046  1.00 84.13 ? 30  LYS D NZ  1 
ATOM   284 N N   . VAL D 1 4  ? 4.244   1.027   4.182   1.00 21.77 ? 31  VAL D N   1 
ATOM   285 C CA  . VAL D 1 4  ? 3.609   1.231   2.884   1.00 20.12 ? 31  VAL D CA  1 
ATOM   286 C C   . VAL D 1 4  ? 2.800   2.489   2.961   1.00 23.23 ? 31  VAL D C   1 
ATOM   287 O O   . VAL D 1 4  ? 2.136   2.704   3.952   1.00 22.48 ? 31  VAL D O   1 
ATOM   288 C CB  . VAL D 1 4  ? 2.737   0.014   2.489   1.00 23.78 ? 31  VAL D CB  1 
ATOM   289 C CG1 . VAL D 1 4  ? 2.003   0.256   1.186   1.00 23.97 ? 31  VAL D CG1 1 
ATOM   290 C CG2 . VAL D 1 4  ? 3.580   -1.260  2.379   1.00 23.18 ? 31  VAL D CG2 1 
ATOM   291 N N   . TRP D 1 5  ? 2.850   3.331   1.925   1.00 22.13 ? 32  TRP D N   1 
ATOM   292 C CA  . TRP D 1 5  ? 2.072   4.556   1.944   1.00 22.34 ? 32  TRP D CA  1 
ATOM   293 C C   . TRP D 1 5  ? 1.890   5.112   0.565   1.00 23.41 ? 32  TRP D C   1 
ATOM   294 O O   . TRP D 1 5  ? 2.843   5.207   -0.185  1.00 23.35 ? 32  TRP D O   1 
ATOM   295 C CB  . TRP D 1 5  ? 2.708   5.596   2.892   1.00 21.73 ? 32  TRP D CB  1 
ATOM   296 C CG  . TRP D 1 5  ? 1.952   6.886   2.917   1.00 24.08 ? 32  TRP D CG  1 
ATOM   297 C CD1 . TRP D 1 5  ? 0.766   7.131   3.541   1.00 26.83 ? 32  TRP D CD1 1 
ATOM   298 C CD2 . TRP D 1 5  ? 2.308   8.094   2.246   1.00 25.22 ? 32  TRP D CD2 1 
ATOM   299 N NE1 . TRP D 1 5  ? 0.380   8.428   3.323   1.00 27.23 ? 32  TRP D NE1 1 
ATOM   300 C CE2 . TRP D 1 5  ? 1.306   9.043   2.534   1.00 28.68 ? 32  TRP D CE2 1 
ATOM   301 C CE3 . TRP D 1 5  ? 3.404   8.483   1.465   1.00 27.59 ? 32  TRP D CE3 1 
ATOM   302 C CZ2 . TRP D 1 5  ? 1.360   10.352  2.065   1.00 29.55 ? 32  TRP D CZ2 1 
ATOM   303 C CZ3 . TRP D 1 5  ? 3.447   9.781   0.984   1.00 30.68 ? 32  TRP D CZ3 1 
ATOM   304 C CH2 . TRP D 1 5  ? 2.446   10.704  1.300   1.00 31.66 ? 32  TRP D CH2 1 
ATOM   305 N N   . GLY D 1 6  ? 0.677   5.507   0.238   1.00 18.96 ? 33  GLY D N   1 
ATOM   306 C CA  . GLY D 1 6  ? 0.449   6.166   -1.032  1.00 20.14 ? 33  GLY D CA  1 
ATOM   307 C C   . GLY D 1 6  ? -1.006  6.334   -1.353  1.00 25.16 ? 33  GLY D C   1 
ATOM   308 O O   . GLY D 1 6  ? -1.834  6.497   -0.458  1.00 24.47 ? 33  GLY D O   1 
ATOM   309 N N   . SER D 1 7  ? -1.298  6.336   -2.628  1.00 23.71 ? 34  SER D N   1 
ATOM   310 C CA  . SER D 1 7  ? -2.651  6.486   -3.161  1.00 23.97 ? 34  SER D CA  1 
ATOM   311 C C   . SER D 1 7  ? -2.750  5.663   -4.418  1.00 30.94 ? 34  SER D C   1 
ATOM   312 O O   . SER D 1 7  ? -1.731  5.387   -5.054  1.00 30.85 ? 34  SER D O   1 
ATOM   313 C CB  . SER D 1 7  ? -2.997  7.949   -3.424  1.00 23.05 ? 34  SER D CB  1 
ATOM   314 O OG  . SER D 1 7  ? -2.061  8.511   -4.317  1.00 37.66 ? 34  SER D OG  1 
ATOM   315 N N   . ILE D 1 8  ? -3.953  5.192   -4.734  1.00 29.11 ? 35  ILE D N   1 
ATOM   316 C CA  . ILE D 1 8  ? -4.137  4.363   -5.915  1.00 29.43 ? 35  ILE D CA  1 
ATOM   317 C C   . ILE D 1 8  ? -4.281  5.274   -7.094  1.00 36.00 ? 35  ILE D C   1 
ATOM   318 O O   . ILE D 1 8  ? -5.197  6.102   -7.121  1.00 35.84 ? 35  ILE D O   1 
ATOM   319 C CB  . ILE D 1 8  ? -5.332  3.387   -5.781  1.00 30.74 ? 35  ILE D CB  1 
ATOM   320 C CG1 . ILE D 1 8  ? -5.153  2.461   -4.567  1.00 29.26 ? 35  ILE D CG1 1 
ATOM   321 C CG2 . ILE D 1 8  ? -5.544  2.582   -7.102  1.00 30.92 ? 35  ILE D CG2 1 
ATOM   322 C CD1 . ILE D 1 8  ? -6.337  1.569   -4.334  1.00 30.05 ? 35  ILE D CD1 1 
ATOM   323 N N   . LYS D 1 9  ? -3.393  5.117   -8.087  1.00 35.16 ? 36  LYS D N   1 
ATOM   324 C CA  . LYS D 1 9  ? -3.461  5.908   -9.320  1.00 36.22 ? 36  LYS D CA  1 
ATOM   325 C C   . LYS D 1 9  ? -4.820  5.732   -9.994  1.00 40.12 ? 36  LYS D C   1 
ATOM   326 O O   . LYS D 1 9  ? -5.384  4.641   -9.956  1.00 40.18 ? 36  LYS D O   1 
ATOM   327 C CB  . LYS D 1 9  ? -2.330  5.526   -10.295 1.00 40.71 ? 36  LYS D CB  1 
ATOM   328 C CG  . LYS D 1 9  ? -2.341  4.074   -10.794 1.00 56.73 ? 36  LYS D CG  1 
ATOM   329 C CD  . LYS D 1 9  ? -1.393  3.870   -11.967 1.00 65.38 ? 36  LYS D CD  1 
ATOM   330 C CE  . LYS D 1 9  ? -1.430  2.461   -12.506 1.00 70.39 ? 36  LYS D CE  1 
ATOM   331 N NZ  . LYS D 1 9  ? -0.250  2.177   -13.370 1.00 80.73 ? 36  LYS D NZ  1 
ATOM   332 N N   . GLY D 1 10 ? -5.339  6.806   -10.571 1.00 39.24 ? 37  GLY D N   1 
ATOM   333 C CA  . GLY D 1 10 ? -6.595  6.782   -11.313 1.00 39.90 ? 37  GLY D CA  1 
ATOM   334 C C   . GLY D 1 10 ? -7.858  6.860   -10.490 1.00 45.19 ? 37  GLY D C   1 
ATOM   335 O O   . GLY D 1 10 ? -8.941  6.961   -11.057 1.00 47.69 ? 37  GLY D O   1 
ATOM   336 N N   . LEU D 1 11 ? -7.746  6.838   -9.160  1.00 40.22 ? 38  LEU D N   1 
ATOM   337 C CA  . LEU D 1 11 ? -8.923  6.912   -8.294  1.00 38.69 ? 38  LEU D CA  1 
ATOM   338 C C   . LEU D 1 11 ? -8.974  8.209   -7.470  1.00 33.57 ? 38  LEU D C   1 
ATOM   339 O O   . LEU D 1 11 ? -10.055 8.553   -6.949  1.00 38.53 ? 38  LEU D O   1 
ATOM   340 C CB  . LEU D 1 11 ? -8.967  5.674   -7.384  1.00 37.42 ? 38  LEU D CB  1 
ATOM   341 C CG  . LEU D 1 11 ? -8.903  4.298   -8.058  1.00 41.60 ? 38  LEU D CG  1 
ATOM   342 C CD1 . LEU D 1 11 ? -9.120  3.238   -7.051  1.00 40.42 ? 38  LEU D CD1 1 
ATOM   343 C CD2 . LEU D 1 11 ? -9.971  4.146   -9.143  1.00 45.88 ? 38  LEU D CD2 1 
ATOM   344 O OXT . LEU D 1 11 ? -7.932  8.877   -7.316  1.00 44.85 ? 38  LEU D OXT 1 
ATOM   345 N N   . LYS E 1 1  ? -9.655  10.268  -4.583  1.00 32.98 ? 28  LYS E N   1 
ATOM   346 C CA  . LYS E 1 1  ? -8.353  10.044  -3.948  1.00 32.07 ? 28  LYS E CA  1 
ATOM   347 C C   . LYS E 1 1  ? -8.535  8.866   -3.033  1.00 31.52 ? 28  LYS E C   1 
ATOM   348 O O   . LYS E 1 1  ? -9.448  8.861   -2.228  1.00 30.76 ? 28  LYS E O   1 
ATOM   349 C CB  . LYS E 1 1  ? -7.895  11.243  -3.087  1.00 36.94 ? 28  LYS E CB  1 
ATOM   350 C CG  . LYS E 1 1  ? -8.044  12.628  -3.711  1.00 61.83 ? 28  LYS E CG  1 
ATOM   351 C CD  . LYS E 1 1  ? -8.027  13.711  -2.625  1.00 68.85 ? 28  LYS E CD  1 
ATOM   352 C CE  . LYS E 1 1  ? -8.719  14.977  -3.066  1.00 69.89 ? 28  LYS E CE  1 
ATOM   353 N NZ  . LYS E 1 1  ? -7.749  16.034  -3.453  1.00 72.25 ? 28  LYS E NZ  1 
ATOM   354 N N   . VAL E 1 2  ? -7.680  7.866   -3.156  1.00 24.53 ? 29  VAL E N   1 
ATOM   355 C CA  . VAL E 1 2  ? -7.772  6.668   -2.367  1.00 22.77 ? 29  VAL E CA  1 
ATOM   356 C C   . VAL E 1 2  ? -6.403  6.443   -1.750  1.00 26.95 ? 29  VAL E C   1 
ATOM   357 O O   . VAL E 1 2  ? -5.444  6.103   -2.450  1.00 25.15 ? 29  VAL E O   1 
ATOM   358 C CB  . VAL E 1 2  ? -8.235  5.467   -3.228  1.00 25.07 ? 29  VAL E CB  1 
ATOM   359 C CG1 . VAL E 1 2  ? -8.232  4.195   -2.406  1.00 23.91 ? 29  VAL E CG1 1 
ATOM   360 C CG2 . VAL E 1 2  ? -9.618  5.709   -3.829  1.00 24.94 ? 29  VAL E CG2 1 
ATOM   361 N N   . LYS E 1 3  ? -6.322  6.674   -0.449  1.00 22.90 ? 30  LYS E N   1 
ATOM   362 C CA  . LYS E 1 3  ? -5.112  6.542   0.362   1.00 23.15 ? 30  LYS E CA  1 
ATOM   363 C C   . LYS E 1 3  ? -4.754  5.052   0.567   1.00 25.28 ? 30  LYS E C   1 
ATOM   364 O O   . LYS E 1 3  ? -5.637  4.221   0.669   1.00 24.54 ? 30  LYS E O   1 
ATOM   365 C CB  . LYS E 1 3  ? -5.374  7.267   1.714   1.00 24.88 ? 30  LYS E CB  1 
ATOM   366 C CG  . LYS E 1 3  ? -4.268  7.155   2.770   1.00 46.41 ? 30  LYS E CG  1 
ATOM   367 C CD  . LYS E 1 3  ? -4.537  8.009   4.035   1.00 56.65 ? 30  LYS E CD  1 
ATOM   368 C CE  . LYS E 1 3  ? -5.885  7.770   4.694   1.00 63.58 ? 30  LYS E CE  1 
ATOM   369 N NZ  . LYS E 1 3  ? -6.001  8.430   6.022   1.00 65.10 ? 30  LYS E NZ  1 
ATOM   370 N N   . VAL E 1 4  ? -3.474  4.728   0.639   1.00 22.37 ? 31  VAL E N   1 
ATOM   371 C CA  . VAL E 1 4  ? -2.986  3.381   0.903   1.00 22.63 ? 31  VAL E CA  1 
ATOM   372 C C   . VAL E 1 4  ? -1.943  3.522   1.977   1.00 27.36 ? 31  VAL E C   1 
ATOM   373 O O   . VAL E 1 4  ? -1.067  4.366   1.852   1.00 28.39 ? 31  VAL E O   1 
ATOM   374 C CB  . VAL E 1 4  ? -2.393  2.687   -0.338  1.00 25.82 ? 31  VAL E CB  1 
ATOM   375 C CG1 . VAL E 1 4  ? -1.898  1.296   0.030   1.00 24.73 ? 31  VAL E CG1 1 
ATOM   376 C CG2 . VAL E 1 4  ? -3.408  2.616   -1.476  1.00 24.94 ? 31  VAL E CG2 1 
ATOM   377 N N   . TRP E 1 5  ? -2.053  2.759   3.065   1.00 24.71 ? 32  TRP E N   1 
ATOM   378 C CA  . TRP E 1 5  ? -1.063  2.891   4.140   1.00 24.80 ? 32  TRP E CA  1 
ATOM   379 C C   . TRP E 1 5  ? -1.043  1.682   4.985   1.00 26.76 ? 32  TRP E C   1 
ATOM   380 O O   . TRP E 1 5  ? -2.043  0.991   5.084   1.00 25.92 ? 32  TRP E O   1 
ATOM   381 C CB  . TRP E 1 5  ? -1.318  4.154   4.999   1.00 24.32 ? 32  TRP E CB  1 
ATOM   382 C CG  . TRP E 1 5  ? -2.423  4.007   5.989   1.00 25.35 ? 32  TRP E CG  1 
ATOM   383 C CD1 . TRP E 1 5  ? -2.301  3.841   7.339   1.00 29.31 ? 32  TRP E CD1 1 
ATOM   384 C CD2 . TRP E 1 5  ? -3.827  3.957   5.698   1.00 24.71 ? 32  TRP E CD2 1 
ATOM   385 N NE1 . TRP E 1 5  ? -3.549  3.773   7.918   1.00 29.59 ? 32  TRP E NE1 1 
ATOM   386 C CE2 . TRP E 1 5  ? -4.504  3.825   6.930   1.00 29.73 ? 32  TRP E CE2 1 
ATOM   387 C CE3 . TRP E 1 5  ? -4.583  4.043   4.514   1.00 24.42 ? 32  TRP E CE3 1 
ATOM   388 C CZ2 . TRP E 1 5  ? -5.898  3.742   7.012   1.00 28.53 ? 32  TRP E CZ2 1 
ATOM   389 C CZ3 . TRP E 1 5  ? -5.960  3.977   4.598   1.00 26.16 ? 32  TRP E CZ3 1 
ATOM   390 C CH2 . TRP E 1 5  ? -6.605  3.834   5.838   1.00 27.92 ? 32  TRP E CH2 1 
ATOM   391 N N   . GLY E 1 6  ? 0.085   1.460   5.631   1.00 23.33 ? 33  GLY E N   1 
ATOM   392 C CA  . GLY E 1 6  ? 0.249   0.345   6.539   1.00 22.47 ? 33  GLY E CA  1 
ATOM   393 C C   . GLY E 1 6  ? 1.651   -0.186  6.494   1.00 24.99 ? 33  GLY E C   1 
ATOM   394 O O   . GLY E 1 6  ? 2.606   0.584   6.423   1.00 24.44 ? 33  GLY E O   1 
ATOM   395 N N   . SER E 1 7  ? 1.780   -1.487  6.577   1.00 22.80 ? 34  SER E N   1 
ATOM   396 C CA  . SER E 1 7  ? 3.093   -2.132  6.597   1.00 23.19 ? 34  SER E CA  1 
ATOM   397 C C   . SER E 1 7  ? 2.949   -3.500  5.993   1.00 30.29 ? 34  SER E C   1 
ATOM   398 O O   . SER E 1 7  ? 1.848   -4.042  5.995   1.00 31.94 ? 34  SER E O   1 
ATOM   399 C CB  . SER E 1 7  ? 3.623   -2.216  8.034   1.00 26.27 ? 34  SER E CB  1 
ATOM   400 O OG  . SER E 1 7  ? 2.712   -2.886  8.890   1.00 37.02 ? 34  SER E OG  1 
ATOM   401 N N   . ILE E 1 8  ? 4.033   -4.061  5.448   1.00 28.29 ? 35  ILE E N   1 
ATOM   402 C CA  . ILE E 1 8  ? 3.956   -5.392  4.863   1.00 28.43 ? 35  ILE E CA  1 
ATOM   403 C C   . ILE E 1 8  ? 4.090   -6.400  5.984   1.00 32.72 ? 35  ILE E C   1 
ATOM   404 O O   . ILE E 1 8  ? 5.109   -6.398  6.686   1.00 30.76 ? 35  ILE E O   1 
ATOM   405 C CB  . ILE E 1 8  ? 5.002   -5.617  3.744   1.00 30.65 ? 35  ILE E CB  1 
ATOM   406 C CG1 . ILE E 1 8  ? 4.741   -4.647  2.584   1.00 30.26 ? 35  ILE E CG1 1 
ATOM   407 C CG2 . ILE E 1 8  ? 4.977   -7.085  3.254   1.00 31.00 ? 35  ILE E CG2 1 
ATOM   408 C CD1 . ILE E 1 8  ? 5.784   -4.724  1.507   1.00 41.40 ? 35  ILE E CD1 1 
ATOM   409 N N   . LYS E 1 9  ? 3.077   -7.271  6.139   1.00 31.73 ? 36  LYS E N   1 
ATOM   410 C CA  . LYS E 1 9  ? 3.081   -8.319  7.155   1.00 33.86 ? 36  LYS E CA  1 
ATOM   411 C C   . LYS E 1 9  ? 4.337   -9.187  7.016   1.00 38.10 ? 36  LYS E C   1 
ATOM   412 O O   . LYS E 1 9  ? 4.795   -9.437  5.890   1.00 36.07 ? 36  LYS E O   1 
ATOM   413 C CB  . LYS E 1 9  ? 1.814   -9.191  7.067   1.00 39.04 ? 36  LYS E CB  1 
ATOM   414 C CG  . LYS E 1 9  ? 1.622   -9.971  5.762   1.00 62.32 ? 36  LYS E CG  1 
ATOM   415 C CD  . LYS E 1 9  ? 0.583   -11.085 5.915   1.00 73.63 ? 36  LYS E CD  1 
ATOM   416 C CE  . LYS E 1 9  ? 0.317   -11.815 4.617   1.00 84.43 ? 36  LYS E CE  1 
ATOM   417 N NZ  . LYS E 1 9  ? 1.392   -12.783 4.263   1.00 94.20 ? 36  LYS E NZ  1 
ATOM   418 N N   . GLY E 1 10 ? 4.889   -9.597  8.151   1.00 36.45 ? 37  GLY E N   1 
ATOM   419 C CA  . GLY E 1 10 ? 6.053   -10.475 8.205   1.00 36.48 ? 37  GLY E CA  1 
ATOM   420 C C   . GLY E 1 10 ? 7.404   -9.821  8.024   1.00 39.88 ? 37  GLY E C   1 
ATOM   421 O O   . GLY E 1 10 ? 8.437   -10.475 8.210   1.00 39.67 ? 37  GLY E O   1 
ATOM   422 N N   . LEU E 1 11 ? 7.429   -8.544  7.641   1.00 35.00 ? 38  LEU E N   1 
ATOM   423 C CA  . LEU E 1 11 ? 8.701   -7.861  7.428   1.00 35.49 ? 38  LEU E CA  1 
ATOM   424 C C   . LEU E 1 11 ? 9.001   -6.843  8.536   1.00 30.64 ? 38  LEU E C   1 
ATOM   425 O O   . LEU E 1 11 ? 10.170  -6.427  8.686   1.00 30.52 ? 38  LEU E O   1 
ATOM   426 C CB  . LEU E 1 11 ? 8.718   -7.240  6.022   1.00 34.56 ? 38  LEU E CB  1 
ATOM   427 C CG  . LEU E 1 11 ? 8.404   -8.186  4.844   1.00 38.64 ? 38  LEU E CG  1 
ATOM   428 C CD1 . LEU E 1 11 ? 8.559   -7.478  3.541   1.00 37.70 ? 38  LEU E CD1 1 
ATOM   429 C CD2 . LEU E 1 11 ? 9.312   -9.433  4.872   1.00 37.69 ? 38  LEU E CD2 1 
ATOM   430 O OXT . LEU E 1 11 ? 8.082   -6.548  9.331   1.00 39.08 ? 38  LEU E OXT 1 
ATOM   431 N N   . LYS F 1 1  ? -0.041  -5.163  7.266   1.00 29.95 ? 28  LYS F N   1 
ATOM   432 C CA  . LYS F 1 1  ? -1.373  -4.860  6.721   1.00 28.63 ? 28  LYS F CA  1 
ATOM   433 C C   . LYS F 1 1  ? -1.335  -3.523  5.993   1.00 29.24 ? 28  LYS F C   1 
ATOM   434 O O   . LYS F 1 1  ? -0.909  -2.529  6.561   1.00 28.02 ? 28  LYS F O   1 
ATOM   435 C CB  . LYS F 1 1  ? -2.435  -4.826  7.838   1.00 32.67 ? 28  LYS F CB  1 
ATOM   436 C CG  . LYS F 1 1  ? -3.836  -4.370  7.367   1.00 44.30 ? 28  LYS F CG  1 
ATOM   437 C CD  . LYS F 1 1  ? -4.922  -5.384  7.664   1.00 55.01 ? 28  LYS F CD  1 
ATOM   438 C CE  . LYS F 1 1  ? -6.298  -4.834  7.484   1.00 68.82 ? 28  LYS F CE  1 
ATOM   439 N NZ  . LYS F 1 1  ? -7.309  -5.891  7.731   1.00 82.71 ? 28  LYS F NZ  1 
ATOM   440 N N   . VAL F 1 2  ? -1.845  -3.497  4.763   1.00 24.69 ? 29  VAL F N   1 
ATOM   441 C CA  . VAL F 1 2  ? -1.871  -2.314  3.932   1.00 22.96 ? 29  VAL F CA  1 
ATOM   442 C C   . VAL F 1 2  ? -3.320  -1.898  3.670   1.00 27.13 ? 29  VAL F C   1 
ATOM   443 O O   . VAL F 1 2  ? -4.031  -2.528  2.898   1.00 28.52 ? 29  VAL F O   1 
ATOM   444 C CB  . VAL F 1 2  ? -1.080  -2.581  2.642   1.00 25.06 ? 29  VAL F CB  1 
ATOM   445 C CG1 . VAL F 1 2  ? -1.181  -1.409  1.698   1.00 23.99 ? 29  VAL F CG1 1 
ATOM   446 C CG2 . VAL F 1 2  ? 0.373   -2.878  2.973   1.00 24.73 ? 29  VAL F CG2 1 
ATOM   447 N N   . LYS F 1 3  ? -3.724  -0.829  4.311   1.00 21.98 ? 30  LYS F N   1 
ATOM   448 C CA  . LYS F 1 3  ? -5.086  -0.310  4.260   1.00 22.33 ? 30  LYS F CA  1 
ATOM   449 C C   . LYS F 1 3  ? -5.287  0.631   3.108   1.00 23.31 ? 30  LYS F C   1 
ATOM   450 O O   . LYS F 1 3  ? -4.339  1.192   2.609   1.00 21.54 ? 30  LYS F O   1 
ATOM   451 C CB  . LYS F 1 3  ? -5.421  0.360   5.585   1.00 26.24 ? 30  LYS F CB  1 
ATOM   452 C CG  . LYS F 1 3  ? -5.550  -0.640  6.720   1.00 35.17 ? 30  LYS F CG  1 
ATOM   453 C CD  . LYS F 1 3  ? -5.573  0.066   8.054   1.00 48.76 ? 30  LYS F CD  1 
ATOM   454 C CE  . LYS F 1 3  ? -6.335  -0.710  9.101   1.00 66.14 ? 30  LYS F CE  1 
ATOM   455 N NZ  . LYS F 1 3  ? -7.486  0.080   9.661   1.00 69.72 ? 30  LYS F NZ  1 
ATOM   456 N N   . VAL F 1 4  ? -6.526  0.781   2.670   1.00 20.42 ? 31  VAL F N   1 
ATOM   457 C CA  . VAL F 1 4  ? -6.910  1.611   1.537   1.00 20.56 ? 31  VAL F CA  1 
ATOM   458 C C   . VAL F 1 4  ? -8.136  2.423   1.948   1.00 24.58 ? 31  VAL F C   1 
ATOM   459 O O   . VAL F 1 4  ? -9.031  1.878   2.569   1.00 25.14 ? 31  VAL F O   1 
ATOM   460 C CB  . VAL F 1 4  ? -7.211  0.706   0.327   1.00 24.31 ? 31  VAL F CB  1 
ATOM   461 C CG1 . VAL F 1 4  ? -7.829  1.501   -0.800  1.00 24.25 ? 31  VAL F CG1 1 
ATOM   462 C CG2 . VAL F 1 4  ? -5.959  -0.029  -0.138  1.00 22.70 ? 31  VAL F CG2 1 
ATOM   463 N N   . TRP F 1 5  ? -8.168  3.716   1.644   1.00 22.46 ? 32  TRP F N   1 
ATOM   464 C CA  . TRP F 1 5  ? -9.290  4.547   2.054   1.00 24.02 ? 32  TRP F CA  1 
ATOM   465 C C   . TRP F 1 5  ? -9.420  5.765   1.194   1.00 27.54 ? 32  TRP F C   1 
ATOM   466 O O   . TRP F 1 5  ? -8.477  6.521   1.079   1.00 27.08 ? 32  TRP F O   1 
ATOM   467 C CB  . TRP F 1 5  ? -9.122  4.994   3.531   1.00 24.04 ? 32  TRP F CB  1 
ATOM   468 C CG  . TRP F 1 5  ? -10.155 5.987   3.960   1.00 26.82 ? 32  TRP F CG  1 
ATOM   469 C CD1 . TRP F 1 5  ? -9.998  7.337   4.081   1.00 30.64 ? 32  TRP F CD1 1 
ATOM   470 C CD2 . TRP F 1 5  ? -11.540 5.722   4.189   1.00 27.59 ? 32  TRP F CD2 1 
ATOM   471 N NE1 . TRP F 1 5  ? -11.187 7.919   4.450   1.00 31.82 ? 32  TRP F NE1 1 
ATOM   472 C CE2 . TRP F 1 5  ? -12.158 6.955   4.501   1.00 33.07 ? 32  TRP F CE2 1 
ATOM   473 C CE3 . TRP F 1 5  ? -12.317 4.554   4.195   1.00 29.03 ? 32  TRP F CE3 1 
ATOM   474 C CZ2 . TRP F 1 5  ? -13.502 7.045   4.863   1.00 33.46 ? 32  TRP F CZ2 1 
ATOM   475 C CZ3 . TRP F 1 5  ? -13.649 4.644   4.551   1.00 31.81 ? 32  TRP F CZ3 1 
ATOM   476 C CH2 . TRP F 1 5  ? -14.230 5.878   4.879   1.00 33.30 ? 32  TRP F CH2 1 
ATOM   477 N N   . GLY F 1 6  ? -10.611 6.000   0.661   1.00 23.93 ? 33  GLY F N   1 
ATOM   478 C CA  . GLY F 1 6  ? -10.853 7.209   -0.094  1.00 23.50 ? 33  GLY F CA  1 
ATOM   479 C C   . GLY F 1 6  ? -12.130 7.147   -0.876  1.00 27.00 ? 33  GLY F C   1 
ATOM   480 O O   . GLY F 1 6  ? -13.082 6.487   -0.485  1.00 26.47 ? 33  GLY F O   1 
ATOM   481 N N   . SER F 1 7  ? -12.161 7.844   -1.952  1.00 25.11 ? 34  SER F N   1 
ATOM   482 C CA  . SER F 1 7  ? -13.334 7.842   -2.810  1.00 26.74 ? 34  SER F CA  1 
ATOM   483 C C   . SER F 1 7  ? -12.885 7.961   -4.235  1.00 32.82 ? 34  SER F C   1 
ATOM   484 O O   . SER F 1 7  ? -11.753 8.380   -4.478  1.00 34.24 ? 34  SER F O   1 
ATOM   485 C CB  . SER F 1 7  ? -14.304 8.959   -2.419  1.00 29.86 ? 34  SER F CB  1 
ATOM   486 O OG  . SER F 1 7  ? -13.645 10.206  -2.412  1.00 41.28 ? 34  SER F OG  1 
ATOM   487 N N   . ILE F 1 8  ? -13.719 7.530   -5.184  1.00 29.43 ? 35  ILE F N   1 
ATOM   488 C CA  . ILE F 1 8  ? -13.335 7.617   -6.576  1.00 29.51 ? 35  ILE F CA  1 
ATOM   489 C C   . ILE F 1 8  ? -13.569 9.041   -7.035  1.00 32.90 ? 35  ILE F C   1 
ATOM   490 O O   . ILE F 1 8  ? -14.697 9.531   -6.967  1.00 31.42 ? 35  ILE F O   1 
ATOM   491 C CB  . ILE F 1 8  ? -14.089 6.582   -7.457  1.00 32.25 ? 35  ILE F CB  1 
ATOM   492 C CG1 . ILE F 1 8  ? -13.766 5.155   -6.987  1.00 31.94 ? 35  ILE F CG1 1 
ATOM   493 C CG2 . ILE F 1 8  ? -13.738 6.763   -8.954  1.00 31.37 ? 35  ILE F CG2 1 
ATOM   494 C CD1 . ILE F 1 8  ? -14.528 4.104   -7.733  1.00 36.31 ? 35  ILE F CD1 1 
ATOM   495 N N   . LYS F 1 9  ? -12.515 9.692   -7.534  1.00 31.90 ? 36  LYS F N   1 
ATOM   496 C CA  . LYS F 1 9  ? -12.610 11.054  -8.056  1.00 34.14 ? 36  LYS F CA  1 
ATOM   497 C C   . LYS F 1 9  ? -13.663 11.115  -9.171  1.00 37.74 ? 36  LYS F C   1 
ATOM   498 O O   . LYS F 1 9  ? -13.803 10.163  -9.940  1.00 36.92 ? 36  LYS F O   1 
ATOM   499 C CB  . LYS F 1 9  ? -11.245 11.562  -8.565  1.00 39.46 ? 36  LYS F CB  1 
ATOM   500 C CG  . LYS F 1 9  ? -10.617 10.722  -9.684  1.00 59.93 ? 36  LYS F CG  1 
ATOM   501 C CD  . LYS F 1 9  ? -9.516  11.454  -10.448 1.00 67.80 ? 36  LYS F CD  1 
ATOM   502 C CE  . LYS F 1 9  ? -8.647  10.503  -11.242 1.00 72.39 ? 36  LYS F CE  1 
ATOM   503 N NZ  . LYS F 1 9  ? -9.376  9.787   -12.328 1.00 81.76 ? 36  LYS F NZ  1 
ATOM   504 N N   . GLY F 1 10 ? -14.418 12.204  -9.205  1.00 35.64 ? 37  GLY F N   1 
ATOM   505 C CA  . GLY F 1 10 ? -15.418 12.431  -10.241 1.00 35.73 ? 37  GLY F CA  1 
ATOM   506 C C   . GLY F 1 10 ? -16.774 11.800  -10.004 1.00 40.50 ? 37  GLY F C   1 
ATOM   507 O O   . GLY F 1 10 ? -17.717 12.075  -10.741 1.00 41.87 ? 37  GLY F O   1 
ATOM   508 N N   . LEU F 1 11 ? -16.897 10.947  -8.993  1.00 36.17 ? 38  LEU F N   1 
ATOM   509 C CA  . LEU F 1 11 ? -18.166 10.279  -8.730  1.00 36.02 ? 38  LEU F CA  1 
ATOM   510 C C   . LEU F 1 11 ? -18.806 10.743  -7.429  1.00 29.74 ? 38  LEU F C   1 
ATOM   511 O O   . LEU F 1 11 ? -18.115 11.380  -6.617  1.00 38.58 ? 38  LEU F O   1 
ATOM   512 C CB  . LEU F 1 11 ? -17.958 8.757   -8.747  1.00 35.20 ? 38  LEU F CB  1 
ATOM   513 C CG  . LEU F 1 11 ? -17.268 8.168   -9.988  1.00 39.53 ? 38  LEU F CG  1 
ATOM   514 C CD1 . LEU F 1 11 ? -17.218 6.670   -9.906  1.00 38.70 ? 38  LEU F CD1 1 
ATOM   515 C CD2 . LEU F 1 11 ? -17.994 8.560   -11.268 1.00 41.27 ? 38  LEU F CD2 1 
ATOM   516 O OXT . LEU F 1 11 ? -19.988 10.459  -7.198  1.00 31.58 ? 38  LEU F OXT 1 
ATOM   517 N N   . LYS G 1 1  ? -20.940 10.382  -4.384  1.00 28.54 ? 28  LYS G N   1 
ATOM   518 C CA  . LYS G 1 1  ? -19.636 10.031  -3.816  1.00 26.30 ? 28  LYS G CA  1 
ATOM   519 C C   . LYS G 1 1  ? -19.519 8.517   -3.774  1.00 29.00 ? 28  LYS G C   1 
ATOM   520 O O   . LYS G 1 1  ? -20.435 7.839   -3.318  1.00 29.08 ? 28  LYS G O   1 
ATOM   521 C CB  . LYS G 1 1  ? -19.500 10.618  -2.405  1.00 28.82 ? 28  LYS G CB  1 
ATOM   522 C CG  . LYS G 1 1  ? -18.202 10.214  -1.673  1.00 42.25 ? 28  LYS G CG  1 
ATOM   523 C CD  . LYS G 1 1  ? -17.766 11.316  -0.732  1.00 53.22 ? 28  LYS G CD  1 
ATOM   524 C CE  . LYS G 1 1  ? -16.265 11.425  -0.592  1.00 64.33 ? 28  LYS G CE  1 
ATOM   525 N NZ  . LYS G 1 1  ? -15.865 12.561  0.277   1.00 74.42 ? 28  LYS G NZ  1 
ATOM   526 N N   . VAL G 1 2  ? -18.401 7.995   -4.244  1.00 23.64 ? 29  VAL G N   1 
ATOM   527 C CA  . VAL G 1 2  ? -18.142 6.571   -4.287  1.00 22.39 ? 29  VAL G CA  1 
ATOM   528 C C   . VAL G 1 2  ? -16.909 6.269   -3.431  1.00 24.64 ? 29  VAL G C   1 
ATOM   529 O O   . VAL G 1 2  ? -15.801 6.596   -3.811  1.00 23.76 ? 29  VAL G O   1 
ATOM   530 C CB  . VAL G 1 2  ? -18.014 6.060   -5.731  1.00 25.64 ? 29  VAL G CB  1 
ATOM   531 C CG1 . VAL G 1 2  ? -17.608 4.593   -5.741  1.00 26.04 ? 29  VAL G CG1 1 
ATOM   532 C CG2 . VAL G 1 2  ? -19.313 6.257   -6.500  1.00 24.57 ? 29  VAL G CG2 1 
ATOM   533 N N   . LYS G 1 3  ? -17.112 5.669   -2.281  1.00 21.85 ? 30  LYS G N   1 
ATOM   534 C CA  . LYS G 1 3  ? -16.024 5.343   -1.353  1.00 21.42 ? 30  LYS G CA  1 
ATOM   535 C C   . LYS G 1 3  ? -15.253 4.098   -1.766  1.00 24.34 ? 30  LYS G C   1 
ATOM   536 O O   . LYS G 1 3  ? -15.806 3.196   -2.381  1.00 21.60 ? 30  LYS G O   1 
ATOM   537 C CB  . LYS G 1 3  ? -16.586 5.152   0.061   1.00 25.55 ? 30  LYS G CB  1 
ATOM   538 C CG  . LYS G 1 3  ? -15.576 5.428   1.190   1.00 32.32 ? 30  LYS G CG  1 
ATOM   539 C CD  . LYS G 1 3  ? -15.336 6.970   1.364   1.00 37.19 ? 30  LYS G CD  1 
ATOM   540 C CE  . LYS G 1 3  ? -16.253 7.659   2.327   1.00 49.42 ? 30  LYS G CE  1 
ATOM   541 N NZ  . LYS G 1 3  ? -16.472 9.078   1.954   1.00 66.66 ? 30  LYS G NZ  1 
ATOM   542 N N   . VAL G 1 4  ? -13.969 4.033   -1.380  1.00 22.13 ? 31  VAL G N   1 
ATOM   543 C CA  . VAL G 1 4  ? -13.086 2.918   -1.675  1.00 21.41 ? 31  VAL G CA  1 
ATOM   544 C C   . VAL G 1 4  ? -12.365 2.699   -0.404  1.00 25.24 ? 31  VAL G C   1 
ATOM   545 O O   . VAL G 1 4  ? -11.839 3.655   0.169   1.00 25.29 ? 31  VAL G O   1 
ATOM   546 C CB  . VAL G 1 4  ? -12.095 3.240   -2.817  1.00 24.55 ? 31  VAL G CB  1 
ATOM   547 C CG1 . VAL G 1 4  ? -11.152 2.071   -3.073  1.00 24.12 ? 31  VAL G CG1 1 
ATOM   548 C CG2 . VAL G 1 4  ? -12.819 3.607   -4.092  1.00 24.27 ? 31  VAL G CG2 1 
ATOM   549 N N   . TRP G 1 5  ? -12.338 1.463   0.055   1.00 22.04 ? 32  TRP G N   1 
ATOM   550 C CA  . TRP G 1 5  ? -11.693 1.179   1.313   1.00 22.44 ? 32  TRP G CA  1 
ATOM   551 C C   . TRP G 1 5  ? -11.362 -0.285  1.418   1.00 24.95 ? 32  TRP G C   1 
ATOM   552 O O   . TRP G 1 5  ? -11.953 -1.116  0.734   1.00 24.46 ? 32  TRP G O   1 
ATOM   553 C CB  . TRP G 1 5  ? -12.622 1.613   2.472   1.00 22.00 ? 32  TRP G CB  1 
ATOM   554 C CG  . TRP G 1 5  ? -13.777 0.703   2.664   1.00 22.85 ? 32  TRP G CG  1 
ATOM   555 C CD1 . TRP G 1 5  ? -13.870 -0.311  3.567   1.00 25.94 ? 32  TRP G CD1 1 
ATOM   556 C CD2 . TRP G 1 5  ? -14.991 0.683   1.907   1.00 22.36 ? 32  TRP G CD2 1 
ATOM   557 N NE1 . TRP G 1 5  ? -15.038 -0.996  3.384   1.00 24.89 ? 32  TRP G NE1 1 
ATOM   558 C CE2 . TRP G 1 5  ? -15.775 -0.372  2.411   1.00 26.57 ? 32  TRP G CE2 1 
ATOM   559 C CE3 . TRP G 1 5  ? -15.483 1.442   0.830   1.00 23.23 ? 32  TRP G CE3 1 
ATOM   560 C CZ2 . TRP G 1 5  ? -17.021 -0.700  1.874   1.00 25.63 ? 32  TRP G CZ2 1 
ATOM   561 C CZ3 . TRP G 1 5  ? -16.706 1.103   0.285   1.00 24.82 ? 32  TRP G CZ3 1 
ATOM   562 C CH2 . TRP G 1 5  ? -17.479 0.071   0.835   1.00 26.35 ? 32  TRP G CH2 1 
ATOM   563 N N   . GLY G 1 6  ? -10.462 -0.601  2.321   1.00 20.56 ? 33  GLY G N   1 
ATOM   564 C CA  . GLY G 1 6  ? -10.130 -1.990  2.555   1.00 20.04 ? 33  GLY G CA  1 
ATOM   565 C C   . GLY G 1 6  ? -8.661  -2.168  2.738   1.00 25.75 ? 33  GLY G C   1 
ATOM   566 O O   . GLY G 1 6  ? -8.001  -1.305  3.313   1.00 24.12 ? 33  GLY G O   1 
ATOM   567 N N   . SER G 1 7  ? -8.170  -3.311  2.312   1.00 24.39 ? 34  SER G N   1 
ATOM   568 C CA  . SER G 1 7  ? -6.763  -3.636  2.434   1.00 24.28 ? 34  SER G CA  1 
ATOM   569 C C   . SER G 1 7  ? -6.305  -4.423  1.233   1.00 29.31 ? 34  SER G C   1 
ATOM   570 O O   . SER G 1 7  ? -7.107  -5.083  0.582   1.00 28.41 ? 34  SER G O   1 
ATOM   571 C CB  . SER G 1 7  ? -6.484  -4.395  3.729   1.00 25.53 ? 34  SER G CB  1 
ATOM   572 O OG  . SER G 1 7  ? -7.281  -5.558  3.775   1.00 34.30 ? 34  SER G OG  1 
ATOM   573 N N   . ILE G 1 8  ? -5.029  -4.315  0.906   1.00 27.85 ? 35  ILE G N   1 
ATOM   574 C CA  . ILE G 1 8  ? -4.500  -5.030  -0.245  1.00 29.01 ? 35  ILE G CA  1 
ATOM   575 C C   . ILE G 1 8  ? -4.121  -6.428  0.186   1.00 33.10 ? 35  ILE G C   1 
ATOM   576 O O   . ILE G 1 8  ? -3.325  -6.596  1.106   1.00 31.39 ? 35  ILE G O   1 
ATOM   577 C CB  . ILE G 1 8  ? -3.326  -4.253  -0.879  1.00 30.68 ? 35  ILE G CB  1 
ATOM   578 C CG1 . ILE G 1 8  ? -3.844  -2.892  -1.393  1.00 30.60 ? 35  ILE G CG1 1 
ATOM   579 C CG2 . ILE G 1 8  ? -2.636  -5.085  -2.001  1.00 30.51 ? 35  ILE G CG2 1 
ATOM   580 C CD1 . ILE G 1 8  ? -2.819  -1.903  -1.520  1.00 34.41 ? 35  ILE G CD1 1 
ATOM   581 N N   . LYS G 1 9  ? -4.703  -7.425  -0.473  1.00 33.37 ? 36  LYS G N   1 
ATOM   582 C CA  . LYS G 1 9  ? -4.427  -8.833  -0.201  1.00 35.43 ? 36  LYS G CA  1 
ATOM   583 C C   . LYS G 1 9  ? -2.925  -9.174  -0.291  1.00 38.31 ? 36  LYS G C   1 
ATOM   584 O O   . LYS G 1 9  ? -2.222  -8.656  -1.151  1.00 38.21 ? 36  LYS G O   1 
ATOM   585 C CB  . LYS G 1 9  ? -5.245  -9.748  -1.135  1.00 41.20 ? 36  LYS G CB  1 
ATOM   586 C CG  . LYS G 1 9  ? -4.898  -9.650  -2.626  1.00 63.10 ? 36  LYS G CG  1 
ATOM   587 C CD  . LYS G 1 9  ? -5.498  -10.790 -3.435  1.00 74.45 ? 36  LYS G CD  1 
ATOM   588 C CE  . LYS G 1 9  ? -5.207  -10.636 -4.910  1.00 83.65 ? 36  LYS G CE  1 
ATOM   589 N NZ  . LYS G 1 9  ? -5.969  -11.614 -5.727  1.00 94.14 ? 36  LYS G NZ  1 
ATOM   590 N N   . GLY G 1 10 ? -2.466  -10.021 0.610   1.00 37.36 ? 37  GLY G N   1 
ATOM   591 C CA  . GLY G 1 10 ? -1.094  -10.518 0.650   1.00 37.77 ? 37  GLY G CA  1 
ATOM   592 C C   . GLY G 1 10 ? -0.085  -9.617  1.327   1.00 43.22 ? 37  GLY G C   1 
ATOM   593 O O   . GLY G 1 10 ? 1.077   -10.003 1.481   1.00 44.53 ? 37  GLY G O   1 
ATOM   594 N N   . LEU G 1 11 ? -0.510  -8.429  1.763   1.00 38.41 ? 38  LEU G N   1 
ATOM   595 C CA  . LEU G 1 11 ? 0.368   -7.459  2.408   1.00 37.65 ? 38  LEU G CA  1 
ATOM   596 C C   . LEU G 1 11 ? 0.037   -7.252  3.864   1.00 34.37 ? 38  LEU G C   1 
ATOM   597 O O   . LEU G 1 11 ? -1.100  -7.548  4.258   1.00 34.55 ? 38  LEU G O   1 
ATOM   598 C CB  . LEU G 1 11 ? 0.281   -6.138  1.660   1.00 36.79 ? 38  LEU G CB  1 
ATOM   599 C CG  . LEU G 1 11 ? 0.834   -6.137  0.248   1.00 41.13 ? 38  LEU G CG  1 
ATOM   600 C CD1 . LEU G 1 11 ? 0.608   -4.802  -0.396  1.00 39.61 ? 38  LEU G CD1 1 
ATOM   601 C CD2 . LEU G 1 11 ? 2.325   -6.490  0.244   1.00 42.91 ? 38  LEU G CD2 1 
ATOM   602 O OXT . LEU G 1 11 ? 0.903   -6.764  4.608   1.00 45.91 ? 38  LEU G OXT 1 
ATOM   603 N N   . LYS H 1 1  ? -8.627  -6.995  0.186   1.00 31.93 ? 28  LYS H N   1 
ATOM   604 C CA  . LYS H 1 1  ? -9.823  -6.689  -0.601  1.00 30.35 ? 28  LYS H CA  1 
ATOM   605 C C   . LYS H 1 1  ? -10.116 -5.206  -0.501  1.00 31.40 ? 28  LYS H C   1 
ATOM   606 O O   . LYS H 1 1  ? -10.160 -4.648  0.604   1.00 28.97 ? 28  LYS H O   1 
ATOM   607 C CB  . LYS H 1 1  ? -11.018 -7.498  -0.095  1.00 34.13 ? 28  LYS H CB  1 
ATOM   608 C CG  . LYS H 1 1  ? -12.347 -7.146  -0.769  1.00 46.50 ? 28  LYS H CG  1 
ATOM   609 C CD  . LYS H 1 1  ? -13.227 -8.360  -0.831  1.00 62.72 ? 28  LYS H CD  1 
ATOM   610 C CE  . LYS H 1 1  ? -14.586 -8.028  -1.375  1.00 82.20 ? 28  LYS H CE  1 
ATOM   611 N NZ  . LYS H 1 1  ? -15.384 -9.262  -1.613  1.00 96.39 ? 28  LYS H NZ  1 
ATOM   612 N N   . VAL H 1 2  ? -10.336 -4.566  -1.663  1.00 26.82 ? 29  VAL H N   1 
ATOM   613 C CA  . VAL H 1 2  ? -10.622 -3.153  -1.692  1.00 24.73 ? 29  VAL H CA  1 
ATOM   614 C C   . VAL H 1 2  ? -12.019 -2.918  -2.236  1.00 28.09 ? 29  VAL H C   1 
ATOM   615 O O   . VAL H 1 2  ? -12.264 -3.068  -3.428  1.00 27.88 ? 29  VAL H O   1 
ATOM   616 C CB  . VAL H 1 2  ? -9.535  -2.350  -2.415  1.00 26.48 ? 29  VAL H CB  1 
ATOM   617 C CG1 . VAL H 1 2  ? -9.890  -0.880  -2.426  1.00 25.01 ? 29  VAL H CG1 1 
ATOM   618 C CG2 . VAL H 1 2  ? -8.173  -2.569  -1.761  1.00 25.54 ? 29  VAL H CG2 1 
ATOM   619 N N   . LYS H 1 3  ? -12.918 -2.538  -1.348  1.00 22.59 ? 30  LYS H N   1 
ATOM   620 C CA  . LYS H 1 3  ? -14.322 -2.355  -1.646  1.00 23.22 ? 30  LYS H CA  1 
ATOM   621 C C   . LYS H 1 3  ? -14.588 -0.984  -2.185  1.00 24.96 ? 30  LYS H C   1 
ATOM   622 O O   . LYS H 1 3  ? -13.848 -0.051  -1.912  1.00 23.10 ? 30  LYS H O   1 
ATOM   623 C CB  . LYS H 1 3  ? -15.152 -2.614  -0.405  1.00 27.71 ? 30  LYS H CB  1 
ATOM   624 C CG  . LYS H 1 3  ? -15.102 -4.043  0.083   1.00 37.36 ? 30  LYS H CG  1 
ATOM   625 C CD  . LYS H 1 3  ? -15.561 -4.089  1.529   1.00 54.06 ? 30  LYS H CD  1 
ATOM   626 C CE  . LYS H 1 3  ? -15.684 -5.482  2.076   1.00 60.70 ? 30  LYS H CE  1 
ATOM   627 N NZ  . LYS H 1 3  ? -16.579 -5.494  3.261   1.00 67.92 ? 30  LYS H NZ  1 
ATOM   628 N N   . VAL H 1 4  ? -15.627 -0.874  -3.000  1.00 21.55 ? 31  VAL H N   1 
ATOM   629 C CA  . VAL H 1 4  ? -16.018 0.360   -3.658  1.00 19.72 ? 31  VAL H CA  1 
ATOM   630 C C   . VAL H 1 4  ? -17.517 0.478   -3.492  1.00 25.00 ? 31  VAL H C   1 
ATOM   631 O O   . VAL H 1 4  ? -18.223 -0.499  -3.704  1.00 26.35 ? 31  VAL H O   1 
ATOM   632 C CB  . VAL H 1 4  ? -15.610 0.318   -5.142  1.00 22.25 ? 31  VAL H CB  1 
ATOM   633 C CG1 . VAL H 1 4  ? -16.133 1.534   -5.883  1.00 21.58 ? 31  VAL H CG1 1 
ATOM   634 C CG2 . VAL H 1 4  ? -14.092 0.193   -5.282  1.00 20.88 ? 31  VAL H CG2 1 
ATOM   635 N N   . TRP H 1 5  ? -17.998 1.649   -3.073  1.00 21.43 ? 32  TRP H N   1 
ATOM   636 C CA  . TRP H 1 5  ? -19.415 1.828   -2.831  1.00 22.87 ? 32  TRP H CA  1 
ATOM   637 C C   . TRP H 1 5  ? -19.834 3.255   -2.778  1.00 23.60 ? 32  TRP H C   1 
ATOM   638 O O   . TRP H 1 5  ? -19.216 4.053   -2.095  1.00 22.18 ? 32  TRP H O   1 
ATOM   639 C CB  . TRP H 1 5  ? -19.803 1.177   -1.487  1.00 24.19 ? 32  TRP H CB  1 
ATOM   640 C CG  . TRP H 1 5  ? -21.223 1.452   -1.112  1.00 27.69 ? 32  TRP H CG  1 
ATOM   641 C CD1 . TRP H 1 5  ? -22.334 0.969   -1.727  1.00 31.14 ? 32  TRP H CD1 1 
ATOM   642 C CD2 . TRP H 1 5  ? -21.680 2.405   -0.147  1.00 28.85 ? 32  TRP H CD2 1 
ATOM   643 N NE1 . TRP H 1 5  ? -23.459 1.520   -1.167  1.00 32.32 ? 32  TRP H NE1 1 
ATOM   644 C CE2 . TRP H 1 5  ? -23.088 2.385   -0.176  1.00 33.87 ? 32  TRP H CE2 1 
ATOM   645 C CE3 . TRP H 1 5  ? -21.036 3.203   0.813   1.00 30.90 ? 32  TRP H CE3 1 
ATOM   646 C CZ2 . TRP H 1 5  ? -23.865 3.174   0.671   1.00 34.82 ? 32  TRP H CZ2 1 
ATOM   647 C CZ3 . TRP H 1 5  ? -21.811 3.977   1.664   1.00 33.67 ? 32  TRP H CZ3 1 
ATOM   648 C CH2 . TRP H 1 5  ? -23.205 3.971   1.576   1.00 34.95 ? 32  TRP H CH2 1 
ATOM   649 N N   . GLY H 1 6  ? -20.946 3.558   -3.427  1.00 20.14 ? 33  GLY H N   1 
ATOM   650 C CA  . GLY H 1 6  ? -21.556 4.866   -3.313  1.00 19.31 ? 33  GLY H CA  1 
ATOM   651 C C   . GLY H 1 6  ? -22.520 5.084   -4.439  1.00 24.92 ? 33  GLY H C   1 
ATOM   652 O O   . GLY H 1 6  ? -23.113 4.145   -4.974  1.00 24.53 ? 33  GLY H O   1 
ATOM   653 N N   . SER H 1 7  ? -22.635 6.323   -4.833  1.00 22.79 ? 34  SER H N   1 
ATOM   654 C CA  . SER H 1 7  ? -23.501 6.683   -5.939  1.00 23.95 ? 34  SER H CA  1 
ATOM   655 C C   . SER H 1 7  ? -22.816 7.772   -6.711  1.00 29.45 ? 34  SER H C   1 
ATOM   656 O O   . SER H 1 7  ? -21.961 8.467   -6.161  1.00 29.30 ? 34  SER H O   1 
ATOM   657 C CB  . SER H 1 7  ? -24.882 7.113   -5.446  1.00 27.63 ? 34  SER H CB  1 
ATOM   658 O OG  . SER H 1 7  ? -24.778 8.204   -4.549  1.00 36.58 ? 34  SER H OG  1 
ATOM   659 N N   . ILE H 1 8  ? -23.119 7.874   -8.001  1.00 27.44 ? 35  ILE H N   1 
ATOM   660 C CA  . ILE H 1 8  ? -22.503 8.884   -8.834  1.00 28.44 ? 35  ILE H CA  1 
ATOM   661 C C   . ILE H 1 8  ? -23.160 10.217  -8.533  1.00 32.50 ? 35  ILE H C   1 
ATOM   662 O O   . ILE H 1 8  ? -24.374 10.357  -8.713  1.00 30.97 ? 35  ILE H O   1 
ATOM   663 C CB  . ILE H 1 8  ? -22.592 8.510   -10.332 1.00 31.68 ? 35  ILE H CB  1 
ATOM   664 C CG1 . ILE H 1 8  ? -21.915 7.164   -10.583 1.00 31.76 ? 35  ILE H CG1 1 
ATOM   665 C CG2 . ILE H 1 8  ? -21.982 9.617   -11.193 1.00 33.13 ? 35  ILE H CG2 1 
ATOM   666 C CD1 . ILE H 1 8  ? -22.093 6.605   -11.970 1.00 36.67 ? 35  ILE H CD1 1 
ATOM   667 N N   . LYS H 1 9  ? -22.369 11.201  -8.094  1.00 30.82 ? 36  LYS H N   1 
ATOM   668 C CA  . LYS H 1 9  ? -22.888 12.548  -7.817  1.00 32.51 ? 36  LYS H CA  1 
ATOM   669 C C   . LYS H 1 9  ? -23.620 13.101  -9.043  1.00 36.44 ? 36  LYS H C   1 
ATOM   670 O O   . LYS H 1 9  ? -23.205 12.844  -10.180 1.00 36.55 ? 36  LYS H O   1 
ATOM   671 C CB  . LYS H 1 9  ? -21.755 13.505  -7.391  1.00 37.22 ? 36  LYS H CB  1 
ATOM   672 C CG  . LYS H 1 9  ? -20.659 13.749  -8.426  1.00 56.37 ? 36  LYS H CG  1 
ATOM   673 C CD  . LYS H 1 9  ? -19.755 14.898  -8.005  1.00 64.45 ? 36  LYS H CD  1 
ATOM   674 C CE  . LYS H 1 9  ? -18.659 15.150  -9.013  1.00 67.41 ? 36  LYS H CE  1 
ATOM   675 N NZ  . LYS H 1 9  ? -17.880 16.369  -8.681  1.00 75.24 ? 36  LYS H NZ  1 
ATOM   676 N N   . GLY H 1 10 ? -24.713 13.819  -8.793  1.00 33.37 ? 37  GLY H N   1 
ATOM   677 C CA  . GLY H 1 10 ? -25.500 14.478  -9.824  1.00 34.29 ? 37  GLY H CA  1 
ATOM   678 C C   . GLY H 1 10 ? -26.479 13.602  -10.574 1.00 39.97 ? 37  GLY H C   1 
ATOM   679 O O   . GLY H 1 10 ? -27.261 14.111  -11.375 1.00 41.34 ? 37  GLY H O   1 
ATOM   680 N N   . LEU H 1 11 ? -26.451 12.282  -10.344 1.00 36.23 ? 38  LEU H N   1 
ATOM   681 C CA  . LEU H 1 11 ? -27.364 11.387  -11.059 1.00 35.38 ? 38  LEU H CA  1 
ATOM   682 C C   . LEU H 1 11 ? -28.416 10.797  -10.146 1.00 31.04 ? 38  LEU H C   1 
ATOM   683 O O   . LEU H 1 11 ? -28.246 10.891  -8.920  1.00 33.44 ? 38  LEU H O   1 
ATOM   684 C CB  . LEU H 1 11 ? -26.571 10.294  -11.780 1.00 34.84 ? 38  LEU H CB  1 
ATOM   685 C CG  . LEU H 1 11 ? -25.451 10.766  -12.725 1.00 38.83 ? 38  LEU H CG  1 
ATOM   686 C CD1 . LEU H 1 11 ? -24.843 9.597   -13.454 1.00 37.89 ? 38  LEU H CD1 1 
ATOM   687 C CD2 . LEU H 1 11 ? -25.965 11.765  -13.755 1.00 39.99 ? 38  LEU H CD2 1 
ATOM   688 O OXT . LEU H 1 11 ? -29.412 10.254  -10.653 1.00 35.65 ? 38  LEU H OXT 1 
HETATM 689 O O   . HOH I 2 .  ? 26.158  -10.984 7.029   1.00 31.60 ? 101 HOH A O   1 
HETATM 690 O O   . HOH I 2 .  ? 6.997   -5.045  -10.242 1.00 48.38 ? 102 HOH A O   1 
HETATM 691 O O   . HOH I 2 .  ? 30.154  -10.348 7.898   1.00 69.94 ? 103 HOH A O   1 
HETATM 692 O O   . HOH I 2 .  ? -8.354  -9.630  0.273   1.00 54.23 ? 104 HOH A O   1 
HETATM 693 O O   . HOH J 2 .  ? 2.682   2.258   -6.845  1.00 28.78 ? 101 HOH B O   1 
HETATM 694 O O   . HOH J 2 .  ? 1.631   5.053   -9.620  1.00 47.00 ? 102 HOH B O   1 
HETATM 695 O O   . HOH K 2 .  ? 17.056  -6.051  8.544   1.00 29.65 ? 101 HOH C O   1 
HETATM 696 O O   . HOH K 2 .  ? 19.984  -12.196 11.907  1.00 60.81 ? 102 HOH C O   1 
HETATM 697 O O   . HOH K 2 .  ? 19.997  -5.299  11.459  1.00 45.96 ? 103 HOH C O   1 
HETATM 698 O O   . HOH K 2 .  ? 0.329   7.280   -9.080  1.00 48.53 ? 104 HOH C O   1 
HETATM 699 O O   . HOH K 2 .  ? 16.583  -3.436  10.776  1.00 56.81 ? 105 HOH C O   1 
HETATM 700 O O   . HOH K 2 .  ? 2.618   8.514   -3.044  1.00 49.09 ? 106 HOH C O   1 
HETATM 701 O O   . HOH K 2 .  ? 11.067  8.640   -2.850  1.00 64.28 ? 107 HOH C O   1 
HETATM 702 O O   . HOH L 2 .  ? -6.240  7.915   -5.528  1.00 32.47 ? 101 HOH D O   1 
HETATM 703 O O   . HOH L 2 .  ? 10.582  -4.702  12.767  1.00 57.26 ? 102 HOH D O   1 
HETATM 704 O O   . HOH L 2 .  ? -1.966  10.420  3.679   1.00 33.98 ? 103 HOH D O   1 
HETATM 705 O O   . HOH L 2 .  ? 1.663   4.654   6.312   1.00 55.74 ? 104 HOH D O   1 
HETATM 706 O O   . HOH M 2 .  ? 6.437   -4.758  8.132   1.00 27.06 ? 101 HOH E O   1 
HETATM 707 O O   . HOH M 2 .  ? 8.231   -5.586  11.785  1.00 46.65 ? 102 HOH E O   1 
HETATM 708 O O   . HOH M 2 .  ? 1.299   -0.747  9.932   1.00 66.20 ? 103 HOH E O   1 
HETATM 709 O O   . HOH M 2 .  ? 6.396   -8.200  11.032  1.00 49.34 ? 104 HOH E O   1 
HETATM 710 O O   . HOH N 2 .  ? -16.608 9.649   -5.326  1.00 31.39 ? 101 HOH F O   1 
HETATM 711 O O   . HOH N 2 .  ? -8.552  9.140   1.625   1.00 36.92 ? 102 HOH F O   1 
HETATM 712 O O   . HOH N 2 .  ? -0.394  -7.613  8.620   1.00 55.71 ? 103 HOH F O   1 
HETATM 713 O O   . HOH N 2 .  ? -9.149  -2.309  9.025   1.00 34.17 ? 104 HOH F O   1 
HETATM 714 O O   . HOH O 2 .  ? -2.868  -5.827  3.655   1.00 28.79 ? 101 HOH G O   1 
HETATM 715 O O   . HOH O 2 .  ? -21.949 12.847  -3.996  1.00 48.20 ? 102 HOH G O   1 
HETATM 716 O O   . HOH O 2 .  ? -2.296  -9.950  3.743   1.00 54.70 ? 103 HOH G O   1 
HETATM 717 O O   . HOH O 2 .  ? -21.816 7.537   -0.742  1.00 54.60 ? 104 HOH G O   1 
HETATM 718 O O   . HOH P 2 .  ? -26.579 9.077   -8.004  1.00 30.88 ? 101 HOH H O   1 
HETATM 719 O O   . HOH P 2 .  ? -19.894 5.824   -0.072  1.00 31.73 ? 102 HOH H O   1 
HETATM 720 O O   . HOH P 2 .  ? -26.319 1.315   -1.738  1.00 55.92 ? 103 HOH H O   1 
HETATM 721 O O   . HOH P 2 .  ? -11.478 -5.180  3.265   1.00 59.53 ? 104 HOH H O   1 
HETATM 722 O O   . HOH P 2 .  ? -19.152 -2.965  -2.189  1.00 49.60 ? 105 HOH H O   1 
# 
loop_
_atom_site_anisotrop.id 
_atom_site_anisotrop.type_symbol 
_atom_site_anisotrop.pdbx_label_atom_id 
_atom_site_anisotrop.pdbx_label_alt_id 
_atom_site_anisotrop.pdbx_label_comp_id 
_atom_site_anisotrop.pdbx_label_asym_id 
_atom_site_anisotrop.pdbx_label_seq_id 
_atom_site_anisotrop.pdbx_PDB_ins_code 
_atom_site_anisotrop.U[1][1] 
_atom_site_anisotrop.U[2][2] 
_atom_site_anisotrop.U[3][3] 
_atom_site_anisotrop.U[1][2] 
_atom_site_anisotrop.U[1][3] 
_atom_site_anisotrop.U[2][3] 
_atom_site_anisotrop.pdbx_auth_seq_id 
_atom_site_anisotrop.pdbx_auth_comp_id 
_atom_site_anisotrop.pdbx_auth_asym_id 
_atom_site_anisotrop.pdbx_auth_atom_id 
1   N N   . LYS A 1  ? 0.2957 0.5339 0.3640 0.1154 -0.0699 0.0468  28  LYS A N   
2   C CA  . LYS A 1  ? 0.2725 0.5062 0.3441 0.1159 -0.0725 0.0348  28  LYS A CA  
3   C C   . LYS A 1  ? 0.2980 0.4905 0.3748 0.1037 -0.0704 0.0442  28  LYS A C   
4   O O   . LYS A 1  ? 0.3014 0.4882 0.3822 0.0980 -0.0652 0.0642  28  LYS A O   
5   C CB  . LYS A 1  ? 0.2956 0.5772 0.3644 0.1253 -0.0687 0.0401  28  LYS A CB  
6   C CG  . LYS A 1  ? 0.3232 0.6002 0.3960 0.1257 -0.0714 0.0277  28  LYS A CG  
7   C CD  . LYS A 1  ? 0.4927 0.8259 0.5617 0.1412 -0.0724 0.0172  28  LYS A CD  
8   C CE  . LYS A 1  ? 0.6712 1.0010 0.7452 0.1417 -0.0752 0.0055  28  LYS A CE  
9   N NZ  . LYS A 1  ? 0.8340 1.2261 0.9039 0.1560 -0.0724 0.0050  28  LYS A NZ  
10  N N   . VAL A 2  ? 0.2217 0.3880 0.3026 0.1009 -0.0756 0.0297  29  VAL A N   
11  C CA  . VAL A 2  ? 0.2030 0.3369 0.2870 0.0925 -0.0743 0.0362  29  VAL A CA  
12  C C   . VAL A 2  ? 0.2756 0.4110 0.3631 0.0939 -0.0765 0.0274  29  VAL A C   
13  O O   . VAL A 2  ? 0.2876 0.4191 0.3809 0.0967 -0.0831 0.0114  29  VAL A O   
14  C CB  . VAL A 2  ? 0.2244 0.3294 0.3105 0.0877 -0.0770 0.0340  29  VAL A CB  
15  C CG1 . VAL A 2  ? 0.2202 0.3025 0.3075 0.0827 -0.0761 0.0390  29  VAL A CG1 
16  C CG2 . VAL A 2  ? 0.2162 0.3212 0.2989 0.0865 -0.0748 0.0423  29  VAL A CG2 
17  N N   . LYS A 3  ? 0.2351 0.3758 0.3238 0.0921 -0.0721 0.0381  30  LYS A N   
18  C CA  . LYS A 3  ? 0.2177 0.3626 0.3095 0.0938 -0.0733 0.0312  30  LYS A CA  
19  C C   . LYS A 3  ? 0.2660 0.3776 0.3610 0.0884 -0.0763 0.0274  30  LYS A C   
20  O O   . LYS A 3  ? 0.2573 0.3478 0.3521 0.0838 -0.0755 0.0345  30  LYS A O   
21  C CB  . LYS A 3  ? 0.2322 0.4001 0.3283 0.0941 -0.0672 0.0472  30  LYS A CB  
22  C CG  . LYS A 3  ? 0.4754 0.6879 0.5686 0.1016 -0.0634 0.0552  30  LYS A CG  
23  C CD  . LYS A 3  ? 0.6272 0.8643 0.7319 0.1004 -0.0565 0.0801  30  LYS A CD  
24  C CE  . LYS A 3  ? 0.7722 1.0653 0.8738 0.1102 -0.0515 0.0919  30  LYS A CE  
25  N NZ  . LYS A 3  ? 0.8824 1.2089 0.9991 0.1107 -0.0446 0.1172  30  LYS A NZ  
26  N N   . VAL A 4  ? 0.2163 0.3276 0.3150 0.0907 -0.0805 0.0151  31  VAL A N   
27  C CA  . VAL A 4  ? 0.1992 0.2851 0.3018 0.0872 -0.0836 0.0125  31  VAL A CA  
28  C C   . VAL A 4  ? 0.2591 0.3534 0.3648 0.0891 -0.0839 0.0075  31  VAL A C   
29  O O   . VAL A 4  ? 0.2730 0.3907 0.3807 0.0949 -0.0862 -0.0028 31  VAL A O   
30  C CB  . VAL A 4  ? 0.2210 0.2949 0.3324 0.0877 -0.0907 0.0034  31  VAL A CB  
31  C CG1 . VAL A 4  ? 0.2025 0.2570 0.3193 0.0851 -0.0933 0.0055  31  VAL A CG1 
32  C CG2 . VAL A 4  ? 0.2050 0.2732 0.3153 0.0859 -0.0900 0.0093  31  VAL A CG2 
33  N N   . TRP A 5  ? 0.2422 0.3217 0.3489 0.0858 -0.0827 0.0130  32  TRP A N   
34  C CA  . TRP A 5  ? 0.2669 0.3532 0.3780 0.0872 -0.0831 0.0086  32  TRP A CA  
35  C C   . TRP A 5  ? 0.2743 0.3387 0.3878 0.0845 -0.0844 0.0105  32  TRP A C   
36  O O   . TRP A 5  ? 0.2691 0.3213 0.3820 0.0827 -0.0837 0.0170  32  TRP A O   
37  C CB  . TRP A 5  ? 0.2818 0.3966 0.3959 0.0886 -0.0772 0.0180  32  TRP A CB  
38  C CG  . TRP A 5  ? 0.3172 0.4240 0.4400 0.0838 -0.0738 0.0341  32  TRP A CG  
39  C CD1 . TRP A 5  ? 0.3581 0.4592 0.4938 0.0816 -0.0741 0.0382  32  TRP A CD1 
40  C CD2 . TRP A 5  ? 0.3266 0.4269 0.4522 0.0809 -0.0723 0.0453  32  TRP A CD2 
41  N NE1 . TRP A 5  ? 0.3627 0.4546 0.5130 0.0781 -0.0742 0.0501  32  TRP A NE1 
42  C CE2 . TRP A 5  ? 0.3814 0.4735 0.5258 0.0776 -0.0730 0.0549  32  TRP A CE2 
43  C CE3 . TRP A 5  ? 0.3517 0.4538 0.4693 0.0814 -0.0714 0.0472  32  TRP A CE3 
44  C CZ2 . TRP A 5  ? 0.3811 0.4658 0.5386 0.0752 -0.0742 0.0650  32  TRP A CZ2 
45  C CZ3 . TRP A 5  ? 0.3785 0.4739 0.5041 0.0783 -0.0708 0.0587  32  TRP A CZ3 
46  C CH2 . TRP A 5  ? 0.3922 0.4790 0.5386 0.0755 -0.0726 0.0671  32  TRP A CH2 
47  N N   . GLY A 6  ? 0.2097 0.2737 0.3271 0.0860 -0.0872 0.0028  33  GLY A N   
48  C CA  . GLY A 6  ? 0.1993 0.2477 0.3191 0.0853 -0.0891 0.0026  33  GLY A CA  
49  C C   . GLY A 6  ? 0.2610 0.3052 0.3838 0.0873 -0.0942 -0.0073 33  GLY A C   
50  O O   . GLY A 6  ? 0.2607 0.3177 0.3878 0.0895 -0.0963 -0.0161 33  GLY A O   
51  N N   . SER A 7  ? 0.2248 0.2547 0.3471 0.0881 -0.0970 -0.0068 34  SER A N   
52  C CA  . SER A 7  ? 0.2409 0.2652 0.3689 0.0899 -0.1025 -0.0128 34  SER A CA  
53  C C   . SER A 7  ? 0.3013 0.3167 0.4277 0.0915 -0.1048 -0.0050 34  SER A C   
54  O O   . SER A 7  ? 0.3103 0.3257 0.4284 0.0930 -0.1020 0.0014  34  SER A O   
55  C CB  . SER A 7  ? 0.2604 0.2860 0.3914 0.0910 -0.1030 -0.0186 34  SER A CB  
56  O OG  . SER A 7  ? 0.3917 0.4120 0.5206 0.0921 -0.1017 -0.0151 34  SER A OG  
57  N N   . ILE A 8  ? 0.2872 0.2991 0.4246 0.0922 -0.1104 -0.0043 35  ILE A N   
58  C CA  . ILE A 8  ? 0.2954 0.3064 0.4355 0.0944 -0.1119 0.0092  35  ILE A CA  
59  C C   . ILE A 8  ? 0.3697 0.3828 0.5017 0.0997 -0.1122 0.0093  35  ILE A C   
60  O O   . ILE A 8  ? 0.3592 0.3688 0.4970 0.1003 -0.1157 0.0017  35  ILE A O   
61  C CB  . ILE A 8  ? 0.3298 0.3378 0.4949 0.0924 -0.1194 0.0141  35  ILE A CB  
62  C CG1 . ILE A 8  ? 0.3437 0.3519 0.5195 0.0891 -0.1210 0.0097  35  ILE A CG1 
63  C CG2 . ILE A 8  ? 0.3224 0.3360 0.4947 0.0950 -0.1201 0.0358  35  ILE A CG2 
64  C CD1 . ILE A 8  ? 0.3691 0.3738 0.5779 0.0879 -0.1314 0.0088  35  ILE A CD1 
65  N N   . LYS A 9  ? 0.3535 0.3753 0.4733 0.1052 -0.1094 0.0157  36  LYS A N   
66  C CA  . LYS A 9  ? 0.3624 0.3926 0.4750 0.1139 -0.1114 0.0128  36  LYS A CA  
67  C C   . LYS A 9  ? 0.4471 0.4809 0.5692 0.1162 -0.1155 0.0221  36  LYS A C   
68  O O   . LYS A 9  ? 0.4593 0.4950 0.5950 0.1133 -0.1166 0.0379  36  LYS A O   
69  C CB  . LYS A 9  ? 0.3889 0.4367 0.4890 0.1230 -0.1098 0.0163  36  LYS A CB  
70  C CG  . LYS A 9  ? 0.5824 0.6458 0.6824 0.1253 -0.1073 0.0370  36  LYS A CG  
71  C CD  . LYS A 9  ? 0.6708 0.7617 0.7565 0.1386 -0.1064 0.0380  36  LYS A CD  
72  C CE  . LYS A 9  ? 0.7522 0.8658 0.8394 0.1414 -0.1027 0.0629  36  LYS A CE  
73  N NZ  . LYS A 9  ? 0.8696 1.0172 0.9412 0.1566 -0.1017 0.0616  36  LYS A NZ  
74  N N   . GLY A 10 ? 0.4198 0.4541 0.5399 0.1211 -0.1187 0.0129  37  GLY A N   
75  C CA  . GLY A 10 ? 0.4220 0.4612 0.5512 0.1244 -0.1232 0.0215  37  GLY A CA  
76  C C   . GLY A 10 ? 0.4826 0.5053 0.6315 0.1166 -0.1279 0.0175  37  GLY A C   
77  O O   . GLY A 10 ? 0.4917 0.5158 0.6518 0.1191 -0.1330 0.0225  37  GLY A O   
78  N N   . LEU A 11 ? 0.4180 0.4290 0.5728 0.1089 -0.1272 0.0076  38  LEU A N   
79  C CA  . LEU A 11 ? 0.3644 0.3659 0.5397 0.1044 -0.1337 -0.0012 38  LEU A CA  
80  C C   . LEU A 11 ? 0.4130 0.4117 0.5823 0.1033 -0.1326 -0.0216 38  LEU A C   
81  O O   . LEU A 11 ? 0.4066 0.4082 0.5601 0.1036 -0.1264 -0.0257 38  LEU A O   
82  C CB  . LEU A 11 ? 0.3463 0.3451 0.5398 0.0995 -0.1365 0.0022  38  LEU A CB  
83  C CG  . LEU A 11 ? 0.3910 0.3945 0.5982 0.0992 -0.1376 0.0259  38  LEU A CG  
84  C CD1 . LEU A 11 ? 0.3902 0.3887 0.6237 0.0944 -0.1433 0.0245  38  LEU A CD1 
85  C CD2 . LEU A 11 ? 0.4227 0.4305 0.6485 0.1023 -0.1432 0.0428  38  LEU A CD2 
86  O OXT . LEU A 11 ? 0.4896 0.4858 0.6739 0.1024 -0.1387 -0.0326 38  LEU A OXT 
87  N N   . LYS B 1  ? 0.3102 0.3310 0.4166 0.1025 -0.1016 0.0018  28  LYS B N   
88  C CA  . LYS B 1  ? 0.3036 0.3263 0.4078 0.1013 -0.0989 0.0049  28  LYS B CA  
89  C C   . LYS B 1  ? 0.3357 0.3559 0.4421 0.0935 -0.0952 0.0087  28  LYS B C   
90  O O   . LYS B 1  ? 0.3531 0.3741 0.4657 0.0903 -0.0942 0.0057  28  LYS B O   
91  C CB  . LYS B 1  ? 0.3224 0.3451 0.4350 0.1046 -0.1020 -0.0032 28  LYS B CB  
92  C CG  . LYS B 1  ? 0.3987 0.4227 0.5139 0.1032 -0.1007 -0.0001 28  LYS B CG  
93  C CD  . LYS B 1  ? 0.5899 0.6201 0.7110 0.1128 -0.1074 -0.0102 28  LYS B CD  
94  C CE  . LYS B 1  ? 0.8624 0.8933 0.9891 0.1117 -0.1075 -0.0080 28  LYS B CE  
95  N NZ  . LYS B 1  ? 1.0039 1.0484 1.1276 0.1241 -0.1135 -0.0186 28  LYS B NZ  
96  N N   . VAL B 2  ? 0.2781 0.3002 0.3806 0.0920 -0.0932 0.0154  29  VAL B N   
97  C CA  . VAL B 2  ? 0.2543 0.2783 0.3587 0.0872 -0.0909 0.0164  29  VAL B CA  
98  C C   . VAL B 2  ? 0.2830 0.3094 0.3841 0.0863 -0.0880 0.0210  29  VAL B C   
99  O O   . VAL B 2  ? 0.2878 0.3144 0.3844 0.0879 -0.0876 0.0255  29  VAL B O   
100 C CB  . VAL B 2  ? 0.2792 0.3028 0.3901 0.0860 -0.0937 0.0174  29  VAL B CB  
101 C CG1 . VAL B 2  ? 0.2600 0.2901 0.3737 0.0840 -0.0931 0.0139  29  VAL B CG1 
102 C CG2 . VAL B 2  ? 0.2751 0.2962 0.3948 0.0868 -0.0982 0.0115  29  VAL B CG2 
103 N N   . LYS B 3  ? 0.2512 0.2820 0.3569 0.0842 -0.0859 0.0217  30  LYS B N   
104 C CA  . LYS B 3  ? 0.2547 0.2877 0.3628 0.0831 -0.0842 0.0275  30  LYS B CA  
105 C C   . LYS B 3  ? 0.2905 0.3311 0.3934 0.0811 -0.0812 0.0313  30  LYS B C   
106 O O   . LYS B 3  ? 0.2625 0.3106 0.3641 0.0810 -0.0811 0.0275  30  LYS B O   
107 C CB  . LYS B 3  ? 0.2986 0.3357 0.4226 0.0815 -0.0842 0.0314  30  LYS B CB  
108 C CG  . LYS B 3  ? 0.4156 0.4444 0.5508 0.0848 -0.0899 0.0245  30  LYS B CG  
109 C CD  . LYS B 3  ? 0.5885 0.6209 0.7497 0.0822 -0.0915 0.0306  30  LYS B CD  
110 C CE  . LYS B 3  ? 0.7200 0.7442 0.8992 0.0867 -0.0998 0.0200  30  LYS B CE  
111 N NZ  . LYS B 3  ? 0.7948 0.8224 1.0077 0.0830 -0.1022 0.0282  30  LYS B NZ  
112 N N   . VAL B 4  ? 0.2447 0.2846 0.3464 0.0807 -0.0803 0.0361  31  VAL B N   
113 C CA  . VAL B 4  ? 0.2468 0.2941 0.3442 0.0796 -0.0780 0.0393  31  VAL B CA  
114 C C   . VAL B 4  ? 0.2980 0.3497 0.4018 0.0784 -0.0765 0.0479  31  VAL B C   
115 O O   . VAL B 4  ? 0.3007 0.3441 0.4116 0.0792 -0.0792 0.0482  31  VAL B O   
116 C CB  . VAL B 4  ? 0.2727 0.3134 0.3643 0.0803 -0.0792 0.0382  31  VAL B CB  
117 C CG1 . VAL B 4  ? 0.2470 0.2942 0.3372 0.0795 -0.0780 0.0400  31  VAL B CG1 
118 C CG2 . VAL B 4  ? 0.2580 0.2950 0.3524 0.0810 -0.0820 0.0342  31  VAL B CG2 
119 N N   . TRP B 5  ? 0.2892 0.3576 0.3935 0.0779 -0.0734 0.0542  32  TRP B N   
120 C CA  . TRP B 5  ? 0.3170 0.3938 0.4321 0.0764 -0.0718 0.0673  32  TRP B CA  
121 C C   . TRP B 5  ? 0.2942 0.3935 0.4020 0.0785 -0.0683 0.0721  32  TRP B C   
122 O O   . TRP B 5  ? 0.2664 0.3850 0.3677 0.0821 -0.0669 0.0676  32  TRP B O   
123 C CB  . TRP B 5  ? 0.3464 0.4307 0.4820 0.0748 -0.0716 0.0781  32  TRP B CB  
124 C CG  . TRP B 5  ? 0.4098 0.5089 0.5645 0.0728 -0.0701 0.0979  32  TRP B CG  
125 C CD1 . TRP B 5  ? 0.4552 0.5863 0.6123 0.0742 -0.0644 0.1140  32  TRP B CD1 
126 C CD2 . TRP B 5  ? 0.4341 0.5209 0.6098 0.0709 -0.0750 0.1041  32  TRP B CD2 
127 N NE1 . TRP B 5  ? 0.4710 0.6097 0.6510 0.0718 -0.0647 0.1343  32  TRP B NE1 
128 C CE2 . TRP B 5  ? 0.4975 0.6066 0.6917 0.0692 -0.0721 0.1275  32  TRP B CE2 
129 C CE3 . TRP B 5  ? 0.4723 0.5356 0.6557 0.0718 -0.0827 0.0916  32  TRP B CE3 
130 C CZ2 . TRP B 5  ? 0.5072 0.6102 0.7315 0.0667 -0.0776 0.1394  32  TRP B CZ2 
131 C CZ3 . TRP B 5  ? 0.5041 0.5631 0.7153 0.0709 -0.0889 0.0985  32  TRP B CZ3 
132 C CH2 . TRP B 5  ? 0.5179 0.5936 0.7516 0.0675 -0.0869 0.1226  32  TRP B CH2 
133 N N   . GLY B 6  ? 0.2141 0.3145 0.3247 0.0776 -0.0679 0.0803  33  GLY B N   
134 C CA  . GLY B 6  ? 0.2043 0.3305 0.3093 0.0809 -0.0648 0.0867  33  GLY B CA  
135 C C   . GLY B 6  ? 0.2593 0.3789 0.3631 0.0801 -0.0656 0.0896  33  GLY B C   
136 O O   . GLY B 6  ? 0.2648 0.3645 0.3778 0.0768 -0.0684 0.0916  33  GLY B O   
137 N N   . SER B 7  ? 0.2021 0.3423 0.2960 0.0846 -0.0643 0.0879  34  SER B N   
138 C CA  . SER B 7  ? 0.2218 0.3584 0.3132 0.0846 -0.0651 0.0895  34  SER B CA  
139 C C   . SER B 7  ? 0.2889 0.4348 0.3679 0.0900 -0.0671 0.0732  34  SER B C   
140 O O   . SER B 7  ? 0.2942 0.4594 0.3696 0.0957 -0.0682 0.0631  34  SER B O   
141 C CB  . SER B 7  ? 0.2450 0.4030 0.3473 0.0851 -0.0624 0.1112  34  SER B CB  
142 O OG  . SER B 7  ? 0.3961 0.5946 0.4939 0.0920 -0.0586 0.1178  34  SER B OG  
143 N N   . ILE B 8  ? 0.2575 0.3897 0.3344 0.0887 -0.0692 0.0684  35  ILE B N   
144 C CA  . ILE B 8  ? 0.2719 0.4093 0.3458 0.0931 -0.0733 0.0525  35  ILE B CA  
145 C C   . ILE B 8  ? 0.3469 0.5184 0.4162 0.1013 -0.0731 0.0533  35  ILE B C   
146 O O   . ILE B 8  ? 0.3486 0.5251 0.4171 0.1004 -0.0703 0.0668  35  ILE B O   
147 C CB  . ILE B 8  ? 0.3032 0.4158 0.3800 0.0886 -0.0753 0.0498  35  ILE B CB  
148 C CG1 . ILE B 8  ? 0.2927 0.3814 0.3723 0.0833 -0.0749 0.0512  35  ILE B CG1 
149 C CG2 . ILE B 8  ? 0.3102 0.4283 0.3935 0.0929 -0.0813 0.0345  35  ILE B CG2 
150 C CD1 . ILE B 8  ? 0.3875 0.4611 0.4695 0.0806 -0.0754 0.0527  35  ILE B CD1 
151 N N   . LYS B 9  ? 0.3222 0.5201 0.3905 0.1107 -0.0772 0.0375  36  LYS B N   
152 C CA  . LYS B 9  ? 0.3405 0.5813 0.4031 0.1227 -0.0782 0.0341  36  LYS B CA  
153 C C   . LYS B 9  ? 0.3941 0.6280 0.4571 0.1229 -0.0809 0.0311  36  LYS B C   
154 O O   . LYS B 9  ? 0.3907 0.5940 0.4622 0.1174 -0.0853 0.0212  36  LYS B O   
155 C CB  . LYS B 9  ? 0.3844 0.6558 0.4494 0.1360 -0.0859 0.0083  36  LYS B CB  
156 C CG  . LYS B 9  ? 0.6068 0.8551 0.6885 0.1362 -0.0975 -0.0182 36  LYS B CG  
157 C CD  . LYS B 9  ? 0.7472 1.0337 0.8379 0.1530 -0.1089 -0.0483 36  LYS B CD  
158 C CE  . LYS B 9  ? 0.8240 1.0866 0.9437 0.1529 -0.1233 -0.0737 36  LYS B CE  
159 N NZ  . LYS B 9  ? 0.8763 1.1730 1.0122 0.1698 -0.1376 -0.1072 36  LYS B NZ  
160 N N   . GLY B 10 ? 0.3850 0.6505 0.4411 0.1294 -0.0778 0.0424  37  GLY B N   
161 C CA  . GLY B 10 ? 0.3879 0.6536 0.4431 0.1314 -0.0802 0.0401  37  GLY B CA  
162 C C   . GLY B 10 ? 0.4517 0.6825 0.5096 0.1192 -0.0764 0.0573  37  GLY B C   
163 O O   . GLY B 10 ? 0.4532 0.6852 0.5105 0.1206 -0.0778 0.0575  37  GLY B O   
164 N N   . LEU B 11 ? 0.4019 0.6037 0.4644 0.1087 -0.0728 0.0688  38  LEU B N   
165 C CA  . LEU B 11 ? 0.3930 0.5659 0.4608 0.0999 -0.0715 0.0800  38  LEU B CA  
166 C C   . LEU B 11 ? 0.3979 0.5748 0.4751 0.0963 -0.0680 0.1041  38  LEU B C   
167 O O   . LEU B 11 ? 0.4351 0.6335 0.5150 0.0986 -0.0651 0.1147  38  LEU B O   
168 C CB  . LEU B 11 ? 0.3812 0.5192 0.4522 0.0929 -0.0731 0.0707  38  LEU B CB  
169 C CG  . LEU B 11 ? 0.4220 0.5531 0.4950 0.0944 -0.0775 0.0523  38  LEU B CG  
170 C CD1 . LEU B 11 ? 0.4190 0.5229 0.4969 0.0877 -0.0774 0.0521  38  LEU B CD1 
171 C CD2 . LEU B 11 ? 0.4394 0.5769 0.5142 0.0978 -0.0809 0.0456  38  LEU B CD2 
172 O OXT . LEU B 11 ? 0.4202 0.5799 0.5067 0.0916 -0.0691 0.1122  38  LEU B OXT 
173 N N   . LYS C 1  ? 0.2981 0.4400 0.4339 0.0813 -0.0724 0.1470  28  LYS C N   
174 C CA  . LYS C 1  ? 0.2824 0.4233 0.4147 0.0806 -0.0703 0.1422  28  LYS C CA  
175 C C   . LYS C 1  ? 0.2982 0.4078 0.4249 0.0782 -0.0736 0.1216  28  LYS C C   
176 O O   . LYS C 1  ? 0.2514 0.3427 0.3926 0.0765 -0.0791 0.1183  28  LYS C O   
177 C CB  . LYS C 1  ? 0.3268 0.4782 0.4882 0.0778 -0.0706 0.1652  28  LYS C CB  
178 C CG  . LYS C 1  ? 0.4397 0.5880 0.5997 0.0768 -0.0690 0.1595  28  LYS C CG  
179 C CD  . LYS C 1  ? 0.6054 0.7844 0.7845 0.0771 -0.0651 0.1856  28  LYS C CD  
180 C CE  . LYS C 1  ? 0.8467 1.0212 1.0274 0.0757 -0.0642 0.1797  28  LYS C CE  
181 N NZ  . LYS C 1  ? 1.0059 1.2020 1.2205 0.0734 -0.0629 0.2090  28  LYS C NZ  
182 N N   . VAL C 2  ? 0.2420 0.3501 0.3510 0.0794 -0.0712 0.1078  29  VAL C N   
183 C CA  . VAL C 2  ? 0.2317 0.3178 0.3350 0.0782 -0.0733 0.0927  29  VAL C CA  
184 C C   . VAL C 2  ? 0.2884 0.3731 0.3934 0.0775 -0.0725 0.0911  29  VAL C C   
185 O O   . VAL C 2  ? 0.2743 0.3699 0.3695 0.0792 -0.0700 0.0871  29  VAL C O   
186 C CB  . VAL C 2  ? 0.2642 0.3474 0.3519 0.0797 -0.0725 0.0803  29  VAL C CB  
187 C CG1 . VAL C 2  ? 0.2561 0.3239 0.3413 0.0790 -0.0736 0.0713  29  VAL C CG1 
188 C CG2 . VAL C 2  ? 0.2550 0.3396 0.3423 0.0805 -0.0734 0.0817  29  VAL C CG2 
189 N N   . LYS C 3  ? 0.2290 0.3012 0.3492 0.0762 -0.0763 0.0913  30  LYS C N   
190 C CA  . LYS C 3  ? 0.2240 0.2932 0.3496 0.0755 -0.0767 0.0896  30  LYS C CA  
191 C C   . LYS C 3  ? 0.2621 0.3204 0.3728 0.0771 -0.0768 0.0750  30  LYS C C   
192 O O   . LYS C 3  ? 0.2542 0.3061 0.3577 0.0790 -0.0780 0.0677  30  LYS C O   
193 C CB  . LYS C 3  ? 0.2618 0.3238 0.4173 0.0746 -0.0831 0.0949  30  LYS C CB  
194 C CG  . LYS C 3  ? 0.3599 0.4360 0.5396 0.0720 -0.0831 0.1168  30  LYS C CG  
195 C CD  . LYS C 3  ? 0.5507 0.6155 0.7704 0.0712 -0.0935 0.1202  30  LYS C CD  
196 C CE  . LYS C 3  ? 0.6438 0.7247 0.8981 0.0674 -0.0939 0.1488  30  LYS C CE  
197 N NZ  . LYS C 3  ? 0.8196 0.8882 1.1203 0.0668 -0.1067 0.1516  30  LYS C NZ  
198 N N   . VAL C 4  ? 0.2215 0.2815 0.3292 0.0768 -0.0753 0.0727  31  VAL C N   
199 C CA  . VAL C 4  ? 0.2130 0.2655 0.3100 0.0780 -0.0754 0.0624  31  VAL C CA  
200 C C   . VAL C 4  ? 0.2724 0.3211 0.3775 0.0783 -0.0772 0.0606  31  VAL C C   
201 O O   . VAL C 4  ? 0.2797 0.3369 0.3924 0.0766 -0.0757 0.0672  31  VAL C O   
202 C CB  . VAL C 4  ? 0.2383 0.2980 0.3254 0.0780 -0.0733 0.0589  31  VAL C CB  
203 C CG1 . VAL C 4  ? 0.2329 0.2846 0.3174 0.0786 -0.0746 0.0523  31  VAL C CG1 
204 C CG2 . VAL C 4  ? 0.2148 0.2789 0.2979 0.0785 -0.0729 0.0590  31  VAL C CG2 
205 N N   . TRP C 5  ? 0.2431 0.2840 0.3472 0.0815 -0.0805 0.0524  32  TRP C N   
206 C CA  . TRP C 5  ? 0.2465 0.2840 0.3592 0.0827 -0.0832 0.0484  32  TRP C CA  
207 C C   . TRP C 5  ? 0.2635 0.2990 0.3680 0.0882 -0.0856 0.0392  32  TRP C C   
208 O O   . TRP C 5  ? 0.2663 0.3059 0.3634 0.0924 -0.0861 0.0368  32  TRP C O   
209 C CB  . TRP C 5  ? 0.2367 0.2720 0.3752 0.0830 -0.0892 0.0501  32  TRP C CB  
210 C CG  . TRP C 5  ? 0.2480 0.2804 0.3943 0.0899 -0.0968 0.0385  32  TRP C CG  
211 C CD1 . TRP C 5  ? 0.2831 0.3152 0.4371 0.0974 -0.1042 0.0240  32  TRP C CD1 
212 C CD2 . TRP C 5  ? 0.2447 0.2792 0.3892 0.0922 -0.0983 0.0371  32  TRP C CD2 
213 N NE1 . TRP C 5  ? 0.2728 0.3102 0.4311 0.1058 -0.1110 0.0124  32  TRP C NE1 
214 C CE2 . TRP C 5  ? 0.2884 0.3260 0.4419 0.1021 -0.1074 0.0207  32  TRP C CE2 
215 C CE3 . TRP C 5  ? 0.2603 0.2969 0.3987 0.0881 -0.0938 0.0466  32  TRP C CE3 
216 C CZ2 . TRP C 5  ? 0.2789 0.3222 0.4358 0.1078 -0.1120 0.0135  32  TRP C CZ2 
217 C CZ3 . TRP C 5  ? 0.2700 0.3083 0.4114 0.0922 -0.0977 0.0414  32  TRP C CZ3 
218 C CH2 . TRP C 5  ? 0.2837 0.3256 0.4344 0.1019 -0.1067 0.0251  32  TRP C CH2 
219 N N   . GLY C 6  ? 0.2120 0.2455 0.3195 0.0891 -0.0871 0.0353  33  GLY C N   
220 C CA  . GLY C 6  ? 0.2037 0.2400 0.3050 0.0958 -0.0898 0.0276  33  GLY C CA  
221 C C   . GLY C 6  ? 0.2591 0.2927 0.3568 0.0936 -0.0880 0.0282  33  GLY C C   
222 O O   . GLY C 6  ? 0.2532 0.2834 0.3578 0.0889 -0.0870 0.0298  33  GLY C O   
223 N N   . SER C 7  ? 0.2419 0.2805 0.3306 0.0977 -0.0879 0.0284  34  SER C N   
224 C CA  . SER C 7  ? 0.2448 0.2804 0.3330 0.0961 -0.0876 0.0289  34  SER C CA  
225 C C   . SER C 7  ? 0.3099 0.3509 0.3946 0.0964 -0.0859 0.0381  34  SER C C   
226 O O   . SER C 7  ? 0.3053 0.3567 0.3859 0.1003 -0.0847 0.0441  34  SER C O   
227 C CB  . SER C 7  ? 0.2489 0.2859 0.3405 0.1023 -0.0920 0.0199  34  SER C CB  
228 O OG  . SER C 7  ? 0.3931 0.4446 0.4790 0.1128 -0.0949 0.0164  34  SER C OG  
229 N N   . ILE C 8  ? 0.2684 0.3044 0.3593 0.0926 -0.0867 0.0401  35  ILE C N   
230 C CA  . ILE C 8  ? 0.2683 0.3082 0.3673 0.0919 -0.0872 0.0516  35  ILE C CA  
231 C C   . ILE C 8  ? 0.3344 0.3867 0.4311 0.0990 -0.0878 0.0586  35  ILE C C   
232 O O   . ILE C 8  ? 0.3199 0.3696 0.4157 0.1011 -0.0901 0.0524  35  ILE C O   
233 C CB  . ILE C 8  ? 0.3028 0.3338 0.4175 0.0864 -0.0909 0.0480  35  ILE C CB  
234 C CG1 . ILE C 8  ? 0.3097 0.3386 0.4241 0.0829 -0.0902 0.0403  35  ILE C CG1 
235 C CG2 . ILE C 8  ? 0.2816 0.3154 0.4172 0.0853 -0.0945 0.0615  35  ILE C CG2 
236 C CD1 . ILE C 8  ? 0.4448 0.4724 0.5743 0.0812 -0.0956 0.0315  35  ILE C CD1 
237 N N   . LYS C 9  ? 0.3200 0.3900 0.4160 0.1036 -0.0856 0.0729  36  LYS C N   
238 C CA  . LYS C 9  ? 0.3443 0.4376 0.4377 0.1130 -0.0854 0.0838  36  LYS C CA  
239 C C   . LYS C 9  ? 0.4099 0.4979 0.5191 0.1099 -0.0886 0.0924  36  LYS C C   
240 O O   . LYS C 9  ? 0.3925 0.4651 0.5223 0.1010 -0.0912 0.0965  36  LYS C O   
241 C CB  . LYS C 9  ? 0.3916 0.5123 0.4863 0.1183 -0.0815 0.1038  36  LYS C CB  
242 C CG  . LYS C 9  ? 0.5862 0.7022 0.7058 0.1090 -0.0810 0.1237  36  LYS C CG  
243 C CD  . LYS C 9  ? 0.6124 0.7626 0.7376 0.1152 -0.0764 0.1497  36  LYS C CD  
244 C CE  . LYS C 9  ? 0.7341 0.8787 0.8943 0.1053 -0.0778 0.1712  36  LYS C CE  
245 N NZ  . LYS C 9  ? 0.8699 1.0493 1.0375 0.1103 -0.0723 0.1981  36  LYS C NZ  
246 N N   . GLY C 10 ? 0.3869 0.4883 0.4891 0.1184 -0.0898 0.0923  37  GLY C N   
247 C CA  . GLY C 10 ? 0.3849 0.4852 0.5023 0.1172 -0.0932 0.1021  37  GLY C CA  
248 C C   . GLY C 10 ? 0.4445 0.5180 0.5665 0.1108 -0.0976 0.0839  37  GLY C C   
249 O O   . GLY C 10 ? 0.4409 0.5128 0.5747 0.1109 -0.1015 0.0885  37  GLY C O   
250 N N   . LEU C 11 ? 0.4059 0.4621 0.5199 0.1059 -0.0971 0.0649  38  LEU C N   
251 C CA  . LEU C 11 ? 0.4008 0.4393 0.5193 0.1012 -0.1003 0.0495  38  LEU C CA  
252 C C   . LEU C 11 ? 0.3401 0.3769 0.4447 0.1052 -0.1000 0.0338  38  LEU C C   
253 O O   . LEU C 11 ? 0.3937 0.4402 0.4875 0.1113 -0.0987 0.0310  38  LEU C O   
254 C CB  . LEU C 11 ? 0.3884 0.4151 0.5159 0.0933 -0.1009 0.0428  38  LEU C CB  
255 C CG  . LEU C 11 ? 0.4341 0.4603 0.5840 0.0895 -0.1042 0.0541  38  LEU C CG  
256 C CD1 . LEU C 11 ? 0.4262 0.4453 0.5840 0.0851 -0.1069 0.0406  38  LEU C CD1 
257 C CD2 . LEU C 11 ? 0.4435 0.4694 0.6183 0.0894 -0.1109 0.0637  38  LEU C CD2 
258 O OXT . LEU C 11 ? 0.4836 0.5114 0.5923 0.1029 -0.1022 0.0238  38  LEU C OXT 
259 N N   . LYS D 1  ? 0.2837 0.3755 0.3527 0.1170 -0.0832 0.0540  28  LYS D N   
260 C CA  . LYS D 1  ? 0.2798 0.3750 0.3467 0.1169 -0.0817 0.0537  28  LYS D CA  
261 C C   . LYS D 1  ? 0.3063 0.3785 0.3779 0.1081 -0.0825 0.0459  28  LYS D C   
262 O O   . LYS D 1  ? 0.3281 0.3916 0.4040 0.1083 -0.0862 0.0348  28  LYS D O   
263 C CB  . LYS D 1  ? 0.3117 0.4317 0.3714 0.1314 -0.0851 0.0435  28  LYS D CB  
264 C CG  . LYS D 1  ? 0.4215 0.5461 0.4806 0.1321 -0.0845 0.0418  28  LYS D CG  
265 C CD  . LYS D 1  ? 0.6249 0.7862 0.6765 0.1430 -0.0813 0.0520  28  LYS D CD  
266 C CE  . LYS D 1  ? 0.8859 1.0527 0.9372 0.1447 -0.0815 0.0478  28  LYS D CE  
267 N NZ  . LYS D 1  ? 1.0690 1.2735 1.1147 0.1534 -0.0764 0.0629  28  LYS D NZ  
268 N N   . VAL D 2  ? 0.2412 0.3075 0.3152 0.1011 -0.0795 0.0531  29  VAL D N   
269 C CA  . VAL D 2  ? 0.2259 0.2784 0.3032 0.0944 -0.0795 0.0487  29  VAL D CA  
270 C C   . VAL D 2  ? 0.2693 0.3262 0.3451 0.0956 -0.0790 0.0492  29  VAL D C   
271 O O   . VAL D 2  ? 0.2641 0.3261 0.3390 0.0943 -0.0764 0.0570  29  VAL D O   
272 C CB  . VAL D 2  ? 0.2611 0.3056 0.3435 0.0870 -0.0783 0.0520  29  VAL D CB  
273 C CG1 . VAL D 2  ? 0.2541 0.2950 0.3374 0.0831 -0.0775 0.0493  29  VAL D CG1 
274 C CG2 . VAL D 2  ? 0.2533 0.2937 0.3387 0.0865 -0.0800 0.0486  29  VAL D CG2 
275 N N   . LYS D 3  ? 0.2311 0.2863 0.3113 0.0984 -0.0827 0.0410  30  LYS D N   
276 C CA  . LYS D 3  ? 0.2313 0.2902 0.3134 0.1004 -0.0841 0.0395  30  LYS D CA  
277 C C   . LYS D 3  ? 0.2652 0.3151 0.3509 0.0924 -0.0817 0.0455  30  LYS D C   
278 O O   . LYS D 3  ? 0.2399 0.2840 0.3286 0.0870 -0.0803 0.0488  30  LYS D O   
279 C CB  . LYS D 3  ? 0.2606 0.3243 0.3533 0.1092 -0.0922 0.0260  30  LYS D CB  
280 C CG  . LYS D 3  ? 0.3358 0.4195 0.4216 0.1216 -0.0950 0.0174  30  LYS D CG  
281 C CD  . LYS D 3  ? 0.4847 0.5874 0.5729 0.1335 -0.1007 0.0057  30  LYS D CD  
282 C CE  . LYS D 3  ? 0.7288 0.8606 0.8113 0.1500 -0.1052 -0.0064 30  LYS D CE  
283 N NZ  . LYS D 3  ? 0.9849 1.1443 1.0673 0.1643 -0.1105 -0.0190 30  LYS D NZ  
284 N N   . VAL D 4  ? 0.2298 0.2832 0.3143 0.0929 -0.0814 0.0472  31  VAL D N   
285 C CA  . VAL D 4  ? 0.2095 0.2590 0.2961 0.0873 -0.0795 0.0529  31  VAL D CA  
286 C C   . VAL D 4  ? 0.2456 0.2962 0.3406 0.0902 -0.0837 0.0501  31  VAL D C   
287 O O   . VAL D 4  ? 0.2344 0.2925 0.3271 0.0966 -0.0858 0.0439  31  VAL D O   
288 C CB  . VAL D 4  ? 0.2574 0.3097 0.3368 0.0845 -0.0754 0.0576  31  VAL D CB  
289 C CG1 . VAL D 4  ? 0.2591 0.3121 0.3394 0.0814 -0.0745 0.0605  31  VAL D CG1 
290 C CG2 . VAL D 4  ? 0.2503 0.3008 0.3295 0.0821 -0.0743 0.0582  31  VAL D CG2 
291 N N   . TRP D 5  ? 0.2289 0.2760 0.3358 0.0866 -0.0851 0.0557  32  TRP D N   
292 C CA  . TRP D 5  ? 0.2268 0.2737 0.3482 0.0889 -0.0908 0.0540  32  TRP D CA  
293 C C   . TRP D 5  ? 0.2367 0.2843 0.3685 0.0837 -0.0898 0.0673  32  TRP D C   
294 O O   . TRP D 5  ? 0.2324 0.2825 0.3722 0.0802 -0.0882 0.0773  32  TRP D O   
295 C CB  . TRP D 5  ? 0.2127 0.2573 0.3558 0.0950 -0.1008 0.0426  32  TRP D CB  
296 C CG  . TRP D 5  ? 0.2349 0.2788 0.4014 0.0983 -0.1099 0.0379  32  TRP D CG  
297 C CD1 . TRP D 5  ? 0.2688 0.3199 0.4306 0.1050 -0.1131 0.0274  32  TRP D CD1 
298 C CD2 . TRP D 5  ? 0.2394 0.2769 0.4420 0.0951 -0.1178 0.0455  32  TRP D CD2 
299 N NE1 . TRP D 5  ? 0.2649 0.3123 0.4574 0.1068 -0.1236 0.0242  32  TRP D NE1 
300 C CE2 . TRP D 5  ? 0.2771 0.3151 0.4976 0.1003 -0.1271 0.0366  32  TRP D CE2 
301 C CE3 . TRP D 5  ? 0.2628 0.2967 0.4887 0.0888 -0.1184 0.0609  32  TRP D CE3 
302 C CZ2 . TRP D 5  ? 0.2753 0.3074 0.5402 0.0987 -0.1382 0.0425  32  TRP D CZ2 
303 C CZ3 . TRP D 5  ? 0.2883 0.3192 0.5583 0.0868 -0.1280 0.0707  32  TRP D CZ3 
304 C CH2 . TRP D 5  ? 0.2944 0.3226 0.5859 0.0914 -0.1386 0.0612  32  TRP D CH2 
305 N N   . GLY D 6  ? 0.1796 0.2292 0.3117 0.0840 -0.0905 0.0691  33  GLY D N   
306 C CA  . GLY D 6  ? 0.1888 0.2436 0.3328 0.0806 -0.0902 0.0839  33  GLY D CA  
307 C C   . GLY D 6  ? 0.2534 0.3106 0.3919 0.0814 -0.0901 0.0839  33  GLY D C   
308 O O   . GLY D 6  ? 0.2465 0.2998 0.3833 0.0852 -0.0935 0.0723  33  GLY D O   
309 N N   . SER D 7  ? 0.2321 0.3002 0.3686 0.0794 -0.0865 0.0970  34  SER D N   
310 C CA  . SER D 7  ? 0.2356 0.3081 0.3670 0.0803 -0.0862 0.0986  34  SER D CA  
311 C C   . SER D 7  ? 0.3234 0.4135 0.4389 0.0808 -0.0801 0.1047  34  SER D C   
312 O O   . SER D 7  ? 0.3184 0.4211 0.4327 0.0809 -0.0770 0.1122  34  SER D O   
313 C CB  . SER D 7  ? 0.2147 0.2864 0.3747 0.0800 -0.0932 0.1089  34  SER D CB  
314 O OG  . SER D 7  ? 0.3895 0.4727 0.5688 0.0775 -0.0928 0.1297  34  SER D OG  
315 N N   . ILE D 8  ? 0.3031 0.3966 0.4064 0.0826 -0.0791 0.0988  35  ILE D N   
316 C CA  . ILE D 8  ? 0.3047 0.4180 0.3953 0.0860 -0.0760 0.0985  35  ILE D CA  
317 C C   . ILE D 8  ? 0.3785 0.5130 0.4764 0.0885 -0.0758 0.1159  35  ILE D C   
318 O O   . ILE D 8  ? 0.3750 0.5054 0.4814 0.0879 -0.0786 0.1211  35  ILE D O   
319 C CB  . ILE D 8  ? 0.3259 0.4353 0.4068 0.0875 -0.0767 0.0840  35  ILE D CB  
320 C CG1 . ILE D 8  ? 0.3130 0.4063 0.3923 0.0849 -0.0765 0.0734  35  ILE D CG1 
321 C CG2 . ILE D 8  ? 0.3226 0.4562 0.3960 0.0938 -0.0769 0.0785  35  ILE D CG2 
322 C CD1 . ILE D 8  ? 0.3240 0.4143 0.4036 0.0852 -0.0776 0.0646  35  ILE D CD1 
323 N N   . LYS D 9  ? 0.3594 0.5211 0.4552 0.0922 -0.0725 0.1260  36  LYS D N   
324 C CA  . LYS D 9  ? 0.3599 0.5533 0.4629 0.0964 -0.0710 0.1481  36  LYS D CA  
325 C C   . LYS D 9  ? 0.4089 0.6143 0.5012 0.1019 -0.0723 0.1419  36  LYS D C   
326 O O   . LYS D 9  ? 0.4155 0.6180 0.4930 0.1053 -0.0736 0.1196  36  LYS D O   
327 C CB  . LYS D 9  ? 0.4059 0.6374 0.5037 0.1028 -0.0664 0.1577  36  LYS D CB  
328 C CG  . LYS D 9  ? 0.6101 0.8600 0.6852 0.1116 -0.0663 0.1337  36  LYS D CG  
329 C CD  . LYS D 9  ? 0.7045 1.0054 0.7743 0.1221 -0.0625 0.1433  36  LYS D CD  
330 C CE  . LYS D 9  ? 0.7663 1.0890 0.8192 0.1337 -0.0660 0.1141  36  LYS D CE  
331 N NZ  . LYS D 9  ? 0.8828 1.2537 0.9308 0.1443 -0.0628 0.1188  36  LYS D NZ  
332 N N   . GLY D 10 ? 0.3892 0.6074 0.4944 0.1026 -0.0731 0.1620  37  GLY D N   
333 C CA  . GLY D 10 ? 0.3953 0.6288 0.4918 0.1088 -0.0745 0.1591  37  GLY D CA  
334 C C   . GLY D 10 ? 0.4731 0.6736 0.5702 0.1042 -0.0789 0.1439  37  GLY D C   
335 O O   . GLY D 10 ? 0.5028 0.7135 0.5958 0.1085 -0.0805 0.1423  37  GLY D O   
336 N N   . LEU D 11 ? 0.4200 0.5856 0.5227 0.0970 -0.0807 0.1329  38  LEU D N   
337 C CA  . LEU D 11 ? 0.4086 0.5496 0.5118 0.0942 -0.0841 0.1194  38  LEU D CA  
338 C C   . LEU D 11 ? 0.3424 0.4641 0.4691 0.0898 -0.0894 0.1263  38  LEU D C   
339 O O   . LEU D 11 ? 0.4079 0.5176 0.5383 0.0897 -0.0932 0.1176  38  LEU D O   
340 C CB  . LEU D 11 ? 0.4018 0.5273 0.4928 0.0926 -0.0828 0.0988  38  LEU D CB  
341 C CG  . LEU D 11 ? 0.4539 0.5945 0.5321 0.0973 -0.0814 0.0869  38  LEU D CG  
342 C CD1 . LEU D 11 ? 0.4453 0.5677 0.5227 0.0943 -0.0818 0.0721  38  LEU D CD1 
343 C CD2 . LEU D 11 ? 0.5033 0.6632 0.5769 0.1040 -0.0836 0.0830  38  LEU D CD2 
344 O OXT . LEU D 11 ? 0.4797 0.5997 0.6248 0.0872 -0.0910 0.1383  38  LEU D OXT 
345 N N   . LYS E 1  ? 0.3350 0.4102 0.5081 0.0880 -0.1080 0.1038  28  LYS E N   
346 C CA  . LYS E 1  ? 0.3243 0.3941 0.5002 0.0868 -0.1075 0.1010  28  LYS E CA  
347 C C   . LYS E 1  ? 0.3270 0.3945 0.4761 0.0885 -0.1020 0.0839  28  LYS E C   
348 O O   . LYS E 1  ? 0.3192 0.3853 0.4642 0.0920 -0.1040 0.0709  28  LYS E O   
349 C CB  . LYS E 1  ? 0.3775 0.4368 0.5893 0.0887 -0.1198 0.0952  28  LYS E CB  
350 C CG  . LYS E 1  ? 0.6791 0.7377 0.9326 0.0875 -0.1300 0.1105  28  LYS E CG  
351 C CD  . LYS E 1  ? 0.7589 0.8059 1.0510 0.0923 -0.1462 0.0929  28  LYS E CD  
352 C CE  . LYS E 1  ? 0.7591 0.8035 1.0929 0.0927 -0.1586 0.1012  28  LYS E CE  
353 N NZ  . LYS E 1  ? 0.7715 0.8124 1.1612 0.0888 -0.1692 0.1215  28  LYS E NZ  
354 N N   . VAL E 2  ? 0.2429 0.3128 0.3763 0.0866 -0.0954 0.0855  29  VAL E N   
355 C CA  . VAL E 2  ? 0.2273 0.2965 0.3415 0.0873 -0.0904 0.0745  29  VAL E CA  
356 C C   . VAL E 2  ? 0.2810 0.3462 0.3964 0.0868 -0.0901 0.0729  29  VAL E C   
357 O O   . VAL E 2  ? 0.2582 0.3260 0.3716 0.0841 -0.0870 0.0807  29  VAL E O   
358 C CB  . VAL E 2  ? 0.2593 0.3358 0.3575 0.0860 -0.0846 0.0759  29  VAL E CB  
359 C CG1 . VAL E 2  ? 0.2481 0.3232 0.3373 0.0856 -0.0811 0.0685  29  VAL E CG1 
360 C CG2 . VAL E 2  ? 0.2562 0.3373 0.3542 0.0872 -0.0858 0.0760  29  VAL E CG2 
361 N N   . LYS E 3  ? 0.2293 0.2925 0.3484 0.0910 -0.0936 0.0618  30  LYS E N   
362 C CA  . LYS E 3  ? 0.2326 0.2935 0.3537 0.0926 -0.0948 0.0569  30  LYS E CA  
363 C C   . LYS E 3  ? 0.2650 0.3287 0.3665 0.0906 -0.0868 0.0583  30  LYS E C   
364 O O   . LYS E 3  ? 0.2574 0.3262 0.3489 0.0904 -0.0826 0.0587  30  LYS E O   
365 C CB  . LYS E 3  ? 0.2494 0.3156 0.3802 0.1015 -0.1027 0.0411  30  LYS E CB  
366 C CG  . LYS E 3  ? 0.5206 0.5898 0.6529 0.1067 -0.1053 0.0317  30  LYS E CG  
367 C CD  . LYS E 3  ? 0.6418 0.7239 0.7868 0.1196 -0.1159 0.0112  30  LYS E CD  
368 C CE  . LYS E 3  ? 0.7276 0.8291 0.8589 0.1269 -0.1137 0.0050  30  LYS E CE  
369 N NZ  . LYS E 3  ? 0.7365 0.8614 0.8757 0.1433 -0.1235 -0.0176 30  LYS E NZ  
370 N N   . VAL E 4  ? 0.2294 0.2898 0.3308 0.0889 -0.0858 0.0597  31  VAL E N   
371 C CA  . VAL E 4  ? 0.2363 0.2981 0.3254 0.0875 -0.0805 0.0604  31  VAL E CA  
372 C C   . VAL E 4  ? 0.2954 0.3571 0.3869 0.0912 -0.0829 0.0547  31  VAL E C   
373 O O   . VAL E 4  ? 0.3061 0.3626 0.4100 0.0913 -0.0874 0.0534  31  VAL E O   
374 C CB  . VAL E 4  ? 0.2780 0.3392 0.3639 0.0828 -0.0773 0.0663  31  VAL E CB  
375 C CG1 . VAL E 4  ? 0.2660 0.3272 0.3464 0.0818 -0.0747 0.0645  31  VAL E CG1 
376 C CG2 . VAL E 4  ? 0.2656 0.3321 0.3497 0.0818 -0.0765 0.0692  31  VAL E CG2 
377 N N   . TRP E 5  ? 0.2617 0.3322 0.3451 0.0951 -0.0806 0.0526  32  TRP E N   
378 C CA  . TRP E 5  ? 0.2609 0.3363 0.3452 0.1009 -0.0833 0.0458  32  TRP E CA  
379 C C   . TRP E 5  ? 0.2850 0.3722 0.3598 0.1030 -0.0784 0.0514  32  TRP E C   
380 O O   . TRP E 5  ? 0.2722 0.3682 0.3446 0.1021 -0.0742 0.0595  32  TRP E O   
381 C CB  . TRP E 5  ? 0.2486 0.3332 0.3423 0.1111 -0.0917 0.0318  32  TRP E CB  
382 C CG  . TRP E 5  ? 0.2566 0.3645 0.3421 0.1200 -0.0905 0.0285  32  TRP E CG  
383 C CD1 . TRP E 5  ? 0.3003 0.4339 0.3796 0.1320 -0.0914 0.0220  32  TRP E CD1 
384 C CD2 . TRP E 5  ? 0.2476 0.3612 0.3302 0.1188 -0.0876 0.0334  32  TRP E CD2 
385 N NE1 . TRP E 5  ? 0.2975 0.4559 0.3708 0.1392 -0.0891 0.0232  32  TRP E NE1 
386 C CE2 . TRP E 5  ? 0.3032 0.4473 0.3791 0.1303 -0.0866 0.0301  32  TRP E CE2 
387 C CE3 . TRP E 5  ? 0.2478 0.3472 0.3328 0.1104 -0.0858 0.0399  32  TRP E CE3 
388 C CZ2 . TRP E 5  ? 0.2838 0.4430 0.3571 0.1323 -0.0834 0.0347  32  TRP E CZ2 
389 C CZ3 . TRP E 5  ? 0.2670 0.3777 0.3494 0.1123 -0.0837 0.0421  32  TRP E CZ3 
390 C CH2 . TRP E 5  ? 0.2815 0.4206 0.3588 0.1225 -0.0824 0.0398  32  TRP E CH2 
391 N N   . GLY E 6  ? 0.2411 0.3304 0.3148 0.1060 -0.0794 0.0486  33  GLY E N   
392 C CA  . GLY E 6  ? 0.2272 0.3311 0.2954 0.1088 -0.0753 0.0569  33  GLY E CA  
393 C C   . GLY E 6  ? 0.2623 0.3561 0.3310 0.1059 -0.0756 0.0569  33  GLY E C   
394 O O   . GLY E 6  ? 0.2571 0.3427 0.3289 0.1073 -0.0801 0.0466  33  GLY E O   
395 N N   . SER E 7  ? 0.2334 0.3287 0.3040 0.1020 -0.0718 0.0688  34  SER E N   
396 C CA  . SER E 7  ? 0.2405 0.3277 0.3129 0.0997 -0.0724 0.0690  34  SER E CA  
397 C C   . SER E 7  ? 0.3291 0.4090 0.4126 0.0919 -0.0710 0.0794  34  SER E C   
398 O O   . SER E 7  ? 0.3448 0.4316 0.4371 0.0901 -0.0694 0.0894  34  SER E O   
399 C CB  . SER E 7  ? 0.2744 0.3821 0.3418 0.1096 -0.0728 0.0701  34  SER E CB  
400 O OG  . SER E 7  ? 0.4015 0.5347 0.4705 0.1140 -0.0688 0.0858  34  SER E OG  
401 N N   . ILE E 8  ? 0.3065 0.3739 0.3945 0.0877 -0.0729 0.0757  35  ILE E N   
402 C CA  . ILE E 8  ? 0.3044 0.3659 0.4099 0.0822 -0.0749 0.0804  35  ILE E CA  
403 C C   . ILE E 8  ? 0.3510 0.4229 0.4693 0.0836 -0.0749 0.0955  35  ILE E C   
404 O O   . ILE E 8  ? 0.3271 0.4023 0.4393 0.0871 -0.0747 0.0955  35  ILE E O   
405 C CB  . ILE E 8  ? 0.3360 0.3855 0.4432 0.0791 -0.0783 0.0682  35  ILE E CB  
406 C CG1 . ILE E 8  ? 0.3348 0.3823 0.4324 0.0785 -0.0774 0.0597  35  ILE E CG1 
407 C CG2 . ILE E 8  ? 0.3334 0.3794 0.4649 0.0761 -0.0839 0.0680  35  ILE E CG2 
408 C CD1 . ILE E 8  ? 0.4765 0.5232 0.5734 0.0779 -0.0792 0.0504  35  ILE E CD1 
409 N N   . LYS E 9  ? 0.3289 0.4080 0.4688 0.0812 -0.0753 0.1103  36  LYS E N   
410 C CA  . LYS E 9  ? 0.3439 0.4374 0.5052 0.0819 -0.0754 0.1322  36  LYS E CA  
411 C C   . LYS E 9  ? 0.3970 0.4785 0.5720 0.0794 -0.0808 0.1290  36  LYS E C   
412 O O   . LYS E 9  ? 0.3753 0.4384 0.5567 0.0756 -0.0865 0.1117  36  LYS E O   
413 C CB  . LYS E 9  ? 0.3964 0.4960 0.5908 0.0776 -0.0771 0.1497  36  LYS E CB  
414 C CG  . LYS E 9  ? 0.6889 0.7675 0.9118 0.0708 -0.0862 0.1376  36  LYS E CG  
415 C CD  . LYS E 9  ? 0.8139 0.8989 1.0846 0.0665 -0.0910 0.1582  36  LYS E CD  
416 C CE  . LYS E 9  ? 0.9459 1.0129 1.2492 0.0625 -0.1032 0.1403  36  LYS E CE  
417 N NZ  . LYS E 9  ? 1.0648 1.1198 1.3945 0.0615 -0.1140 0.1299  36  LYS E NZ  
418 N N   . GLY E 10 ? 0.3699 0.4664 0.5485 0.0832 -0.0792 0.1447  37  GLY E N   
419 C CA  . GLY E 10 ? 0.3681 0.4555 0.5626 0.0813 -0.0846 0.1449  37  GLY E CA  
420 C C   . GLY E 10 ? 0.4237 0.5001 0.5917 0.0840 -0.0847 0.1242  37  GLY E C   
421 O O   . GLY E 10 ? 0.4192 0.4909 0.5971 0.0836 -0.0886 0.1242  37  GLY E O   
422 N N   . LEU E 11 ? 0.3726 0.4452 0.5120 0.0863 -0.0813 0.1073  38  LEU E N   
423 C CA  . LEU E 11 ? 0.3880 0.4512 0.5093 0.0882 -0.0818 0.0900  38  LEU E CA  
424 C C   . LEU E 11 ? 0.3286 0.4067 0.4289 0.0973 -0.0788 0.0882  38  LEU E C   
425 O O   . LEU E 11 ? 0.3313 0.4048 0.4234 0.0999 -0.0806 0.0769  38  LEU E O   
426 C CB  . LEU E 11 ? 0.3832 0.4320 0.4980 0.0841 -0.0826 0.0732  38  LEU E CB  
427 C CG  . LEU E 11 ? 0.4309 0.4716 0.5657 0.0789 -0.0876 0.0684  38  LEU E CG  
428 C CD1 . LEU E 11 ? 0.4239 0.4610 0.5477 0.0783 -0.0872 0.0536  38  LEU E CD1 
429 C CD2 . LEU E 11 ? 0.4134 0.4491 0.5694 0.0777 -0.0941 0.0673  38  LEU E CD2 
430 O OXT . LEU E 11 ? 0.4303 0.5291 0.5257 0.1032 -0.0758 0.0976  38  LEU E OXT 
431 N N   . LYS F 1  ? 0.3013 0.4227 0.4140 0.0929 -0.0643 0.1212  28  LYS F N   
432 C CA  . LYS F 1  ? 0.2834 0.4049 0.3996 0.0907 -0.0634 0.1211  28  LYS F CA  
433 C C   . LYS F 1  ? 0.3018 0.4100 0.3990 0.0917 -0.0651 0.1010  28  LYS F C   
434 O O   . LYS F 1  ? 0.2891 0.4039 0.3715 0.0988 -0.0656 0.0919  28  LYS F O   
435 C CB  . LYS F 1  ? 0.3229 0.4776 0.4407 0.0976 -0.0585 0.1380  28  LYS F CB  
436 C CG  . LYS F 1  ? 0.4691 0.6254 0.5885 0.0963 -0.0575 0.1366  28  LYS F CG  
437 C CD  . LYS F 1  ? 0.5897 0.7634 0.7370 0.0933 -0.0550 0.1612  28  LYS F CD  
438 C CE  . LYS F 1  ? 0.7620 0.9448 0.9080 0.0946 -0.0530 0.1608  28  LYS F CE  
439 N NZ  . LYS F 1  ? 0.9211 1.1204 1.1013 0.0905 -0.0511 0.1874  28  LYS F NZ  
440 N N   . VAL F 2  ? 0.2478 0.3404 0.3497 0.0858 -0.0670 0.0950  29  VAL F N   
441 C CA  . VAL F 2  ? 0.2334 0.3158 0.3233 0.0859 -0.0685 0.0816  29  VAL F CA  
442 C C   . VAL F 2  ? 0.2840 0.3716 0.3750 0.0862 -0.0678 0.0828  29  VAL F C   
443 O O   . VAL F 2  ? 0.2994 0.3827 0.4016 0.0819 -0.0687 0.0848  29  VAL F O   
444 C CB  . VAL F 2  ? 0.2643 0.3316 0.3563 0.0811 -0.0711 0.0741  29  VAL F CB  
445 C CG1 . VAL F 2  ? 0.2549 0.3177 0.3389 0.0811 -0.0720 0.0671  29  VAL F CG1 
446 C CG2 . VAL F 2  ? 0.2619 0.3255 0.3522 0.0814 -0.0718 0.0722  29  VAL F CG2 
447 N N   . LYS F 3  ? 0.2185 0.3161 0.3004 0.0924 -0.0677 0.0789  30  LYS F N   
448 C CA  . LYS F 3  ? 0.2203 0.3258 0.3025 0.0944 -0.0673 0.0788  30  LYS F CA  
449 C C   . LYS F 3  ? 0.2382 0.3289 0.3185 0.0918 -0.0705 0.0699  30  LYS F C   
450 O O   . LYS F 3  ? 0.2199 0.3000 0.2985 0.0905 -0.0730 0.0645  30  LYS F O   
451 C CB  . LYS F 3  ? 0.2638 0.3935 0.3397 0.1051 -0.0671 0.0765  30  LYS F CB  
452 C CG  . LYS F 3  ? 0.3671 0.5229 0.4464 0.1091 -0.0621 0.0922  30  LYS F CG  
453 C CD  . LYS F 3  ? 0.5316 0.7200 0.6010 0.1238 -0.0626 0.0863  30  LYS F CD  
454 C CE  . LYS F 3  ? 0.7372 0.9651 0.8107 0.1302 -0.0561 0.1068  30  LYS F CE  
455 N NZ  . LYS F 3  ? 0.7740 1.0330 0.8421 0.1414 -0.0561 0.1010  30  LYS F NZ  
456 N N   . VAL F 4  ? 0.2001 0.2929 0.2830 0.0908 -0.0703 0.0709  31  VAL F N   
457 C CA  . VAL F 4  ? 0.2050 0.2884 0.2877 0.0888 -0.0731 0.0659  31  VAL F CA  
458 C C   . VAL F 4  ? 0.2528 0.3451 0.3359 0.0934 -0.0744 0.0630  31  VAL F C   
459 O O   . VAL F 4  ? 0.2548 0.3605 0.3398 0.0951 -0.0715 0.0679  31  VAL F O   
460 C CB  . VAL F 4  ? 0.2529 0.3309 0.3401 0.0837 -0.0728 0.0679  31  VAL F CB  
461 C CG1 . VAL F 4  ? 0.2532 0.3293 0.3390 0.0836 -0.0750 0.0652  31  VAL F CG1 
462 C CG2 . VAL F 4  ? 0.2340 0.3066 0.3219 0.0814 -0.0732 0.0668  31  VAL F CG2 
463 N N   . TRP F 5  ? 0.2268 0.3143 0.3125 0.0956 -0.0795 0.0564  32  TRP F N   
464 C CA  . TRP F 5  ? 0.2424 0.3389 0.3314 0.1011 -0.0826 0.0506  32  TRP F CA  
465 C C   . TRP F 5  ? 0.2872 0.3731 0.3862 0.1001 -0.0890 0.0476  32  TRP F C   
466 O O   . TRP F 5  ? 0.2805 0.3588 0.3896 0.1003 -0.0941 0.0459  32  TRP F O   
467 C CB  . TRP F 5  ? 0.2366 0.3512 0.3257 0.1116 -0.0856 0.0409  32  TRP F CB  
468 C CG  . TRP F 5  ? 0.2656 0.3929 0.3606 0.1199 -0.0914 0.0299  32  TRP F CG  
469 C CD1 . TRP F 5  ? 0.3098 0.4342 0.4201 0.1261 -0.1026 0.0150  32  TRP F CD1 
470 C CD2 . TRP F 5  ? 0.2711 0.4149 0.3625 0.1224 -0.0879 0.0325  32  TRP F CD2 
471 N NE1 . TRP F 5  ? 0.3184 0.4579 0.4327 0.1337 -0.1067 0.0055  32  TRP F NE1 
472 C CE2 . TRP F 5  ? 0.3346 0.4867 0.4351 0.1315 -0.0968 0.0169  32  TRP F CE2 
473 C CE3 . TRP F 5  ? 0.2876 0.4411 0.3742 0.1184 -0.0790 0.0469  32  TRP F CE3 
474 C CZ2 . TRP F 5  ? 0.3331 0.5059 0.4324 0.1372 -0.0957 0.0144  32  TRP F CZ2 
475 C CZ3 . TRP F 5  ? 0.3158 0.4890 0.4038 0.1231 -0.0776 0.0472  32  TRP F CZ3 
476 C CH2 . TRP F 5  ? 0.3301 0.5138 0.4215 0.1326 -0.0852 0.0308  32  TRP F CH2 
477 N N   . GLY F 6  ? 0.2406 0.3278 0.3408 0.0995 -0.0895 0.0485  33  GLY F N   
478 C CA  . GLY F 6  ? 0.2331 0.3131 0.3466 0.0993 -0.0962 0.0484  33  GLY F CA  
479 C C   . GLY F 6  ? 0.2777 0.3593 0.3889 0.0976 -0.0949 0.0517  33  GLY F C   
480 O O   . GLY F 6  ? 0.2707 0.3605 0.3746 0.0988 -0.0911 0.0495  33  GLY F O   
481 N N   . SER F 7  ? 0.2526 0.3291 0.3723 0.0954 -0.0981 0.0587  34  SER F N   
482 C CA  . SER F 7  ? 0.2731 0.3527 0.3903 0.0947 -0.0976 0.0616  34  SER F CA  
483 C C   . SER F 7  ? 0.3489 0.4310 0.4671 0.0920 -0.0969 0.0746  34  SER F C   
484 O O   . SER F 7  ? 0.3645 0.4456 0.4911 0.0906 -0.0980 0.0831  34  SER F O   
485 C CB  . SER F 7  ? 0.3078 0.3878 0.4390 0.0989 -0.1051 0.0548  34  SER F CB  
486 O OG  . SER F 7  ? 0.4466 0.5202 0.6015 0.0999 -0.1140 0.0567  34  SER F OG  
487 N N   . ILE F 8  ? 0.3059 0.3960 0.4164 0.0926 -0.0949 0.0764  35  ILE F N   
488 C CA  . ILE F 8  ? 0.3032 0.4062 0.4121 0.0934 -0.0941 0.0884  35  ILE F CA  
489 C C   . ILE F 8  ? 0.3392 0.4443 0.4667 0.0941 -0.0996 0.1016  35  ILE F C   
490 O O   . ILE F 8  ? 0.3195 0.4216 0.4525 0.0953 -0.1035 0.0978  35  ILE F O   
491 C CB  . ILE F 8  ? 0.3379 0.4537 0.4336 0.0967 -0.0919 0.0819  35  ILE F CB  
492 C CG1 . ILE F 8  ? 0.3374 0.4499 0.4261 0.0957 -0.0890 0.0702  35  ILE F CG1 
493 C CG2 . ILE F 8  ? 0.3197 0.4601 0.4121 0.1017 -0.0916 0.0933  35  ILE F CG2 
494 C CD1 . ILE F 8  ? 0.3899 0.5131 0.4765 0.0995 -0.0905 0.0595  35  ILE F CD1 
495 N N   . LYS F 9  ? 0.3197 0.4313 0.4609 0.0930 -0.1005 0.1190  36  LYS F N   
496 C CA  . LYS F 9  ? 0.3374 0.4533 0.5064 0.0928 -0.1068 0.1380  36  LYS F CA  
497 C C   . LYS F 9  ? 0.3793 0.5132 0.5413 0.0968 -0.1062 0.1454  36  LYS F C   
498 O O   . LYS F 9  ? 0.3706 0.5232 0.5088 0.1009 -0.1004 0.1421  36  LYS F O   
499 C CB  . LYS F 9  ? 0.3945 0.5217 0.5829 0.0908 -0.1064 0.1614  36  LYS F CB  
500 C CG  . LYS F 9  ? 0.6513 0.8081 0.8175 0.0944 -0.0974 0.1722  36  LYS F CG  
501 C CD  . LYS F 9  ? 0.7357 0.9149 0.9256 0.0939 -0.0966 0.2040  36  LYS F CD  
502 C CE  . LYS F 9  ? 0.7914 1.0014 0.9576 0.0988 -0.0879 0.2083  36  LYS F CE  
503 N NZ  . LYS F 9  ? 0.9086 1.1504 1.0476 0.1085 -0.0841 0.2035  36  LYS F NZ  
504 N N   . GLY F 10 ? 0.3466 0.4757 0.5317 0.0967 -0.1137 0.1522  37  GLY F N   
505 C CA  . GLY F 10 ? 0.3429 0.4896 0.5252 0.1008 -0.1142 0.1615  37  GLY F CA  
506 C C   . GLY F 10 ? 0.4122 0.5523 0.5741 0.1033 -0.1136 0.1387  37  GLY F C   
507 O O   . GLY F 10 ? 0.4259 0.5776 0.5876 0.1069 -0.1155 0.1433  37  GLY F O   
508 N N   . LEU F 11 ? 0.3676 0.4920 0.5147 0.1015 -0.1111 0.1163  38  LEU F N   
509 C CA  . LEU F 11 ? 0.3715 0.4922 0.5048 0.1032 -0.1101 0.0980  38  LEU F CA  
510 C C   . LEU F 11 ? 0.2943 0.3976 0.4380 0.1020 -0.1146 0.0845  38  LEU F C   
511 O O   . LEU F 11 ? 0.4046 0.4982 0.5632 0.1008 -0.1185 0.0839  38  LEU F O   
512 C CB  . LEU F 11 ? 0.3666 0.4918 0.4792 0.1038 -0.1038 0.0861  38  LEU F CB  
513 C CG  . LEU F 11 ? 0.4171 0.5658 0.5189 0.1083 -0.1009 0.0927  38  LEU F CG  
514 C CD1 . LEU F 11 ? 0.4099 0.5600 0.5005 0.1096 -0.0986 0.0756  38  LEU F CD1 
515 C CD2 . LEU F 11 ? 0.4319 0.6038 0.5323 0.1152 -0.1033 0.1005  38  LEU F CD2 
516 O OXT . LEU F 11 ? 0.3196 0.4226 0.4578 0.1035 -0.1146 0.0731  38  LEU F OXT 
517 N N   . LYS G 1  ? 0.2821 0.3783 0.4238 0.1068 -0.1159 0.0436  28  LYS G N   
518 C CA  . LYS G 1  ? 0.2559 0.3493 0.3940 0.1052 -0.1130 0.0450  28  LYS G CA  
519 C C   . LYS G 1  ? 0.2942 0.3919 0.4159 0.1022 -0.1037 0.0461  28  LYS G C   
520 O O   . LYS G 1  ? 0.2938 0.3987 0.4125 0.1029 -0.1002 0.0416  28  LYS G O   
521 C CB  . LYS G 1  ? 0.2835 0.3805 0.4311 0.1109 -0.1179 0.0319  28  LYS G CB  
522 C CG  . LYS G 1  ? 0.4551 0.5518 0.5983 0.1108 -0.1152 0.0313  28  LYS G CG  
523 C CD  . LYS G 1  ? 0.5870 0.6853 0.7497 0.1181 -0.1260 0.0180  28  LYS G CD  
524 C CE  . LYS G 1  ? 0.7281 0.8183 0.8977 0.1164 -0.1278 0.0212  28  LYS G CE  
525 N NZ  . LYS G 1  ? 0.8463 0.9383 1.0431 0.1249 -0.1418 0.0045  28  LYS G NZ  
526 N N   . VAL G 2  ? 0.2292 0.3239 0.3451 0.0992 -0.1005 0.0528  29  VAL G N   
527 C CA  . VAL G 2  ? 0.2155 0.3127 0.3226 0.0967 -0.0945 0.0527  29  VAL G CA  
528 C C   . VAL G 2  ? 0.2457 0.3401 0.3504 0.0955 -0.0918 0.0537  29  VAL G C   
529 O O   . VAL G 2  ? 0.2360 0.3263 0.3403 0.0945 -0.0927 0.0585  29  VAL G O   
530 C CB  . VAL G 2  ? 0.2565 0.3584 0.3593 0.0967 -0.0945 0.0556  29  VAL G CB  
531 C CG1 . VAL G 2  ? 0.2614 0.3652 0.3629 0.0952 -0.0916 0.0516  29  VAL G CG1 
532 C CG2 . VAL G 2  ? 0.2403 0.3481 0.3454 0.0993 -0.0975 0.0528  29  VAL G CG2 
533 N N   . LYS G 3  ? 0.2086 0.3085 0.3130 0.0962 -0.0884 0.0512  30  LYS G N   
534 C CA  . LYS G 3  ? 0.2037 0.3047 0.3054 0.0964 -0.0859 0.0522  30  LYS G CA  
535 C C   . LYS G 3  ? 0.2427 0.3399 0.3423 0.0919 -0.0821 0.0570  30  LYS G C   
536 O O   . LYS G 3  ? 0.2061 0.3042 0.3104 0.0897 -0.0816 0.0575  30  LYS G O   
537 C CB  . LYS G 3  ? 0.2502 0.3679 0.3527 0.1012 -0.0831 0.0506  30  LYS G CB  
538 C CG  . LYS G 3  ? 0.3345 0.4595 0.4339 0.1062 -0.0836 0.0471  30  LYS G CG  
539 C CD  . LYS G 3  ? 0.3951 0.5169 0.5010 0.1124 -0.0929 0.0346  30  LYS G CD  
540 C CE  . LYS G 3  ? 0.5416 0.6844 0.6518 0.1228 -0.0972 0.0226  30  LYS G CE  
541 N NZ  . LYS G 3  ? 0.7578 0.8912 0.8838 0.1262 -0.1088 0.0111  30  LYS G NZ  
542 N N   . VAL G 4  ? 0.2172 0.3107 0.3131 0.0914 -0.0812 0.0583  31  VAL G N   
543 C CA  . VAL G 4  ? 0.2091 0.2995 0.3047 0.0880 -0.0789 0.0611  31  VAL G CA  
544 C C   . VAL G 4  ? 0.2570 0.3508 0.3511 0.0892 -0.0764 0.0633  31  VAL G C   
545 O O   . VAL G 4  ? 0.2586 0.3528 0.3495 0.0927 -0.0785 0.0597  31  VAL G O   
546 C CB  . VAL G 4  ? 0.2521 0.3375 0.3432 0.0872 -0.0809 0.0614  31  VAL G CB  
547 C CG1 . VAL G 4  ? 0.2467 0.3318 0.3382 0.0854 -0.0796 0.0607  31  VAL G CG1 
548 C CG2 . VAL G 4  ? 0.2472 0.3370 0.3381 0.0886 -0.0835 0.0609  31  VAL G CG2 
549 N N   . TRP G 5  ? 0.2125 0.3112 0.3134 0.0872 -0.0734 0.0690  32  TRP G N   
550 C CA  . TRP G 5  ? 0.2151 0.3228 0.3146 0.0895 -0.0704 0.0740  32  TRP G CA  
551 C C   . TRP G 5  ? 0.2424 0.3506 0.3551 0.0852 -0.0685 0.0830  32  TRP G C   
552 O O   . TRP G 5  ? 0.2321 0.3366 0.3607 0.0814 -0.0706 0.0845  32  TRP G O   
553 C CB  . TRP G 5  ? 0.2025 0.3319 0.3014 0.0961 -0.0682 0.0763  32  TRP G CB  
554 C CG  . TRP G 5  ? 0.2041 0.3467 0.3174 0.0941 -0.0648 0.0880  32  TRP G CG  
555 C CD1 . TRP G 5  ? 0.2327 0.3941 0.3588 0.0942 -0.0601 0.1045  32  TRP G CD1 
556 C CD2 . TRP G 5  ? 0.1962 0.3352 0.3182 0.0915 -0.0663 0.0869  32  TRP G CD2 
557 N NE1 . TRP G 5  ? 0.2102 0.3785 0.3570 0.0907 -0.0590 0.1150  32  TRP G NE1 
558 C CE2 . TRP G 5  ? 0.2372 0.3921 0.3802 0.0895 -0.0628 0.1025  32  TRP G CE2 
559 C CE3 . TRP G 5  ? 0.2133 0.3391 0.3304 0.0907 -0.0705 0.0759  32  TRP G CE3 
560 C CZ2 . TRP G 5  ? 0.2195 0.3749 0.3794 0.0866 -0.0642 0.1047  32  TRP G CZ2 
561 C CZ3 . TRP G 5  ? 0.2290 0.3562 0.3581 0.0888 -0.0716 0.0770  32  TRP G CZ3 
562 C CH2 . TRP G 5  ? 0.2365 0.3777 0.3871 0.0868 -0.0686 0.0899  32  TRP G CH2 
563 N N   . GLY G 6  ? 0.1855 0.2996 0.2962 0.0868 -0.0663 0.0884  33  GLY G N   
564 C CA  . GLY G 6  ? 0.1723 0.2879 0.3013 0.0828 -0.0655 0.0995  33  GLY G CA  
565 C C   . GLY G 6  ? 0.2493 0.3579 0.3712 0.0827 -0.0660 0.0973  33  GLY G C   
566 O O   . GLY G 6  ? 0.2331 0.3451 0.3382 0.0875 -0.0649 0.0923  33  GLY G O   
567 N N   . SER G 7  ? 0.2291 0.3291 0.3684 0.0780 -0.0689 0.0996  34  SER G N   
568 C CA  . SER G 7  ? 0.2312 0.3245 0.3668 0.0775 -0.0697 0.0974  34  SER G CA  
569 C C   . SER G 7  ? 0.2950 0.3748 0.4439 0.0742 -0.0761 0.0873  34  SER G C   
570 O O   . SER G 7  ? 0.2769 0.3555 0.4471 0.0724 -0.0809 0.0848  34  SER G O   
571 C CB  . SER G 7  ? 0.2385 0.3462 0.3854 0.0785 -0.0667 0.1148  34  SER G CB  
572 O OG  . SER G 7  ? 0.3364 0.4496 0.5172 0.0744 -0.0686 0.1292  34  SER G OG  
573 N N   . ILE G 8  ? 0.2826 0.3551 0.4204 0.0747 -0.0771 0.0792  35  ILE G N   
574 C CA  . ILE G 8  ? 0.2954 0.3628 0.4440 0.0744 -0.0837 0.0665  35  ILE G CA  
575 C C   . ILE G 8  ? 0.3381 0.4033 0.5162 0.0721 -0.0888 0.0711  35  ILE G C   
576 O O   . ILE G 8  ? 0.3172 0.3825 0.4929 0.0713 -0.0858 0.0803  35  ILE G O   
577 C CB  . ILE G 8  ? 0.3246 0.3906 0.4504 0.0767 -0.0824 0.0575  35  ILE G CB  
578 C CG1 . ILE G 8  ? 0.3288 0.3978 0.4361 0.0784 -0.0792 0.0568  35  ILE G CG1 
579 C CG2 . ILE G 8  ? 0.3180 0.3874 0.4538 0.0793 -0.0892 0.0431  35  ILE G CG2 
580 C CD1 . ILE G 8  ? 0.3823 0.4509 0.4744 0.0793 -0.0767 0.0573  35  ILE G CD1 
581 N N   . LYS G 9  ? 0.3311 0.3955 0.5411 0.0717 -0.0978 0.0643  36  LYS G N   
582 C CA  . LYS G 9  ? 0.3444 0.4059 0.5957 0.0694 -0.1063 0.0676  36  LYS G CA  
583 C C   . LYS G 9  ? 0.3841 0.4413 0.6304 0.0709 -0.1090 0.0590  36  LYS G C   
584 O O   . LYS G 9  ? 0.3901 0.4493 0.6124 0.0752 -0.1090 0.0421  36  LYS G O   
585 C CB  . LYS G 9  ? 0.4040 0.4653 0.6963 0.0709 -0.1197 0.0537  36  LYS G CB  
586 C CG  . LYS G 9  ? 0.6830 0.7492 0.9653 0.0789 -0.1275 0.0232  36  LYS G CG  
587 C CD  . LYS G 9  ? 0.8093 0.8781 1.1413 0.0830 -0.1451 0.0039  36  LYS G CD  
588 C CE  . LYS G 9  ? 0.9253 1.0096 1.2434 0.0949 -0.1526 -0.0279 36  LYS G CE  
589 N NZ  . LYS G 9  ? 1.0397 1.1308 1.4064 0.1019 -0.1716 -0.0519 36  LYS G NZ  
590 N N   . GLY G 10 ? 0.3646 0.4195 0.6354 0.0677 -0.1108 0.0731  37  GLY G N   
591 C CA  . GLY G 10 ? 0.3705 0.4206 0.6438 0.0686 -0.1146 0.0666  37  GLY G CA  
592 C C   . GLY G 10 ? 0.4529 0.5037 0.6857 0.0692 -0.1038 0.0725  37  GLY G C   
593 O O   . GLY G 10 ? 0.4703 0.5176 0.7042 0.0697 -0.1060 0.0690  37  GLY G O   
594 N N   . LEU G 11 ? 0.4011 0.4566 0.6018 0.0699 -0.0937 0.0799  38  LEU G N   
595 C CA  . LEU G 11 ? 0.4019 0.4587 0.5698 0.0720 -0.0860 0.0822  38  LEU G CA  
596 C C   . LEU G 11 ? 0.3577 0.4267 0.5215 0.0734 -0.0796 0.1017  38  LEU G C   
597 O O   . LEU G 11 ? 0.3514 0.4303 0.5308 0.0725 -0.0785 0.1154  38  LEU G O   
598 C CB  . LEU G 11 ? 0.4006 0.4569 0.5403 0.0740 -0.0824 0.0710  38  LEU G CB  
599 C CG  . LEU G 11 ? 0.4570 0.5120 0.5937 0.0755 -0.0865 0.0543  38  LEU G CG  
600 C CD1 . LEU G 11 ? 0.4439 0.5027 0.5584 0.0771 -0.0823 0.0514  38  LEU G CD1 
601 C CD2 . LEU G 11 ? 0.4807 0.5335 0.6160 0.0762 -0.0882 0.0487  38  LEU G CD2 
602 O OXT . LEU G 11 ? 0.5087 0.5815 0.6542 0.0767 -0.0760 0.1028  38  LEU G OXT 
603 N N   . LYS H 1  ? 0.2984 0.3786 0.5362 0.0680 -0.0925 0.0906  28  LYS H N   
604 C CA  . LYS H 1  ? 0.2767 0.3581 0.5181 0.0692 -0.0954 0.0817  28  LYS H CA  
605 C C   . LYS H 1  ? 0.3024 0.3872 0.5033 0.0718 -0.0868 0.0812  28  LYS H C   
606 O O   . LYS H 1  ? 0.2737 0.3666 0.4604 0.0721 -0.0791 0.0946  28  LYS H O   
607 C CB  . LYS H 1  ? 0.3084 0.3965 0.5917 0.0655 -0.0979 0.0979  28  LYS H CB  
608 C CG  . LYS H 1  ? 0.4631 0.5533 0.7504 0.0667 -0.1002 0.0902  28  LYS H CG  
609 C CD  . LYS H 1  ? 0.6485 0.7401 0.9944 0.0634 -0.1099 0.0965  28  LYS H CD  
610 C CE  . LYS H 1  ? 0.8922 0.9870 1.2443 0.0646 -0.1120 0.0904  28  LYS H CE  
611 N NZ  . LYS H 1  ? 1.0502 1.1444 1.4679 0.0618 -0.1249 0.0921  28  LYS H NZ  
612 N N   . VAL H 2  ? 0.2504 0.3328 0.4357 0.0750 -0.0894 0.0654  29  VAL H N   
613 C CA  . VAL H 2  ? 0.2334 0.3177 0.3886 0.0771 -0.0838 0.0651  29  VAL H CA  
614 C C   . VAL H 2  ? 0.2727 0.3606 0.4342 0.0781 -0.0859 0.0616  29  VAL H C   
615 O O   . VAL H 2  ? 0.2683 0.3574 0.4336 0.0811 -0.0920 0.0485  29  VAL H O   
616 C CB  . VAL H 2  ? 0.2644 0.3461 0.3956 0.0797 -0.0832 0.0569  29  VAL H CB  
617 C CG1 . VAL H 2  ? 0.2520 0.3347 0.3635 0.0813 -0.0797 0.0590  29  VAL H CG1 
618 C CG2 . VAL H 2  ? 0.2554 0.3333 0.3818 0.0785 -0.0810 0.0605  29  VAL H CG2 
619 N N   . LYS H 3  ? 0.2008 0.2946 0.3628 0.0772 -0.0812 0.0725  30  LYS H N   
620 C CA  . LYS H 3  ? 0.2046 0.3027 0.3749 0.0778 -0.0826 0.0715  30  LYS H CA  
621 C C   . LYS H 3  ? 0.2355 0.3325 0.3805 0.0811 -0.0815 0.0642  30  LYS H C   
622 O O   . LYS H 3  ? 0.2192 0.3142 0.3443 0.0825 -0.0787 0.0645  30  LYS H O   
623 C CB  . LYS H 3  ? 0.2522 0.3634 0.4371 0.0763 -0.0776 0.0885  30  LYS H CB  
624 C CG  . LYS H 3  ? 0.3609 0.4762 0.5825 0.0722 -0.0795 0.1021  30  LYS H CG  
625 C CD  . LYS H 3  ? 0.5628 0.7009 0.7906 0.0726 -0.0714 0.1254  30  LYS H CD  
626 C CE  . LYS H 3  ? 0.6287 0.7761 0.9015 0.0680 -0.0728 0.1471  30  LYS H CE  
627 N NZ  . LYS H 3  ? 0.7059 0.8849 0.9898 0.0697 -0.0646 0.1730  30  LYS H NZ  
628 N N   . VAL H 4  ? 0.1899 0.2886 0.3405 0.0825 -0.0851 0.0576  31  VAL H N   
629 C CA  . VAL H 4  ? 0.1727 0.2716 0.3049 0.0857 -0.0856 0.0527  31  VAL H CA  
630 C C   . VAL H 4  ? 0.2347 0.3385 0.3769 0.0859 -0.0858 0.0536  31  VAL H C   
631 O O   . VAL H 4  ? 0.2433 0.3494 0.4085 0.0847 -0.0893 0.0520  31  VAL H O   
632 C CB  . VAL H 4  ? 0.2056 0.3071 0.3327 0.0895 -0.0906 0.0423  31  VAL H CB  
633 C CG1 . VAL H 4  ? 0.2001 0.3061 0.3137 0.0930 -0.0912 0.0421  31  VAL H CG1 
634 C CG2 . VAL H 4  ? 0.1915 0.2921 0.3097 0.0898 -0.0896 0.0425  31  VAL H CG2 
635 N N   . TRP H 5  ? 0.1927 0.2989 0.3225 0.0878 -0.0836 0.0554  32  TRP H N   
636 C CA  . TRP H 5  ? 0.2059 0.3191 0.3438 0.0887 -0.0836 0.0561  32  TRP H CA  
637 C C   . TRP H 5  ? 0.2193 0.3332 0.3442 0.0923 -0.0844 0.0528  32  TRP H C   
638 O O   . TRP H 5  ? 0.2042 0.3184 0.3202 0.0944 -0.0837 0.0530  32  TRP H O   
639 C CB  . TRP H 5  ? 0.2138 0.3401 0.3652 0.0875 -0.0783 0.0678  32  TRP H CB  
640 C CG  . TRP H 5  ? 0.2511 0.3905 0.4103 0.0893 -0.0771 0.0703  32  TRP H CG  
641 C CD1 . TRP H 5  ? 0.2887 0.4283 0.4664 0.0876 -0.0801 0.0690  32  TRP H CD1 
642 C CD2 . TRP H 5  ? 0.2642 0.4195 0.4128 0.0950 -0.0741 0.0708  32  TRP H CD2 
643 N NE1 . TRP H 5  ? 0.2984 0.4527 0.4771 0.0905 -0.0777 0.0716  32  TRP H NE1 
644 C CE2 . TRP H 5  ? 0.3202 0.4862 0.4807 0.0957 -0.0740 0.0723  32  TRP H CE2 
645 C CE3 . TRP H 5  ? 0.2917 0.4570 0.4253 0.1010 -0.0726 0.0683  32  TRP H CE3 
646 C CZ2 . TRP H 5  ? 0.3268 0.5142 0.4822 0.1025 -0.0720 0.0712  32  TRP H CZ2 
647 C CZ3 . TRP H 5  ? 0.3205 0.5082 0.4508 0.1090 -0.0721 0.0647  32  TRP H CZ3 
648 C CH2 . TRP H 5  ? 0.3297 0.5288 0.4695 0.1099 -0.0715 0.0661  32  TRP H CH2 
649 N N   . GLY H 6  ? 0.1738 0.2891 0.3025 0.0936 -0.0874 0.0485  33  GLY H N   
650 C CA  . GLY H 6  ? 0.1647 0.2814 0.2875 0.0972 -0.0897 0.0451  33  GLY H CA  
651 C C   . GLY H 6  ? 0.2353 0.3508 0.3607 0.0983 -0.0939 0.0408  33  GLY H C   
652 O O   . GLY H 6  ? 0.2262 0.3442 0.3614 0.0973 -0.0948 0.0383  33  GLY H O   
653 N N   . SER H 7  ? 0.2108 0.3235 0.3317 0.1010 -0.0980 0.0396  34  SER H N   
654 C CA  . SER H 7  ? 0.2245 0.3388 0.3466 0.1031 -0.1023 0.0373  34  SER H CA  
655 C C   . SER H 7  ? 0.2962 0.4079 0.4149 0.1048 -0.1062 0.0437  34  SER H C   
656 O O   . SER H 7  ? 0.2954 0.4016 0.4163 0.1040 -0.1071 0.0478  34  SER H O   
657 C CB  . SER H 7  ? 0.2674 0.3858 0.3964 0.1051 -0.1038 0.0325  34  SER H CB  
658 O OG  . SER H 7  ? 0.3802 0.4985 0.5110 0.1076 -0.1061 0.0306  34  SER H OG  
659 N N   . ILE H 8  ? 0.2690 0.3883 0.3854 0.1078 -0.1089 0.0462  35  ILE H N   
660 C CA  . ILE H 8  ? 0.2797 0.4038 0.3972 0.1097 -0.1119 0.0591  35  ILE H CA  
661 C C   . ILE H 8  ? 0.3287 0.4464 0.4599 0.1101 -0.1179 0.0620  35  ILE H C   
662 O O   . ILE H 8  ? 0.3077 0.4277 0.4412 0.1123 -0.1205 0.0561  35  ILE H O   
663 C CB  . ILE H 8  ? 0.3165 0.4611 0.4261 0.1156 -0.1127 0.0621  35  ILE H CB  
664 C CG1 . ILE H 8  ? 0.3179 0.4700 0.4189 0.1171 -0.1096 0.0538  35  ILE H CG1 
665 C CG2 . ILE H 8  ? 0.3293 0.4864 0.4430 0.1182 -0.1147 0.0828  35  ILE H CG2 
666 C CD1 . ILE H 8  ? 0.3734 0.5519 0.4678 0.1266 -0.1125 0.0482  35  ILE H CD1 
667 N N   . LYS H 9  ? 0.3053 0.4154 0.4504 0.1086 -0.1216 0.0698  36  LYS H N   
668 C CA  . LYS H 9  ? 0.3211 0.4250 0.4891 0.1099 -0.1308 0.0706  36  LYS H CA  
669 C C   . LYS H 9  ? 0.3657 0.4792 0.5395 0.1125 -0.1347 0.0824  36  LYS H C   
670 O O   . LYS H 9  ? 0.3648 0.4937 0.5303 0.1139 -0.1313 0.0971  36  LYS H O   
671 C CB  . LYS H 9  ? 0.3758 0.4714 0.5672 0.1084 -0.1371 0.0785  36  LYS H CB  
672 C CG  . LYS H 9  ? 0.6132 0.7168 0.8116 0.1063 -0.1358 0.1030  36  LYS H CG  
673 C CD  . LYS H 9  ? 0.7065 0.8006 0.9415 0.1044 -0.1453 0.1120  36  LYS H CD  
674 C CE  . LYS H 9  ? 0.7362 0.8429 0.9824 0.1020 -0.1430 0.1415  36  LYS H CE  
675 N NZ  . LYS H 9  ? 0.8227 0.9197 1.1165 0.0996 -0.1546 0.1535  36  LYS H NZ  
676 N N   . GLY H 10 ? 0.3239 0.4329 0.5111 0.1145 -0.1418 0.0751  37  GLY H N   
677 C CA  . GLY H 10 ? 0.3297 0.4471 0.5262 0.1174 -0.1468 0.0862  37  GLY H CA  
678 C C   . GLY H 10 ? 0.4049 0.5348 0.5790 0.1207 -0.1420 0.0798  37  GLY H C   
679 O O   . GLY H 10 ? 0.4174 0.5562 0.5972 0.1243 -0.1464 0.0864  37  GLY H O   
680 N N   . LEU H 11 ? 0.3639 0.4957 0.5170 0.1202 -0.1342 0.0669  38  LEU H N   
681 C CA  . LEU H 11 ? 0.3536 0.4973 0.4935 0.1241 -0.1323 0.0576  38  LEU H CA  
682 C C   . LEU H 11 ? 0.3011 0.4363 0.4418 0.1223 -0.1310 0.0394  38  LEU H C   
683 O O   . LEU H 11 ? 0.3334 0.4584 0.4786 0.1190 -0.1295 0.0345  38  LEU H O   
684 C CB  . LEU H 11 ? 0.3469 0.5050 0.4718 0.1267 -0.1275 0.0577  38  LEU H CB  
685 C CG  . LEU H 11 ? 0.3924 0.5683 0.5148 0.1299 -0.1270 0.0782  38  LEU H CG  
686 C CD1 . LEU H 11 ? 0.3788 0.5753 0.4857 0.1356 -0.1236 0.0720  38  LEU H CD1 
687 C CD2 . LEU H 11 ? 0.3987 0.5926 0.5283 0.1357 -0.1318 0.0947  38  LEU H CD2 
688 O OXT . LEU H 11 ? 0.3578 0.5003 0.4963 0.1254 -0.1319 0.0308  38  LEU H OXT 
689 O O   . HOH I .  ? 0.3485 0.3557 0.4966 0.0970 -0.1188 -0.0239 101 HOH A O   
690 O O   . HOH I .  ? 0.4871 0.7932 0.5578 0.1472 -0.0902 -0.0156 102 HOH A O   
691 O O   . HOH I .  ? 0.6269 1.4171 0.6134 0.3665 -0.0847 0.2557  103 HOH A O   
692 O O   . HOH I .  ? 0.4153 1.2916 0.3536 0.4115 -0.0908 0.1899  104 HOH A O   
693 O O   . HOH J .  ? 0.2813 0.4448 0.3676 0.0902 -0.0651 0.1057  101 HOH B O   
694 O O   . HOH J .  ? 0.4782 0.7165 0.5908 0.0974 -0.0597 0.1691  102 HOH B O   
695 O O   . HOH K .  ? 0.3327 0.3692 0.4245 0.1021 -0.0936 0.0281  101 HOH C O   
696 O O   . HOH K .  ? 0.7009 0.7571 0.8526 0.1099 -0.1111 0.0795  102 HOH C O   
697 O O   . HOH K .  ? 0.5341 0.5909 0.6214 0.1271 -0.1057 0.0043  103 HOH C O   
698 O O   . HOH K .  ? 0.4941 0.7015 0.6485 0.0874 -0.0670 0.1948  104 HOH C O   
699 O O   . HOH K .  ? 0.6701 0.7368 0.7516 0.1264 -0.1006 0.0088  105 HOH C O   
700 O O   . HOH K .  ? 0.5238 0.5965 0.7450 0.0724 -0.0961 0.1339  106 HOH C O   
701 O O   . HOH K .  ? 0.6738 0.7693 0.9994 0.0604 -0.0956 0.1762  107 HOH C O   
702 O O   . HOH L .  ? 0.3334 0.4291 0.4711 0.0837 -0.0892 0.1182  101 HOH D O   
703 O O   . HOH L .  ? 0.6537 0.8113 0.7106 0.1428 -0.0826 0.0695  102 HOH D O   
704 O O   . HOH L .  ? 0.3357 0.3902 0.5652 0.1189 -0.1434 0.0034  103 HOH D O   
705 O O   . HOH L .  ? 0.6417 0.7244 0.7515 0.1205 -0.1030 0.0128  104 HOH D O   
706 O O   . HOH M .  ? 0.2855 0.3752 0.3676 0.1009 -0.0740 0.0818  101 HOH E O   
707 O O   . HOH M .  ? 0.5158 0.6697 0.5870 0.1282 -0.0741 0.0991  102 HOH E O   
708 O O   . HOH M .  ? 0.7633 0.9335 0.8184 0.1344 -0.0729 0.0653  103 HOH E O   
709 O O   . HOH M .  ? 0.5336 0.6837 0.6574 0.1084 -0.0700 0.1500  104 HOH E O   
710 O O   . HOH N .  ? 0.3231 0.4118 0.4576 0.0978 -0.1078 0.0721  101 HOH F O   
711 O O   . HOH N .  ? 0.3917 0.4672 0.5438 0.1105 -0.1155 0.0276  102 HOH F O   
712 O O   . HOH N .  ? 0.6000 0.7528 0.7640 0.0904 -0.0624 0.1706  103 HOH F O   
713 O O   . HOH N .  ? 0.3094 0.5695 0.4193 0.1211 -0.0448 0.1532  104 HOH F O   
714 O O   . HOH O .  ? 0.2861 0.3698 0.4380 0.0751 -0.0731 0.1065  101 HOH G O   
715 O O   . HOH O .  ? 0.5190 0.6112 0.7011 0.1147 -0.1362 0.0326  102 HOH G O   
716 O O   . HOH O .  ? 0.5792 0.6548 0.8443 0.0643 -0.0930 0.1306  103 HOH G O   
717 O O   . HOH O .  ? 0.6053 0.7426 0.7266 0.1121 -0.0955 0.0310  104 HOH G O   
718 O O   . HOH P .  ? 0.3063 0.4284 0.4386 0.1130 -0.1180 0.0331  101 HOH H O   
719 O O   . HOH P .  ? 0.3185 0.4556 0.4316 0.1065 -0.0855 0.0443  102 HOH H O   
720 O O   . HOH P .  ? 0.5816 0.7490 0.7940 0.0903 -0.0813 0.0706  103 HOH H O   
721 O O   . HOH P .  ? 0.6379 0.7737 0.8503 0.0730 -0.0670 0.1413  104 HOH H O   
722 O O   . HOH P .  ? 0.5103 0.6274 0.7469 0.0763 -0.0898 0.0759  105 HOH H O   
# 
